data_2I94
#
_entry.id   2I94
#
_cell.length_a   1.000
_cell.length_b   1.000
_cell.length_c   1.000
_cell.angle_alpha   90.00
_cell.angle_beta   90.00
_cell.angle_gamma   90.00
#
_symmetry.space_group_name_H-M   'P 1'
#
loop_
_entity.id
_entity.type
_entity.pdbx_description
1 polymer Recoverin
2 polymer 'Rhodopsin kinase'
3 non-polymer 'CALCIUM ION'
#
loop_
_entity_poly.entity_id
_entity_poly.type
_entity_poly.pdbx_seq_one_letter_code
_entity_poly.pdbx_strand_id
1 'polypeptide(L)'
;MGNSKSGALSKEILEELQLNTKFTEEELSSWYQSFLKECPSGRITRQEFQTIYSKFFPEADPKAYAQHVFRSFDANSDGT
LDFKEYVIALHMTSAGKTNQKLEWAFSLYDVDGNGTISKNEVLEIVTAIFKMISPEDTKHLPEDENTPEKRAEKIWGFFG
KKDDDKLTEKEFIEGTLANKEILRLIQFEPQKVKEKLKEKKL
;
A
2 'polypeptide(L)' MDFGSLETVVANSAFIAARGSFDAS B
#
# COMPACT_ATOMS: atom_id res chain seq x y z
N ALA A 8 12.10 0.24 24.36
CA ALA A 8 10.66 0.21 24.02
C ALA A 8 10.46 0.33 22.51
N LEU A 9 9.36 -0.19 22.04
CA LEU A 9 9.08 -0.12 20.59
C LEU A 9 8.91 1.32 20.14
N SER A 10 7.75 1.87 20.42
CA SER A 10 7.45 3.28 20.03
C SER A 10 8.71 4.14 20.03
N LYS A 11 9.54 3.97 21.02
CA LYS A 11 10.78 4.77 21.06
C LYS A 11 11.54 4.59 19.77
N GLU A 12 11.76 3.35 19.39
CA GLU A 12 12.51 3.09 18.14
C GLU A 12 11.74 3.72 16.97
N ILE A 13 10.50 3.37 16.88
CA ILE A 13 9.67 3.91 15.79
C ILE A 13 9.67 5.42 15.85
N LEU A 14 9.52 5.95 17.02
CA LEU A 14 9.51 7.40 17.10
C LEU A 14 10.75 7.89 16.42
N GLU A 15 11.82 7.15 16.64
CA GLU A 15 13.09 7.53 16.01
C GLU A 15 12.87 7.62 14.53
N GLU A 16 12.03 6.74 14.04
CA GLU A 16 11.74 6.78 12.60
C GLU A 16 11.25 8.18 12.28
N LEU A 17 10.71 8.83 13.31
CA LEU A 17 10.20 10.23 13.13
C LEU A 17 9.16 10.38 12.01
N GLN A 18 9.01 11.61 11.58
CA GLN A 18 8.04 11.95 10.49
C GLN A 18 7.73 10.79 9.56
N LEU A 19 8.73 10.01 9.23
CA LEU A 19 8.47 8.87 8.32
C LEU A 19 7.21 8.14 8.75
N ASN A 20 6.81 8.38 9.98
CA ASN A 20 5.59 7.72 10.50
C ASN A 20 5.31 8.20 11.92
N THR A 21 5.60 9.45 12.18
CA THR A 21 5.34 9.98 13.54
C THR A 21 3.98 9.52 14.05
N LYS A 22 2.99 9.68 13.24
CA LYS A 22 1.63 9.25 13.65
C LYS A 22 1.13 10.06 14.84
N PHE A 23 0.02 9.64 15.39
CA PHE A 23 -0.55 10.36 16.55
C PHE A 23 0.41 10.28 17.72
N THR A 24 -0.08 10.49 18.90
CA THR A 24 0.83 10.41 20.06
C THR A 24 1.64 9.14 19.94
N GLU A 25 2.84 9.29 19.44
CA GLU A 25 3.72 8.10 19.27
C GLU A 25 3.57 7.13 20.43
N GLU A 26 3.14 7.61 21.56
CA GLU A 26 2.98 6.70 22.71
C GLU A 26 1.88 5.68 22.40
N GLU A 27 1.01 6.06 21.50
CA GLU A 27 -0.09 5.16 21.13
C GLU A 27 0.47 3.92 20.46
N LEU A 28 1.59 4.09 19.81
CA LEU A 28 2.21 2.93 19.14
C LEU A 28 2.68 1.92 20.17
N SER A 29 2.99 2.41 21.34
CA SER A 29 3.45 1.50 22.41
C SER A 29 2.28 0.66 22.88
N SER A 30 1.21 1.31 23.26
CA SER A 30 0.04 0.54 23.73
C SER A 30 -0.37 -0.43 22.63
N TRP A 31 -0.31 0.04 21.41
CA TRP A 31 -0.68 -0.84 20.27
C TRP A 31 0.17 -2.09 20.33
N TYR A 32 1.45 -1.89 20.27
CA TYR A 32 2.38 -3.04 20.32
C TYR A 32 1.97 -4.04 21.39
N GLN A 33 1.83 -3.59 22.60
CA GLN A 33 1.43 -4.51 23.68
C GLN A 33 0.15 -5.24 23.30
N SER A 34 -0.74 -4.54 22.65
CA SER A 34 -2.01 -5.19 22.26
C SER A 34 -1.76 -6.15 21.12
N PHE A 35 -1.16 -5.66 20.06
CA PHE A 35 -0.89 -6.53 18.91
C PHE A 35 0.02 -7.68 19.35
N LEU A 36 0.90 -7.39 20.29
CA LEU A 36 1.82 -8.43 20.78
C LEU A 36 1.08 -9.52 21.48
N LYS A 37 0.32 -9.14 22.47
CA LYS A 37 -0.44 -10.16 23.19
C LYS A 37 -1.43 -10.85 22.27
N GLU A 38 -1.96 -10.10 21.33
CA GLU A 38 -2.93 -10.70 20.38
C GLU A 38 -2.24 -11.70 19.46
N CYS A 39 -0.95 -11.63 19.42
CA CYS A 39 -0.19 -12.57 18.56
C CYS A 39 1.28 -12.61 18.95
N PRO A 40 1.61 -13.43 19.93
CA PRO A 40 2.98 -13.55 20.40
C PRO A 40 3.90 -14.09 19.30
N SER A 41 3.40 -14.11 18.09
CA SER A 41 4.23 -14.61 16.97
C SER A 41 5.48 -13.76 16.80
N GLY A 42 5.34 -12.48 17.08
CA GLY A 42 6.51 -11.59 16.94
C GLY A 42 6.77 -11.26 15.46
N ARG A 43 6.98 -12.29 14.68
CA ARG A 43 7.25 -12.08 13.24
C ARG A 43 5.99 -12.35 12.41
N ILE A 44 5.38 -11.32 11.91
CA ILE A 44 4.15 -11.51 11.10
C ILE A 44 4.52 -11.89 9.67
N THR A 45 4.15 -13.08 9.28
CA THR A 45 4.46 -13.54 7.91
C THR A 45 3.40 -13.07 6.93
N ARG A 46 3.75 -13.06 5.68
CA ARG A 46 2.78 -12.61 4.64
C ARG A 46 1.52 -13.45 4.68
N GLN A 47 1.67 -14.71 4.97
CA GLN A 47 0.49 -15.58 5.03
C GLN A 47 -0.51 -15.07 6.07
N GLU A 48 -0.03 -14.86 7.26
CA GLU A 48 -0.96 -14.37 8.30
C GLU A 48 -1.55 -13.04 7.90
N PHE A 49 -0.71 -12.11 7.53
CA PHE A 49 -1.25 -10.80 7.12
C PHE A 49 -2.36 -11.03 6.10
N GLN A 50 -2.11 -11.90 5.16
CA GLN A 50 -3.15 -12.15 4.14
C GLN A 50 -4.40 -12.64 4.85
N THR A 51 -4.23 -13.15 6.06
CA THR A 51 -5.42 -13.65 6.78
C THR A 51 -6.24 -12.47 7.25
N ILE A 52 -5.55 -11.41 7.59
CA ILE A 52 -6.27 -10.20 8.05
C ILE A 52 -7.16 -9.66 6.95
N TYR A 53 -6.58 -9.48 5.80
CA TYR A 53 -7.38 -8.97 4.67
C TYR A 53 -8.38 -9.99 4.17
N SER A 54 -8.14 -11.23 4.47
CA SER A 54 -9.07 -12.28 4.02
C SER A 54 -10.18 -12.48 5.05
N LYS A 55 -10.02 -11.87 6.21
CA LYS A 55 -11.06 -12.01 7.27
C LYS A 55 -12.01 -10.82 7.29
N PHE A 56 -11.54 -9.66 6.88
CA PHE A 56 -12.44 -8.46 6.89
C PHE A 56 -12.94 -8.10 5.49
N PHE A 57 -12.22 -7.19 4.84
CA PHE A 57 -12.59 -6.72 3.43
C PHE A 57 -13.74 -7.53 2.83
N PRO A 58 -14.93 -7.21 3.28
CA PRO A 58 -16.14 -7.86 2.82
C PRO A 58 -16.56 -7.32 1.47
N GLU A 59 -16.16 -6.11 1.20
CA GLU A 59 -16.51 -5.48 -0.10
C GLU A 59 -15.94 -6.28 -1.25
N ALA A 60 -14.71 -6.69 -1.12
CA ALA A 60 -14.08 -7.47 -2.21
C ALA A 60 -13.11 -8.50 -1.67
N ASP A 61 -12.13 -8.83 -2.48
CA ASP A 61 -11.12 -9.83 -2.07
C ASP A 61 -9.71 -9.33 -2.43
N PRO A 62 -9.32 -8.27 -1.77
CA PRO A 62 -8.00 -7.67 -1.99
C PRO A 62 -6.88 -8.63 -1.61
N LYS A 63 -7.14 -9.90 -1.76
CA LYS A 63 -6.10 -10.90 -1.41
C LYS A 63 -4.76 -10.52 -2.02
N ALA A 64 -4.70 -10.52 -3.33
CA ALA A 64 -3.42 -10.16 -3.99
C ALA A 64 -2.89 -8.83 -3.49
N TYR A 65 -3.79 -7.91 -3.25
CA TYR A 65 -3.36 -6.58 -2.76
C TYR A 65 -2.74 -6.70 -1.37
N ALA A 66 -3.36 -7.47 -0.52
CA ALA A 66 -2.82 -7.62 0.85
C ALA A 66 -1.40 -8.19 0.80
N GLN A 67 -1.18 -9.09 -0.11
CA GLN A 67 0.17 -9.66 -0.19
C GLN A 67 1.12 -8.68 -0.86
N HIS A 68 0.57 -7.79 -1.65
CA HIS A 68 1.43 -6.80 -2.33
C HIS A 68 1.93 -5.79 -1.30
N VAL A 69 1.03 -5.31 -0.47
CA VAL A 69 1.45 -4.34 0.56
C VAL A 69 2.51 -4.96 1.46
N PHE A 70 2.29 -6.18 1.81
CA PHE A 70 3.26 -6.88 2.69
C PHE A 70 4.65 -6.81 2.08
N ARG A 71 4.72 -7.02 0.80
CA ARG A 71 6.04 -6.97 0.13
C ARG A 71 6.53 -5.53 0.06
N SER A 72 5.61 -4.60 0.19
CA SER A 72 6.03 -3.18 0.13
C SER A 72 6.92 -2.81 1.31
N PHE A 73 6.53 -3.22 2.53
CA PHE A 73 7.41 -2.87 3.72
C PHE A 73 8.06 -4.10 4.34
N ASP A 74 7.87 -5.26 3.75
CA ASP A 74 8.52 -6.46 4.35
C ASP A 74 9.89 -6.59 3.78
N ALA A 75 9.94 -6.57 2.50
CA ALA A 75 11.24 -6.69 1.82
C ALA A 75 12.03 -5.42 2.07
N ASN A 76 11.54 -4.67 3.01
CA ASN A 76 12.19 -3.41 3.36
C ASN A 76 13.53 -3.68 4.05
N SER A 77 14.25 -4.64 3.51
CA SER A 77 15.56 -4.98 4.10
C SER A 77 15.41 -5.45 5.53
N ASP A 78 14.91 -6.64 5.69
CA ASP A 78 14.73 -7.18 7.06
C ASP A 78 14.46 -8.68 7.01
N GLY A 79 13.28 -9.05 6.59
CA GLY A 79 12.95 -10.51 6.52
C GLY A 79 11.46 -10.77 6.82
N THR A 80 10.98 -10.21 7.91
CA THR A 80 9.55 -10.41 8.28
C THR A 80 8.89 -9.12 8.70
N LEU A 81 7.59 -9.11 8.69
CA LEU A 81 6.88 -7.89 9.09
C LEU A 81 6.70 -7.81 10.60
N ASP A 82 7.53 -7.01 11.23
CA ASP A 82 7.41 -6.87 12.70
C ASP A 82 6.36 -5.83 13.01
N PHE A 83 5.85 -5.82 14.21
CA PHE A 83 4.82 -4.81 14.52
C PHE A 83 5.26 -3.42 14.05
N LYS A 84 6.50 -3.09 14.31
CA LYS A 84 6.98 -1.77 13.88
C LYS A 84 6.61 -1.51 12.43
N GLU A 85 6.97 -2.45 11.59
CA GLU A 85 6.65 -2.28 10.16
C GLU A 85 5.13 -2.23 9.96
N TYR A 86 4.41 -2.84 10.88
CA TYR A 86 2.94 -2.84 10.78
C TYR A 86 2.39 -1.42 10.95
N VAL A 87 2.91 -0.71 11.91
CA VAL A 87 2.43 0.68 12.13
C VAL A 87 2.73 1.53 10.90
N ILE A 88 3.91 1.36 10.36
CA ILE A 88 4.28 2.15 9.16
C ILE A 88 3.30 1.88 8.02
N ALA A 89 2.80 0.66 7.97
CA ALA A 89 1.84 0.32 6.88
C ALA A 89 0.50 0.97 7.16
N LEU A 90 0.07 0.85 8.39
CA LEU A 90 -1.22 1.44 8.77
C LEU A 90 -1.16 2.95 8.61
N HIS A 91 0.04 3.46 8.60
CA HIS A 91 0.22 4.93 8.45
C HIS A 91 0.03 5.35 6.99
N MET A 92 0.64 4.62 6.10
CA MET A 92 0.50 4.99 4.67
C MET A 92 -0.89 4.63 4.15
N THR A 93 -1.43 3.57 4.66
CA THR A 93 -2.79 3.15 4.21
C THR A 93 -3.72 4.36 4.10
N SER A 94 -3.59 5.26 5.03
CA SER A 94 -4.46 6.46 4.99
C SER A 94 -4.10 7.40 6.13
N ALA A 95 -3.20 8.31 5.86
CA ALA A 95 -2.80 9.26 6.92
C ALA A 95 -2.01 10.43 6.32
N GLY A 96 -0.97 10.13 5.62
CA GLY A 96 -0.15 11.21 5.01
C GLY A 96 -1.01 12.11 4.12
N LYS A 97 -0.66 13.36 4.06
CA LYS A 97 -1.43 14.30 3.23
C LYS A 97 -0.63 15.59 3.00
N THR A 98 0.41 15.76 3.78
CA THR A 98 1.24 16.98 3.63
C THR A 98 2.72 16.62 3.77
N ASN A 99 2.98 15.53 4.43
CA ASN A 99 4.40 15.11 4.61
C ASN A 99 4.89 14.39 3.36
N GLN A 100 6.12 13.92 3.41
CA GLN A 100 6.68 13.21 2.24
C GLN A 100 6.45 11.70 2.36
N LYS A 101 5.88 11.12 1.35
CA LYS A 101 5.62 9.66 1.39
C LYS A 101 5.72 9.05 -0.01
N LEU A 102 5.63 9.90 -1.01
CA LEU A 102 5.72 9.39 -2.40
C LEU A 102 6.86 8.38 -2.54
N GLU A 103 7.99 8.70 -1.99
CA GLU A 103 9.14 7.77 -2.08
C GLU A 103 8.67 6.35 -1.76
N TRP A 104 7.82 6.24 -0.77
CA TRP A 104 7.33 4.89 -0.39
C TRP A 104 6.39 4.37 -1.47
N ALA A 105 5.69 5.27 -2.09
CA ALA A 105 4.75 4.86 -3.16
C ALA A 105 5.51 4.22 -4.30
N PHE A 106 6.71 4.68 -4.52
CA PHE A 106 7.52 4.11 -5.62
C PHE A 106 7.84 2.63 -5.36
N SER A 107 7.64 2.21 -4.13
CA SER A 107 7.93 0.80 -3.79
C SER A 107 6.68 -0.06 -3.92
N LEU A 108 5.65 0.29 -3.22
CA LEU A 108 4.41 -0.52 -3.31
C LEU A 108 4.05 -0.69 -4.79
N TYR A 109 4.23 0.35 -5.54
CA TYR A 109 3.89 0.26 -6.99
C TYR A 109 5.00 -0.51 -7.71
N ASP A 110 5.82 -1.17 -6.94
CA ASP A 110 6.92 -1.93 -7.54
C ASP A 110 7.29 -3.14 -6.68
N VAL A 111 6.89 -4.30 -7.12
CA VAL A 111 7.20 -5.54 -6.35
C VAL A 111 8.54 -6.15 -6.76
N ASP A 112 8.85 -6.09 -8.03
CA ASP A 112 10.14 -6.66 -8.52
C ASP A 112 11.27 -6.35 -7.56
N GLY A 113 11.52 -5.09 -7.41
CA GLY A 113 12.59 -4.63 -6.51
C GLY A 113 12.58 -3.13 -6.59
N ASN A 114 13.47 -2.59 -7.37
CA ASN A 114 13.50 -1.14 -7.50
C ASN A 114 14.58 -0.67 -8.45
N GLY A 115 14.17 0.19 -9.30
CA GLY A 115 15.07 0.77 -10.31
C GLY A 115 14.23 1.70 -11.17
N THR A 116 13.15 1.14 -11.66
CA THR A 116 12.22 1.87 -12.51
C THR A 116 10.88 1.14 -12.51
N ILE A 117 9.83 1.85 -12.82
CA ILE A 117 8.50 1.18 -12.84
C ILE A 117 8.14 0.79 -14.26
N SER A 118 8.15 -0.50 -14.52
CA SER A 118 7.81 -0.98 -15.87
C SER A 118 6.34 -1.37 -15.97
N LYS A 119 5.85 -1.41 -17.18
CA LYS A 119 4.43 -1.78 -17.38
C LYS A 119 4.10 -3.09 -16.69
N ASN A 120 5.07 -3.95 -16.61
CA ASN A 120 4.82 -5.25 -15.94
C ASN A 120 4.65 -5.07 -14.44
N GLU A 121 5.39 -4.15 -13.89
CA GLU A 121 5.29 -3.91 -12.43
C GLU A 121 3.90 -3.39 -12.07
N VAL A 122 3.50 -2.33 -12.73
CA VAL A 122 2.17 -1.79 -12.41
C VAL A 122 1.11 -2.81 -12.75
N LEU A 123 1.29 -3.48 -13.85
CA LEU A 123 0.31 -4.51 -14.25
C LEU A 123 -0.03 -5.40 -13.08
N GLU A 124 0.97 -5.77 -12.32
CA GLU A 124 0.70 -6.64 -11.15
C GLU A 124 -0.18 -5.93 -10.15
N ILE A 125 0.23 -4.76 -9.75
CA ILE A 125 -0.60 -4.02 -8.77
C ILE A 125 -1.96 -3.71 -9.37
N VAL A 126 -2.00 -3.50 -10.66
CA VAL A 126 -3.30 -3.20 -11.29
C VAL A 126 -4.19 -4.42 -11.23
N THR A 127 -3.64 -5.55 -11.60
CA THR A 127 -4.45 -6.79 -11.57
C THR A 127 -4.93 -7.06 -10.16
N ALA A 128 -4.02 -6.99 -9.23
CA ALA A 128 -4.41 -7.23 -7.83
C ALA A 128 -5.53 -6.28 -7.45
N ILE A 129 -5.34 -5.03 -7.76
CA ILE A 129 -6.39 -4.04 -7.42
C ILE A 129 -7.71 -4.47 -8.03
N PHE A 130 -7.69 -4.82 -9.29
CA PHE A 130 -8.94 -5.25 -9.96
C PHE A 130 -9.73 -6.16 -9.04
N LYS A 131 -9.06 -7.14 -8.48
CA LYS A 131 -9.78 -8.07 -7.57
C LYS A 131 -10.45 -7.28 -6.46
N MET A 132 -9.72 -6.35 -5.91
CA MET A 132 -10.30 -5.53 -4.81
C MET A 132 -11.57 -4.83 -5.30
N ILE A 133 -11.69 -4.69 -6.60
CA ILE A 133 -12.89 -4.02 -7.15
C ILE A 133 -13.98 -5.04 -7.44
N SER A 134 -14.93 -5.16 -6.55
CA SER A 134 -16.02 -6.13 -6.76
C SER A 134 -16.75 -5.85 -8.07
N PRO A 135 -17.51 -6.82 -8.52
CA PRO A 135 -18.27 -6.72 -9.76
C PRO A 135 -19.22 -5.53 -9.74
N GLU A 136 -19.86 -5.34 -8.62
CA GLU A 136 -20.81 -4.20 -8.50
C GLU A 136 -20.26 -2.94 -9.16
N ASP A 137 -19.12 -2.50 -8.70
CA ASP A 137 -18.52 -1.29 -9.28
C ASP A 137 -17.96 -1.58 -10.67
N THR A 138 -17.23 -2.65 -10.79
CA THR A 138 -16.65 -3.00 -12.11
C THR A 138 -17.70 -2.93 -13.20
N LYS A 139 -18.87 -3.45 -12.91
CA LYS A 139 -19.95 -3.42 -13.92
C LYS A 139 -20.30 -2.00 -14.32
N HIS A 140 -19.99 -1.07 -13.45
CA HIS A 140 -20.30 0.35 -13.76
C HIS A 140 -19.10 1.04 -14.41
N LEU A 141 -18.38 0.31 -15.22
CA LEU A 141 -17.19 0.91 -15.89
C LEU A 141 -17.53 1.33 -17.33
N PRO A 142 -16.99 2.46 -17.76
CA PRO A 142 -17.24 2.95 -19.12
C PRO A 142 -16.76 1.95 -20.17
N GLU A 143 -16.60 2.43 -21.38
CA GLU A 143 -16.14 1.54 -22.47
C GLU A 143 -14.63 1.68 -22.68
N ASP A 144 -14.06 0.74 -23.39
CA ASP A 144 -12.60 0.82 -23.64
C ASP A 144 -11.83 0.93 -22.33
N GLU A 145 -12.35 0.34 -21.30
CA GLU A 145 -11.67 0.41 -19.99
C GLU A 145 -12.35 -0.50 -18.98
N ASN A 146 -12.15 -1.78 -19.14
CA ASN A 146 -12.79 -2.74 -18.20
C ASN A 146 -11.85 -3.91 -17.87
N THR A 147 -10.57 -3.72 -18.11
CA THR A 147 -9.62 -4.82 -17.80
C THR A 147 -8.26 -4.26 -17.37
N PRO A 148 -7.56 -5.01 -16.53
CA PRO A 148 -6.26 -4.58 -16.04
C PRO A 148 -5.33 -4.22 -17.20
N GLU A 149 -5.58 -4.82 -18.33
CA GLU A 149 -4.72 -4.53 -19.51
C GLU A 149 -5.15 -3.22 -20.15
N LYS A 150 -6.41 -2.92 -20.07
CA LYS A 150 -6.89 -1.66 -20.68
C LYS A 150 -6.59 -0.49 -19.76
N ARG A 151 -6.69 -0.73 -18.47
CA ARG A 151 -6.41 0.37 -17.53
C ARG A 151 -4.91 0.55 -17.42
N ALA A 152 -4.20 -0.55 -17.46
CA ALA A 152 -2.73 -0.45 -17.36
C ALA A 152 -2.22 0.52 -18.40
N GLU A 153 -2.94 0.63 -19.49
CA GLU A 153 -2.52 1.55 -20.55
C GLU A 153 -2.90 2.98 -20.19
N LYS A 154 -3.82 3.11 -19.26
CA LYS A 154 -4.24 4.48 -18.86
C LYS A 154 -3.22 5.08 -17.90
N ILE A 155 -2.66 4.26 -17.06
CA ILE A 155 -1.66 4.76 -16.11
C ILE A 155 -0.32 4.93 -16.81
N TRP A 156 0.04 3.93 -17.56
CA TRP A 156 1.33 3.98 -18.27
C TRP A 156 1.31 5.12 -19.28
N GLY A 157 0.14 5.36 -19.84
CA GLY A 157 0.02 6.45 -20.83
C GLY A 157 -0.08 7.80 -20.12
N PHE A 158 -0.53 7.76 -18.89
CA PHE A 158 -0.66 9.02 -18.11
C PHE A 158 0.71 9.63 -17.88
N PHE A 159 1.72 8.80 -17.90
CA PHE A 159 3.09 9.30 -17.67
C PHE A 159 3.75 9.67 -19.00
N GLY A 160 3.54 8.85 -20.00
CA GLY A 160 4.16 9.14 -21.32
C GLY A 160 5.49 8.39 -21.46
N LYS A 161 5.43 7.10 -21.34
CA LYS A 161 6.66 6.28 -21.45
C LYS A 161 6.42 5.08 -22.37
N LYS A 162 6.92 5.15 -23.57
CA LYS A 162 6.72 4.02 -24.51
C LYS A 162 7.35 2.74 -23.98
N ASP A 163 7.57 1.80 -24.86
CA ASP A 163 8.18 0.52 -24.42
C ASP A 163 9.55 0.78 -23.82
N ASP A 164 10.44 1.27 -24.62
CA ASP A 164 11.80 1.55 -24.12
C ASP A 164 11.80 2.77 -23.22
N ASP A 165 10.95 2.76 -22.23
CA ASP A 165 10.88 3.92 -21.31
C ASP A 165 10.41 3.46 -19.93
N LYS A 166 11.36 3.20 -19.09
CA LYS A 166 11.00 2.75 -17.72
C LYS A 166 10.84 3.97 -16.82
N LEU A 167 9.67 4.11 -16.23
CA LEU A 167 9.47 5.27 -15.33
C LEU A 167 10.43 5.19 -14.15
N THR A 168 11.21 6.21 -14.01
CA THR A 168 12.20 6.23 -12.90
C THR A 168 11.64 6.88 -11.64
N GLU A 169 12.30 6.62 -10.54
CA GLU A 169 11.86 7.17 -9.23
C GLU A 169 11.69 8.70 -9.27
N LYS A 170 12.54 9.37 -10.00
CA LYS A 170 12.40 10.85 -10.04
C LYS A 170 11.16 11.27 -10.82
N GLU A 171 11.18 11.07 -12.10
CA GLU A 171 10.01 11.45 -12.91
C GLU A 171 8.72 10.96 -12.26
N PHE A 172 8.77 9.80 -11.67
CA PHE A 172 7.55 9.27 -11.01
C PHE A 172 6.97 10.32 -10.11
N ILE A 173 7.83 11.09 -9.52
CA ILE A 173 7.33 12.14 -8.62
C ILE A 173 7.00 13.38 -9.40
N GLU A 174 7.66 13.55 -10.52
CA GLU A 174 7.38 14.74 -11.33
C GLU A 174 6.13 14.53 -12.14
N GLY A 175 5.95 13.31 -12.61
CA GLY A 175 4.74 13.03 -13.41
C GLY A 175 3.51 13.39 -12.59
N THR A 176 3.67 13.37 -11.29
CA THR A 176 2.54 13.71 -10.41
C THR A 176 2.61 15.18 -10.01
N LEU A 177 3.79 15.75 -10.11
CA LEU A 177 3.92 17.18 -9.73
C LEU A 177 3.20 18.07 -10.73
N ALA A 178 3.27 17.71 -11.98
CA ALA A 178 2.59 18.53 -13.01
C ALA A 178 1.10 18.22 -13.06
N ASN A 179 0.77 17.11 -13.67
CA ASN A 179 -0.67 16.75 -13.76
C ASN A 179 -1.21 16.32 -12.40
N LYS A 180 -1.63 17.28 -11.62
CA LYS A 180 -2.17 16.95 -10.28
C LYS A 180 -3.48 16.18 -10.39
N GLU A 181 -3.69 15.56 -11.52
CA GLU A 181 -4.95 14.79 -11.72
C GLU A 181 -4.68 13.29 -11.60
N ILE A 182 -3.49 12.95 -11.21
CA ILE A 182 -3.13 11.53 -11.07
C ILE A 182 -3.43 11.01 -9.67
N LEU A 183 -2.98 11.76 -8.69
CA LEU A 183 -3.20 11.36 -7.26
C LEU A 183 -4.46 10.50 -7.06
N ARG A 184 -5.52 10.87 -7.73
CA ARG A 184 -6.77 10.08 -7.58
C ARG A 184 -6.63 8.67 -8.15
N LEU A 185 -6.21 8.58 -9.38
CA LEU A 185 -6.04 7.24 -10.00
C LEU A 185 -4.93 6.44 -9.33
N ILE A 186 -3.75 6.99 -9.34
CA ILE A 186 -2.60 6.28 -8.71
C ILE A 186 -2.99 5.71 -7.35
N GLN A 187 -3.82 6.42 -6.64
CA GLN A 187 -4.24 5.92 -5.30
C GLN A 187 -4.74 4.49 -5.40
N PHE A 188 -4.09 3.60 -4.70
CA PHE A 188 -4.53 2.17 -4.74
C PHE A 188 -6.04 2.06 -4.59
N GLU A 189 -6.62 2.98 -3.87
CA GLU A 189 -8.09 2.94 -3.68
C GLU A 189 -8.81 2.94 -5.03
N MET B 1 -13.81 8.98 9.70
CA MET B 1 -14.65 10.06 9.15
C MET B 1 -14.51 10.11 7.63
N ASP B 2 -13.42 9.57 7.14
CA ASP B 2 -13.21 9.57 5.67
C ASP B 2 -12.03 8.70 5.28
N PHE B 3 -12.31 7.60 4.65
CA PHE B 3 -11.21 6.69 4.23
C PHE B 3 -10.40 6.22 5.43
N GLY B 4 -10.94 6.39 6.60
CA GLY B 4 -10.20 5.96 7.82
C GLY B 4 -10.56 4.51 8.16
N SER B 5 -11.54 3.99 7.48
CA SER B 5 -11.97 2.59 7.74
C SER B 5 -10.92 1.60 7.26
N LEU B 6 -10.06 2.04 6.39
CA LEU B 6 -9.01 1.12 5.88
C LEU B 6 -7.97 0.86 6.96
N GLU B 7 -7.44 1.91 7.49
CA GLU B 7 -6.43 1.73 8.55
C GLU B 7 -7.06 1.05 9.76
N THR B 8 -8.33 1.28 9.92
CA THR B 8 -9.03 0.66 11.08
C THR B 8 -9.26 -0.83 10.85
N VAL B 9 -9.28 -1.25 9.60
CA VAL B 9 -9.50 -2.69 9.32
C VAL B 9 -8.24 -3.51 9.56
N VAL B 10 -7.12 -3.01 9.13
CA VAL B 10 -5.87 -3.77 9.33
C VAL B 10 -5.48 -3.83 10.81
N ALA B 11 -5.69 -2.75 11.52
CA ALA B 11 -5.33 -2.75 12.97
C ALA B 11 -6.41 -3.42 13.83
N ASN B 12 -7.63 -3.06 13.61
CA ASN B 12 -8.71 -3.67 14.41
C ASN B 12 -8.83 -5.16 14.14
N SER B 13 -8.27 -5.57 13.03
CA SER B 13 -8.33 -7.02 12.69
C SER B 13 -7.26 -7.79 13.44
N ALA B 14 -6.02 -7.41 13.25
CA ALA B 14 -4.94 -8.13 13.96
C ALA B 14 -5.15 -7.99 15.45
N PHE B 15 -6.05 -7.11 15.81
CA PHE B 15 -6.33 -6.91 17.25
C PHE B 15 -7.29 -7.99 17.75
N ILE B 16 -8.51 -7.94 17.27
CA ILE B 16 -9.51 -8.96 17.70
C ILE B 16 -9.38 -10.23 16.87
N ALA A 8 10.40 2.04 24.93
CA ALA A 8 9.19 1.20 24.78
C ALA A 8 8.68 1.24 23.36
N LEU A 9 9.49 0.77 22.44
CA LEU A 9 9.07 0.76 21.01
C LEU A 9 8.64 2.15 20.56
N SER A 10 7.40 2.49 20.84
CA SER A 10 6.87 3.84 20.43
C SER A 10 7.97 4.89 20.43
N LYS A 11 8.88 4.79 21.36
CA LYS A 11 9.97 5.78 21.42
C LYS A 11 10.75 5.75 20.12
N GLU A 12 11.08 4.58 19.68
CA GLU A 12 11.84 4.45 18.42
C GLU A 12 10.97 4.90 17.26
N ILE A 13 9.80 4.34 17.20
CA ILE A 13 8.88 4.70 16.12
C ILE A 13 8.53 6.17 16.20
N LEU A 14 8.44 6.68 17.40
CA LEU A 14 8.11 8.10 17.53
C LEU A 14 9.26 8.91 17.03
N GLU A 15 10.44 8.58 17.47
CA GLU A 15 11.61 9.32 17.00
C GLU A 15 11.56 9.33 15.51
N GLU A 16 10.86 8.35 14.99
CA GLU A 16 10.72 8.23 13.54
C GLU A 16 9.70 9.24 13.06
N LEU A 17 8.73 9.51 13.91
CA LEU A 17 7.65 10.49 13.56
C LEU A 17 7.37 10.61 12.05
N GLN A 18 7.89 11.67 11.45
CA GLN A 18 7.71 11.96 9.95
C GLN A 18 6.52 12.88 9.76
N LEU A 19 6.38 13.40 8.57
CA LEU A 19 5.24 14.31 8.32
C LEU A 19 3.94 13.53 8.37
N ASN A 20 4.00 12.36 8.94
CA ASN A 20 2.78 11.52 9.05
C ASN A 20 1.90 11.97 10.22
N THR A 21 0.62 11.75 10.08
CA THR A 21 -0.30 12.15 11.18
C THR A 21 -0.23 11.16 12.34
N LYS A 22 0.79 11.29 13.13
CA LYS A 22 0.94 10.37 14.28
C LYS A 22 -0.32 10.35 15.14
N PHE A 23 -0.94 9.20 15.21
CA PHE A 23 -2.18 9.09 16.02
C PHE A 23 -1.83 8.87 17.48
N THR A 24 -1.36 9.91 18.12
CA THR A 24 -0.99 9.79 19.56
C THR A 24 0.11 8.73 19.75
N GLU A 25 1.31 9.18 19.98
CA GLU A 25 2.42 8.23 20.17
C GLU A 25 2.11 7.26 21.30
N GLU A 26 1.02 7.50 21.97
CA GLU A 26 0.64 6.61 23.09
C GLU A 26 -0.11 5.38 22.56
N GLU A 27 -0.88 5.59 21.53
CA GLU A 27 -1.64 4.46 20.96
C GLU A 27 -0.70 3.36 20.49
N LEU A 28 0.39 3.77 19.89
CA LEU A 28 1.37 2.77 19.41
C LEU A 28 1.79 1.85 20.55
N SER A 29 1.78 2.39 21.74
CA SER A 29 2.17 1.57 22.90
C SER A 29 1.10 0.54 23.19
N SER A 30 -0.08 1.01 23.51
CA SER A 30 -1.16 0.05 23.81
C SER A 30 -1.28 -0.95 22.69
N TRP A 31 -1.00 -0.51 21.50
CA TRP A 31 -1.09 -1.42 20.34
C TRP A 31 -0.08 -2.55 20.53
N TYR A 32 1.18 -2.20 20.57
CA TYR A 32 2.22 -3.24 20.76
C TYR A 32 1.79 -4.31 21.76
N GLN A 33 1.10 -3.89 22.78
CA GLN A 33 0.64 -4.88 23.79
C GLN A 33 -0.50 -5.71 23.22
N SER A 34 -1.31 -5.09 22.40
CA SER A 34 -2.43 -5.82 21.80
C SER A 34 -1.91 -6.82 20.77
N PHE A 35 -1.07 -6.34 19.87
CA PHE A 35 -0.53 -7.26 18.85
C PHE A 35 0.08 -8.47 19.52
N LEU A 36 0.68 -8.25 20.65
CA LEU A 36 1.29 -9.39 21.38
C LEU A 36 0.22 -10.42 21.72
N LYS A 37 -0.87 -9.95 22.28
CA LYS A 37 -1.95 -10.91 22.63
C LYS A 37 -2.33 -11.75 21.44
N GLU A 38 -2.65 -11.10 20.34
CA GLU A 38 -3.03 -11.88 19.14
C GLU A 38 -1.98 -12.94 18.85
N CYS A 39 -0.74 -12.57 19.04
CA CYS A 39 0.36 -13.52 18.78
C CYS A 39 1.68 -12.99 19.37
N PRO A 40 2.25 -13.70 20.34
CA PRO A 40 3.50 -13.26 20.97
C PRO A 40 4.63 -13.18 19.94
N SER A 41 5.85 -13.20 20.42
CA SER A 41 7.00 -13.11 19.49
C SER A 41 7.15 -11.69 18.95
N GLY A 42 7.39 -11.58 17.67
CA GLY A 42 7.54 -10.22 17.09
C GLY A 42 7.77 -10.28 15.58
N ARG A 43 7.09 -11.18 14.92
CA ARG A 43 7.26 -11.31 13.45
C ARG A 43 6.03 -11.91 12.81
N ILE A 44 5.30 -11.10 12.09
CA ILE A 44 4.08 -11.62 11.41
C ILE A 44 4.44 -12.31 10.09
N THR A 45 4.05 -13.55 9.97
CA THR A 45 4.36 -14.31 8.72
C THR A 45 3.49 -13.85 7.55
N ARG A 46 3.93 -14.16 6.37
CA ARG A 46 3.14 -13.75 5.16
C ARG A 46 1.72 -14.29 5.24
N GLN A 47 1.60 -15.58 5.12
CA GLN A 47 0.26 -16.20 5.18
C GLN A 47 -0.61 -15.54 6.24
N GLU A 48 -0.03 -15.26 7.37
CA GLU A 48 -0.83 -14.62 8.42
C GLU A 48 -1.37 -13.30 7.92
N PHE A 49 -0.48 -12.44 7.50
CA PHE A 49 -0.97 -11.13 7.01
C PHE A 49 -2.09 -11.38 6.04
N GLN A 50 -1.84 -12.22 5.05
CA GLN A 50 -2.89 -12.49 4.08
C GLN A 50 -4.16 -12.84 4.83
N THR A 51 -4.01 -13.33 6.06
CA THR A 51 -5.23 -13.70 6.83
C THR A 51 -5.98 -12.44 7.22
N ILE A 52 -5.24 -11.41 7.52
CA ILE A 52 -5.92 -10.15 7.90
C ILE A 52 -6.75 -9.63 6.75
N TYR A 53 -6.13 -9.46 5.62
CA TYR A 53 -6.88 -8.96 4.46
C TYR A 53 -7.78 -10.01 3.84
N SER A 54 -7.64 -11.23 4.29
CA SER A 54 -8.49 -12.31 3.73
C SER A 54 -9.64 -12.61 4.69
N LYS A 55 -9.58 -12.03 5.87
CA LYS A 55 -10.67 -12.27 6.86
C LYS A 55 -11.58 -11.05 7.02
N PHE A 56 -11.08 -9.88 6.64
CA PHE A 56 -11.92 -8.65 6.78
C PHE A 56 -12.40 -8.10 5.42
N PHE A 57 -11.85 -8.62 4.35
CA PHE A 57 -12.26 -8.14 2.99
C PHE A 57 -12.80 -9.29 2.12
N PRO A 58 -13.64 -10.12 2.72
CA PRO A 58 -14.23 -11.26 2.00
C PRO A 58 -14.95 -10.82 0.73
N GLU A 59 -15.41 -9.60 0.73
CA GLU A 59 -16.12 -9.10 -0.47
C GLU A 59 -15.36 -9.43 -1.74
N ALA A 60 -14.10 -9.04 -1.76
CA ALA A 60 -13.25 -9.31 -2.95
C ALA A 60 -12.14 -10.30 -2.63
N ASP A 61 -11.03 -10.14 -3.30
CA ASP A 61 -9.89 -11.06 -3.05
C ASP A 61 -8.56 -10.29 -3.12
N PRO A 62 -8.41 -9.35 -2.22
CA PRO A 62 -7.20 -8.55 -2.16
C PRO A 62 -5.99 -9.39 -1.84
N LYS A 63 -6.20 -10.68 -1.79
CA LYS A 63 -5.08 -11.59 -1.49
C LYS A 63 -3.82 -11.16 -2.19
N ALA A 64 -3.92 -10.94 -3.48
CA ALA A 64 -2.73 -10.51 -4.23
C ALA A 64 -2.30 -9.13 -3.76
N TYR A 65 -3.23 -8.22 -3.72
CA TYR A 65 -2.88 -6.85 -3.28
C TYR A 65 -2.27 -6.87 -1.87
N ALA A 66 -2.59 -7.91 -1.14
CA ALA A 66 -2.05 -8.01 0.23
C ALA A 66 -0.56 -8.35 0.21
N GLN A 67 -0.23 -9.46 -0.38
CA GLN A 67 1.19 -9.83 -0.42
C GLN A 67 1.96 -8.81 -1.22
N HIS A 68 1.23 -8.01 -1.96
CA HIS A 68 1.91 -6.99 -2.77
C HIS A 68 2.40 -5.93 -1.81
N VAL A 69 1.52 -5.46 -0.97
CA VAL A 69 1.92 -4.42 0.00
C VAL A 69 3.17 -4.91 0.71
N PHE A 70 3.32 -6.22 0.73
CA PHE A 70 4.50 -6.82 1.37
C PHE A 70 5.76 -6.39 0.67
N ARG A 71 5.88 -6.78 -0.57
CA ARG A 71 7.09 -6.40 -1.34
C ARG A 71 7.11 -4.89 -1.57
N SER A 72 6.06 -4.24 -1.16
CA SER A 72 6.00 -2.78 -1.34
C SER A 72 6.64 -2.02 -0.18
N PHE A 73 6.69 -2.65 0.99
CA PHE A 73 7.30 -1.92 2.14
C PHE A 73 8.11 -2.84 3.06
N ASP A 74 7.66 -4.06 3.22
CA ASP A 74 8.42 -4.99 4.11
C ASP A 74 9.36 -5.89 3.34
N ALA A 75 9.88 -5.40 2.26
CA ALA A 75 10.80 -6.24 1.47
C ALA A 75 12.17 -6.17 2.08
N ASN A 76 12.21 -5.76 3.29
CA ASN A 76 13.49 -5.65 3.97
C ASN A 76 14.04 -7.06 4.21
N SER A 77 15.29 -7.15 4.58
CA SER A 77 15.88 -8.50 4.83
C SER A 77 15.21 -9.21 6.00
N ASP A 78 13.91 -9.05 6.08
CA ASP A 78 13.16 -9.69 7.19
C ASP A 78 12.32 -10.86 6.70
N GLY A 79 11.30 -10.53 5.96
CA GLY A 79 10.40 -11.59 5.41
C GLY A 79 9.13 -11.60 6.24
N THR A 80 9.10 -10.73 7.22
CA THR A 80 7.91 -10.63 8.10
C THR A 80 7.69 -9.18 8.48
N LEU A 81 6.48 -8.86 8.83
CA LEU A 81 6.19 -7.46 9.22
C LEU A 81 6.45 -7.23 10.69
N ASP A 82 7.58 -6.68 11.00
CA ASP A 82 7.88 -6.44 12.41
C ASP A 82 6.86 -5.47 12.96
N PHE A 83 6.52 -5.60 14.21
CA PHE A 83 5.53 -4.68 14.78
C PHE A 83 5.84 -3.25 14.37
N LYS A 84 7.06 -2.84 14.55
CA LYS A 84 7.43 -1.46 14.18
C LYS A 84 7.14 -1.23 12.70
N GLU A 85 7.61 -2.14 11.88
CA GLU A 85 7.36 -1.99 10.42
C GLU A 85 5.87 -2.03 10.13
N TYR A 86 5.13 -2.77 10.95
CA TYR A 86 3.67 -2.86 10.72
C TYR A 86 3.02 -1.49 10.90
N VAL A 87 3.45 -0.76 11.90
CA VAL A 87 2.85 0.59 12.12
C VAL A 87 3.28 1.55 11.02
N ILE A 88 4.44 1.30 10.46
CA ILE A 88 4.94 2.20 9.37
C ILE A 88 4.08 2.04 8.10
N ALA A 89 3.87 0.82 7.70
CA ALA A 89 3.05 0.62 6.48
C ALA A 89 1.62 1.04 6.75
N LEU A 90 1.21 0.87 7.96
CA LEU A 90 -0.16 1.25 8.34
C LEU A 90 -0.34 2.76 8.20
N HIS A 91 0.72 3.48 8.48
CA HIS A 91 0.65 4.96 8.37
C HIS A 91 0.46 5.39 6.92
N MET A 92 1.31 4.87 6.06
CA MET A 92 1.20 5.25 4.63
C MET A 92 -0.22 5.03 4.12
N THR A 93 -0.82 3.95 4.53
CA THR A 93 -2.20 3.67 4.08
C THR A 93 -3.16 4.79 4.50
N SER A 94 -2.59 5.85 5.02
CA SER A 94 -3.46 6.98 5.45
C SER A 94 -2.64 8.25 5.63
N ALA A 95 -1.90 8.31 6.70
CA ALA A 95 -1.07 9.51 6.97
C ALA A 95 -0.38 9.98 5.68
N GLY A 96 -0.53 11.24 5.37
CA GLY A 96 0.12 11.76 4.14
C GLY A 96 0.00 13.29 4.09
N LYS A 97 1.11 13.95 4.26
CA LYS A 97 1.08 15.44 4.23
C LYS A 97 1.19 15.94 2.79
N THR A 98 2.39 15.91 2.27
CA THR A 98 2.58 16.39 0.87
C THR A 98 3.84 15.77 0.26
N ASN A 99 4.73 15.33 1.12
CA ASN A 99 5.98 14.72 0.61
C ASN A 99 6.46 13.61 1.53
N GLN A 100 7.69 13.21 1.38
CA GLN A 100 8.23 12.13 2.24
C GLN A 100 7.29 10.93 2.25
N LYS A 101 7.02 10.40 1.09
CA LYS A 101 6.11 9.23 1.01
C LYS A 101 6.03 8.72 -0.43
N LEU A 102 6.26 9.60 -1.36
CA LEU A 102 6.20 9.19 -2.79
C LEU A 102 7.10 7.99 -3.04
N GLU A 103 8.28 8.03 -2.48
CA GLU A 103 9.22 6.90 -2.67
C GLU A 103 8.54 5.57 -2.33
N TRP A 104 7.87 5.55 -1.21
CA TRP A 104 7.18 4.30 -0.79
C TRP A 104 6.22 3.84 -1.87
N ALA A 105 5.44 4.76 -2.38
CA ALA A 105 4.47 4.38 -3.44
C ALA A 105 5.20 3.75 -4.64
N PHE A 106 6.28 4.36 -5.03
CA PHE A 106 7.04 3.80 -6.19
C PHE A 106 7.33 2.33 -5.97
N SER A 107 7.78 2.00 -4.79
CA SER A 107 8.09 0.57 -4.50
C SER A 107 6.88 -0.31 -4.78
N LEU A 108 5.79 0.00 -4.16
CA LEU A 108 4.56 -0.80 -4.37
C LEU A 108 4.29 -1.02 -5.86
N TYR A 109 4.01 0.05 -6.56
CA TYR A 109 3.73 -0.09 -8.01
C TYR A 109 4.96 -0.64 -8.75
N ASP A 110 6.06 -0.75 -8.05
CA ASP A 110 7.31 -1.27 -8.69
C ASP A 110 7.75 -2.56 -8.02
N VAL A 111 7.08 -3.63 -8.35
CA VAL A 111 7.44 -4.93 -7.72
C VAL A 111 8.53 -5.63 -8.51
N ASP A 112 9.58 -5.94 -7.81
CA ASP A 112 10.75 -6.65 -8.44
C ASP A 112 12.01 -6.39 -7.62
N GLY A 113 12.20 -5.15 -7.23
CA GLY A 113 13.41 -4.80 -6.42
C GLY A 113 14.47 -4.15 -7.32
N ASN A 114 14.17 -2.98 -7.80
CA ASN A 114 15.14 -2.27 -8.67
C ASN A 114 14.99 -0.78 -8.53
N GLY A 115 14.68 -0.16 -9.60
CA GLY A 115 14.51 1.33 -9.59
C GLY A 115 13.79 1.79 -10.85
N THR A 116 13.05 0.90 -11.46
CA THR A 116 12.31 1.29 -12.68
C THR A 116 11.04 0.47 -12.84
N ILE A 117 9.96 1.15 -13.17
CA ILE A 117 8.67 0.44 -13.34
C ILE A 117 8.38 0.13 -14.80
N SER A 118 7.66 -0.95 -15.01
CA SER A 118 7.32 -1.35 -16.40
C SER A 118 5.83 -1.67 -16.50
N LYS A 119 5.23 -1.27 -17.59
CA LYS A 119 3.79 -1.54 -17.77
C LYS A 119 3.44 -2.96 -17.37
N ASN A 120 4.41 -3.81 -17.30
CA ASN A 120 4.13 -5.21 -16.92
C ASN A 120 4.01 -5.32 -15.41
N GLU A 121 4.76 -4.51 -14.72
CA GLU A 121 4.70 -4.56 -13.25
C GLU A 121 3.41 -3.95 -12.76
N VAL A 122 3.11 -2.77 -13.23
CA VAL A 122 1.86 -2.13 -12.79
C VAL A 122 0.71 -3.06 -13.09
N LEU A 123 0.77 -3.65 -14.25
CA LEU A 123 -0.31 -4.59 -14.65
C LEU A 123 -0.72 -5.46 -13.47
N GLU A 124 0.23 -6.12 -12.87
CA GLU A 124 -0.12 -6.99 -11.71
C GLU A 124 -0.76 -6.14 -10.64
N ILE A 125 -0.10 -5.07 -10.29
CA ILE A 125 -0.66 -4.19 -9.25
C ILE A 125 -2.05 -3.74 -9.66
N VAL A 126 -2.20 -3.43 -10.91
CA VAL A 126 -3.52 -2.98 -11.40
C VAL A 126 -4.49 -4.14 -11.31
N THR A 127 -4.07 -5.28 -11.78
CA THR A 127 -4.97 -6.45 -11.73
C THR A 127 -5.23 -6.82 -10.29
N ALA A 128 -4.17 -6.81 -9.51
CA ALA A 128 -4.32 -7.16 -8.08
C ALA A 128 -5.35 -6.24 -7.45
N ILE A 129 -5.20 -4.96 -7.70
CA ILE A 129 -6.16 -3.98 -7.13
C ILE A 129 -7.56 -4.20 -7.71
N PHE A 130 -7.66 -4.22 -9.01
CA PHE A 130 -8.98 -4.44 -9.63
C PHE A 130 -9.66 -5.66 -9.04
N LYS A 131 -8.85 -6.65 -8.72
CA LYS A 131 -9.43 -7.88 -8.14
C LYS A 131 -9.96 -7.59 -6.74
N MET A 132 -9.29 -6.71 -6.05
CA MET A 132 -9.76 -6.37 -4.67
C MET A 132 -11.09 -5.62 -4.75
N ILE A 133 -11.37 -5.07 -5.89
CA ILE A 133 -12.65 -4.31 -6.04
C ILE A 133 -13.81 -5.28 -6.30
N SER A 134 -14.95 -4.97 -5.75
CA SER A 134 -16.12 -5.85 -5.95
C SER A 134 -16.85 -5.46 -7.25
N PRO A 135 -17.34 -6.47 -7.97
CA PRO A 135 -18.06 -6.22 -9.22
C PRO A 135 -19.16 -5.20 -9.03
N GLU A 136 -20.06 -5.49 -8.14
CA GLU A 136 -21.17 -4.53 -7.90
C GLU A 136 -20.61 -3.13 -7.76
N ASP A 137 -19.43 -3.04 -7.22
CA ASP A 137 -18.81 -1.71 -7.04
C ASP A 137 -18.09 -1.29 -8.32
N THR A 138 -17.59 -2.26 -9.04
CA THR A 138 -16.87 -1.94 -10.29
C THR A 138 -17.85 -1.36 -11.31
N LYS A 139 -19.09 -1.30 -10.94
CA LYS A 139 -20.10 -0.75 -11.87
C LYS A 139 -20.26 0.75 -11.63
N HIS A 140 -19.32 1.30 -10.91
CA HIS A 140 -19.39 2.77 -10.61
C HIS A 140 -18.45 3.58 -11.48
N LEU A 141 -17.22 3.13 -11.61
CA LEU A 141 -16.26 3.90 -12.46
C LEU A 141 -16.70 3.88 -13.92
N PRO A 142 -16.18 4.82 -14.69
CA PRO A 142 -16.50 4.93 -16.11
C PRO A 142 -16.16 3.66 -16.87
N GLU A 143 -16.70 3.55 -18.06
CA GLU A 143 -16.43 2.34 -18.89
C GLU A 143 -15.39 2.63 -19.95
N ASP A 144 -15.59 2.10 -21.13
CA ASP A 144 -14.63 2.34 -22.23
C ASP A 144 -13.25 1.81 -21.84
N GLU A 145 -13.13 1.37 -20.62
CA GLU A 145 -11.82 0.85 -20.16
C GLU A 145 -11.93 0.38 -18.71
N ASN A 146 -12.81 -0.55 -18.48
CA ASN A 146 -12.99 -1.07 -17.09
C ASN A 146 -12.17 -2.34 -16.86
N THR A 147 -11.22 -2.59 -17.74
CA THR A 147 -10.38 -3.81 -17.58
C THR A 147 -8.98 -3.43 -17.10
N PRO A 148 -8.35 -4.32 -16.35
CA PRO A 148 -7.01 -4.07 -15.84
C PRO A 148 -6.06 -3.74 -16.98
N GLU A 149 -6.24 -4.39 -18.10
CA GLU A 149 -5.37 -4.13 -19.24
C GLU A 149 -5.74 -2.81 -19.90
N LYS A 150 -6.99 -2.47 -19.83
CA LYS A 150 -7.43 -1.19 -20.44
C LYS A 150 -7.06 -0.04 -19.53
N ARG A 151 -7.21 -0.23 -18.25
CA ARG A 151 -6.87 0.87 -17.32
C ARG A 151 -5.36 0.99 -17.23
N ALA A 152 -4.70 -0.14 -17.22
CA ALA A 152 -3.23 -0.10 -17.13
C ALA A 152 -2.69 0.83 -18.18
N GLU A 153 -3.39 0.90 -19.29
CA GLU A 153 -2.93 1.79 -20.37
C GLU A 153 -3.22 3.23 -20.01
N LYS A 154 -4.14 3.42 -19.10
CA LYS A 154 -4.47 4.80 -18.69
C LYS A 154 -3.33 5.38 -17.86
N ILE A 155 -2.82 4.58 -16.97
CA ILE A 155 -1.70 5.05 -16.12
C ILE A 155 -0.40 5.07 -16.92
N TRP A 156 -0.12 3.96 -17.56
CA TRP A 156 1.12 3.89 -18.35
C TRP A 156 1.09 4.94 -19.46
N GLY A 157 -0.09 5.24 -19.91
CA GLY A 157 -0.23 6.25 -20.99
C GLY A 157 -0.14 7.65 -20.39
N PHE A 158 -0.45 7.75 -19.13
CA PHE A 158 -0.38 9.09 -18.47
C PHE A 158 1.06 9.58 -18.42
N PHE A 159 1.95 8.72 -18.03
CA PHE A 159 3.37 9.12 -17.95
C PHE A 159 3.98 9.24 -19.34
N GLY A 160 3.64 8.33 -20.21
CA GLY A 160 4.20 8.37 -21.59
C GLY A 160 5.55 7.66 -21.64
N LYS A 161 5.50 6.35 -21.56
CA LYS A 161 6.75 5.56 -21.61
C LYS A 161 6.57 4.30 -22.46
N LYS A 162 6.92 4.40 -23.72
CA LYS A 162 6.77 3.21 -24.61
C LYS A 162 7.62 2.05 -24.11
N ASP A 163 7.59 0.96 -24.82
CA ASP A 163 8.39 -0.21 -24.39
C ASP A 163 9.80 0.22 -23.99
N ASP A 164 10.52 0.79 -24.93
CA ASP A 164 11.89 1.24 -24.61
C ASP A 164 11.84 2.47 -23.73
N ASP A 165 11.16 2.35 -22.62
CA ASP A 165 11.06 3.50 -21.70
C ASP A 165 10.49 3.07 -20.36
N LYS A 166 11.36 2.94 -19.39
CA LYS A 166 10.90 2.52 -18.04
C LYS A 166 10.81 3.74 -17.13
N LEU A 167 9.77 3.80 -16.35
CA LEU A 167 9.64 4.97 -15.44
C LEU A 167 10.55 4.82 -14.23
N THR A 168 11.36 5.81 -14.02
CA THR A 168 12.32 5.76 -12.88
C THR A 168 11.68 6.24 -11.58
N GLU A 169 12.30 5.88 -10.48
CA GLU A 169 11.76 6.29 -9.16
C GLU A 169 11.78 7.81 -9.02
N LYS A 170 12.75 8.43 -9.62
CA LYS A 170 12.83 9.91 -9.52
C LYS A 170 11.72 10.56 -10.33
N GLU A 171 11.76 10.38 -11.62
CA GLU A 171 10.72 10.98 -12.46
C GLU A 171 9.34 10.66 -11.89
N PHE A 172 9.19 9.44 -11.43
CA PHE A 172 7.88 9.05 -10.85
C PHE A 172 7.40 10.14 -9.93
N ILE A 173 8.34 10.77 -9.27
CA ILE A 173 7.96 11.85 -8.34
C ILE A 173 7.71 13.13 -9.11
N GLU A 174 8.41 13.28 -10.20
CA GLU A 174 8.22 14.49 -11.01
C GLU A 174 6.98 14.34 -11.86
N GLY A 175 6.79 13.16 -12.38
CA GLY A 175 5.58 12.94 -13.22
C GLY A 175 4.34 13.31 -12.42
N THR A 176 4.46 13.18 -11.12
CA THR A 176 3.31 13.53 -10.26
C THR A 176 3.41 14.98 -9.81
N LEU A 177 4.60 15.51 -9.87
CA LEU A 177 4.77 16.93 -9.44
C LEU A 177 4.02 17.86 -10.38
N ALA A 178 4.41 17.84 -11.63
CA ALA A 178 3.72 18.72 -12.61
C ALA A 178 2.23 18.41 -12.66
N ASN A 179 1.91 17.21 -13.01
CA ASN A 179 0.48 16.82 -13.09
C ASN A 179 -0.05 16.42 -11.71
N LYS A 180 -0.78 17.31 -11.09
CA LYS A 180 -1.33 17.00 -9.76
C LYS A 180 -2.63 16.22 -9.87
N GLU A 181 -2.93 15.78 -11.06
CA GLU A 181 -4.19 15.02 -11.25
C GLU A 181 -3.93 13.52 -11.15
N ILE A 182 -2.70 13.14 -11.34
CA ILE A 182 -2.36 11.69 -11.26
C ILE A 182 -2.74 11.12 -9.89
N LEU A 183 -2.20 11.71 -8.86
CA LEU A 183 -2.51 11.22 -7.49
C LEU A 183 -4.01 10.92 -7.35
N ARG A 184 -4.82 11.83 -7.81
CA ARG A 184 -6.28 11.63 -7.72
C ARG A 184 -6.75 10.51 -8.66
N LEU A 185 -6.04 10.32 -9.74
CA LEU A 185 -6.44 9.26 -10.69
C LEU A 185 -5.75 7.94 -10.37
N ILE A 186 -4.46 8.00 -10.17
CA ILE A 186 -3.73 6.75 -9.85
C ILE A 186 -4.29 6.09 -8.60
N GLN A 187 -4.52 6.89 -7.58
CA GLN A 187 -5.08 6.34 -6.31
C GLN A 187 -4.45 4.98 -5.99
N PHE A 188 -5.20 4.16 -5.32
CA PHE A 188 -4.68 2.82 -4.96
C PHE A 188 -5.81 1.85 -4.69
N GLU A 189 -6.91 2.37 -4.20
CA GLU A 189 -8.07 1.49 -3.92
C GLU A 189 -8.46 0.68 -5.15
N MET B 1 -9.99 11.56 6.58
CA MET B 1 -10.93 11.27 5.47
C MET B 1 -11.59 9.91 5.68
N ASP B 2 -12.73 9.72 5.06
CA ASP B 2 -13.43 8.42 5.21
C ASP B 2 -12.70 7.30 4.48
N PHE B 3 -11.42 7.49 4.27
CA PHE B 3 -10.62 6.45 3.55
C PHE B 3 -9.68 5.74 4.51
N GLY B 4 -9.88 5.97 5.79
CA GLY B 4 -9.00 5.31 6.80
C GLY B 4 -9.58 3.96 7.23
N SER B 5 -10.79 3.68 6.83
CA SER B 5 -11.40 2.39 7.21
C SER B 5 -10.52 1.24 6.77
N LEU B 6 -9.86 1.41 5.67
CA LEU B 6 -8.98 0.33 5.18
C LEU B 6 -7.88 0.10 6.19
N GLU B 7 -7.25 1.17 6.56
CA GLU B 7 -6.15 1.07 7.54
C GLU B 7 -6.71 0.66 8.89
N THR B 8 -7.96 0.95 9.11
CA THR B 8 -8.58 0.59 10.39
C THR B 8 -8.67 -0.91 10.53
N VAL B 9 -8.76 -1.58 9.42
CA VAL B 9 -8.85 -3.05 9.46
C VAL B 9 -7.51 -3.68 9.70
N VAL B 10 -6.65 -3.48 8.74
CA VAL B 10 -5.30 -4.04 8.82
C VAL B 10 -4.76 -3.87 10.23
N ALA B 11 -5.15 -2.80 10.84
CA ALA B 11 -4.68 -2.54 12.22
C ALA B 11 -5.58 -3.23 13.23
N ASN B 12 -6.84 -2.85 13.24
CA ASN B 12 -7.78 -3.48 14.22
C ASN B 12 -7.72 -4.99 14.09
N SER B 13 -7.25 -5.43 12.96
CA SER B 13 -7.14 -6.89 12.73
C SER B 13 -5.98 -7.48 13.47
N ALA B 14 -4.78 -7.04 13.15
CA ALA B 14 -3.62 -7.61 13.88
C ALA B 14 -3.69 -7.22 15.34
N PHE B 15 -4.60 -6.33 15.63
CA PHE B 15 -4.77 -5.87 17.04
C PHE B 15 -5.34 -6.98 17.90
N ILE B 16 -6.56 -7.35 17.57
CA ILE B 16 -7.20 -8.44 18.36
C ILE B 16 -8.46 -8.92 17.67
N ALA A 8 13.37 -0.34 23.04
CA ALA A 8 11.97 -0.76 22.82
C ALA A 8 11.48 -0.33 21.43
N LEU A 9 10.38 -0.89 20.99
CA LEU A 9 9.86 -0.51 19.66
C LEU A 9 9.60 0.99 19.58
N SER A 10 8.39 1.40 19.91
CA SER A 10 8.01 2.87 19.89
C SER A 10 9.19 3.79 19.66
N LYS A 11 10.16 3.72 20.53
CA LYS A 11 11.34 4.61 20.35
C LYS A 11 11.93 4.46 18.95
N GLU A 12 12.18 3.25 18.56
CA GLU A 12 12.74 3.03 17.21
C GLU A 12 11.78 3.55 16.17
N ILE A 13 10.51 3.35 16.42
CA ILE A 13 9.51 3.83 15.45
C ILE A 13 9.62 5.33 15.27
N LEU A 14 9.55 6.05 16.37
CA LEU A 14 9.65 7.51 16.27
C LEU A 14 11.01 7.86 15.69
N GLU A 15 12.03 7.22 16.19
CA GLU A 15 13.37 7.51 15.68
C GLU A 15 13.32 7.43 14.17
N GLU A 16 12.37 6.69 13.69
CA GLU A 16 12.22 6.53 12.23
C GLU A 16 11.40 7.66 11.68
N LEU A 17 10.58 8.26 12.54
CA LEU A 17 9.73 9.38 12.09
C LEU A 17 10.29 10.72 12.57
N GLN A 18 11.56 10.73 12.91
CA GLN A 18 12.18 11.99 13.39
C GLN A 18 11.77 13.15 12.48
N LEU A 19 11.82 12.91 11.20
CA LEU A 19 11.44 13.98 10.24
C LEU A 19 9.94 14.24 10.30
N ASN A 20 9.19 13.21 10.62
CA ASN A 20 7.72 13.38 10.70
C ASN A 20 7.29 13.71 12.12
N THR A 21 6.02 13.63 12.37
CA THR A 21 5.51 13.94 13.73
C THR A 21 4.36 13.02 14.10
N LYS A 22 4.69 11.86 14.59
CA LYS A 22 3.63 10.90 14.97
C LYS A 22 2.98 11.30 16.29
N PHE A 23 1.79 10.80 16.51
CA PHE A 23 1.08 11.14 17.77
C PHE A 23 1.96 10.75 18.96
N THR A 24 1.46 10.99 20.15
CA THR A 24 2.27 10.63 21.33
C THR A 24 2.89 9.26 21.13
N GLU A 25 4.14 9.25 20.72
CA GLU A 25 4.83 7.96 20.48
C GLU A 25 4.44 6.92 21.53
N GLU A 26 4.01 7.37 22.68
CA GLU A 26 3.62 6.39 23.72
C GLU A 26 2.47 5.54 23.20
N GLU A 27 1.73 6.10 22.28
CA GLU A 27 0.58 5.36 21.71
C GLU A 27 1.09 4.12 20.99
N LEU A 28 2.16 4.30 20.26
CA LEU A 28 2.73 3.14 19.53
C LEU A 28 3.10 2.04 20.50
N SER A 29 3.36 2.43 21.72
CA SER A 29 3.74 1.43 22.74
C SER A 29 2.53 0.56 23.07
N SER A 30 1.46 1.19 23.44
CA SER A 30 0.26 0.39 23.79
C SER A 30 -0.06 -0.58 22.66
N TRP A 31 0.05 -0.11 21.45
CA TRP A 31 -0.22 -0.99 20.28
C TRP A 31 0.68 -2.20 20.36
N TYR A 32 1.97 -1.96 20.34
CA TYR A 32 2.94 -3.07 20.40
C TYR A 32 2.50 -4.14 21.39
N GLN A 33 1.96 -3.73 22.50
CA GLN A 33 1.51 -4.72 23.50
C GLN A 33 0.35 -5.55 22.95
N SER A 34 -0.57 -4.88 22.32
CA SER A 34 -1.72 -5.62 21.74
C SER A 34 -1.28 -6.52 20.60
N PHE A 35 -0.45 -5.99 19.73
CA PHE A 35 0.02 -6.81 18.60
C PHE A 35 0.80 -8.02 19.10
N LEU A 36 1.49 -7.83 20.19
CA LEU A 36 2.27 -8.95 20.75
C LEU A 36 1.36 -10.11 21.11
N LYS A 37 0.32 -9.81 21.84
CA LYS A 37 -0.64 -10.88 22.24
C LYS A 37 -1.10 -11.66 21.02
N GLU A 38 -1.52 -10.94 20.02
CA GLU A 38 -1.99 -11.62 18.80
C GLU A 38 -0.91 -12.48 18.18
N CYS A 39 0.31 -12.01 18.28
CA CYS A 39 1.45 -12.77 17.70
C CYS A 39 2.49 -13.09 18.78
N PRO A 40 2.33 -14.23 19.43
CA PRO A 40 3.25 -14.66 20.47
C PRO A 40 4.64 -14.96 19.90
N SER A 41 4.95 -14.34 18.79
CA SER A 41 6.28 -14.56 18.16
C SER A 41 6.97 -13.23 17.89
N GLY A 42 6.63 -12.62 16.78
CA GLY A 42 7.26 -11.31 16.44
C GLY A 42 7.47 -11.17 14.93
N ARG A 43 6.90 -12.09 14.18
CA ARG A 43 7.06 -12.03 12.70
C ARG A 43 5.73 -12.30 12.00
N ILE A 44 5.24 -11.31 11.29
CA ILE A 44 3.95 -11.48 10.57
C ILE A 44 4.19 -12.18 9.24
N THR A 45 3.65 -13.35 9.11
CA THR A 45 3.84 -14.09 7.83
C THR A 45 3.06 -13.44 6.70
N ARG A 46 3.49 -13.72 5.49
CA ARG A 46 2.81 -13.14 4.31
C ARG A 46 1.37 -13.63 4.23
N GLN A 47 1.21 -14.91 4.08
CA GLN A 47 -0.15 -15.46 3.99
C GLN A 47 -1.02 -14.91 5.11
N GLU A 48 -0.48 -14.83 6.29
CA GLU A 48 -1.28 -14.30 7.41
C GLU A 48 -1.82 -12.92 7.10
N PHE A 49 -0.94 -12.00 6.80
CA PHE A 49 -1.44 -10.65 6.49
C PHE A 49 -2.53 -10.78 5.45
N GLN A 50 -2.28 -11.55 4.44
CA GLN A 50 -3.30 -11.72 3.41
C GLN A 50 -4.61 -12.12 4.10
N THR A 51 -4.47 -12.68 5.29
CA THR A 51 -5.68 -13.09 6.01
C THR A 51 -6.38 -11.88 6.58
N ILE A 52 -5.60 -10.87 6.91
CA ILE A 52 -6.21 -9.64 7.46
C ILE A 52 -7.12 -8.99 6.45
N TYR A 53 -6.60 -8.77 5.27
CA TYR A 53 -7.44 -8.14 4.22
C TYR A 53 -8.41 -9.13 3.60
N SER A 54 -8.23 -10.39 3.90
CA SER A 54 -9.15 -11.41 3.32
C SER A 54 -10.27 -11.74 4.30
N LYS A 55 -10.06 -11.43 5.57
CA LYS A 55 -11.11 -11.73 6.58
C LYS A 55 -11.92 -10.47 6.94
N PHE A 56 -11.34 -9.33 6.69
CA PHE A 56 -12.08 -8.06 7.01
C PHE A 56 -12.73 -7.48 5.76
N PHE A 57 -12.38 -8.02 4.62
CA PHE A 57 -12.97 -7.53 3.34
C PHE A 57 -13.40 -8.73 2.48
N PRO A 58 -14.20 -9.61 3.07
CA PRO A 58 -14.70 -10.80 2.38
C PRO A 58 -15.56 -10.46 1.16
N GLU A 59 -16.33 -9.41 1.28
CA GLU A 59 -17.20 -9.01 0.14
C GLU A 59 -16.50 -9.23 -1.20
N ALA A 60 -15.25 -8.81 -1.26
CA ALA A 60 -14.48 -8.97 -2.51
C ALA A 60 -13.26 -9.86 -2.28
N ASP A 61 -12.24 -9.64 -3.05
CA ASP A 61 -11.01 -10.47 -2.89
C ASP A 61 -9.76 -9.63 -3.11
N PRO A 62 -9.57 -8.66 -2.26
CA PRO A 62 -8.42 -7.77 -2.32
C PRO A 62 -7.14 -8.53 -2.04
N LYS A 63 -7.26 -9.83 -2.04
CA LYS A 63 -6.07 -10.68 -1.77
C LYS A 63 -4.83 -10.13 -2.46
N ALA A 64 -4.84 -10.13 -3.77
CA ALA A 64 -3.68 -9.61 -4.50
C ALA A 64 -3.18 -8.30 -3.89
N TYR A 65 -4.09 -7.40 -3.63
CA TYR A 65 -3.66 -6.11 -3.04
C TYR A 65 -3.00 -6.34 -1.69
N ALA A 66 -3.65 -7.12 -0.88
CA ALA A 66 -3.08 -7.40 0.45
C ALA A 66 -1.65 -7.89 0.33
N GLN A 67 -1.43 -8.75 -0.61
CA GLN A 67 -0.06 -9.27 -0.79
C GLN A 67 0.83 -8.21 -1.40
N HIS A 68 0.25 -7.35 -2.21
CA HIS A 68 1.06 -6.29 -2.82
C HIS A 68 1.55 -5.35 -1.73
N VAL A 69 0.69 -5.13 -0.76
CA VAL A 69 1.07 -4.24 0.36
C VAL A 69 2.31 -4.79 1.05
N PHE A 70 2.21 -6.03 1.44
CA PHE A 70 3.36 -6.68 2.11
C PHE A 70 4.63 -6.46 1.31
N ARG A 71 4.56 -6.74 0.05
CA ARG A 71 5.75 -6.55 -0.78
C ARG A 71 6.10 -5.06 -0.87
N SER A 72 5.11 -4.23 -0.66
CA SER A 72 5.36 -2.77 -0.71
C SER A 72 6.35 -2.34 0.37
N PHE A 73 6.22 -2.90 1.57
CA PHE A 73 7.19 -2.49 2.64
C PHE A 73 7.71 -3.66 3.47
N ASP A 74 7.40 -4.87 3.08
CA ASP A 74 7.93 -6.00 3.88
C ASP A 74 9.26 -6.41 3.32
N ALA A 75 9.38 -6.27 2.05
CA ALA A 75 10.63 -6.63 1.38
C ALA A 75 11.66 -5.59 1.74
N ASN A 76 11.27 -4.74 2.65
CA ASN A 76 12.16 -3.66 3.11
C ASN A 76 13.31 -4.26 3.91
N SER A 77 13.89 -5.31 3.38
CA SER A 77 15.02 -5.96 4.09
C SER A 77 14.49 -6.70 5.32
N ASP A 78 13.45 -7.46 5.10
CA ASP A 78 12.86 -8.21 6.21
C ASP A 78 12.00 -9.37 5.68
N GLY A 79 12.59 -10.52 5.59
CA GLY A 79 11.83 -11.72 5.09
C GLY A 79 10.40 -11.74 5.64
N THR A 80 10.20 -11.08 6.75
CA THR A 80 8.84 -11.04 7.37
C THR A 80 8.44 -9.63 7.71
N LEU A 81 7.17 -9.41 7.88
CA LEU A 81 6.71 -8.05 8.21
C LEU A 81 6.76 -7.80 9.71
N ASP A 82 7.79 -7.11 10.13
CA ASP A 82 7.91 -6.81 11.58
C ASP A 82 6.85 -5.80 11.97
N PHE A 83 6.56 -5.73 13.24
CA PHE A 83 5.53 -4.75 13.67
C PHE A 83 5.88 -3.33 13.24
N LYS A 84 7.10 -2.93 13.46
CA LYS A 84 7.52 -1.56 13.08
C LYS A 84 6.92 -1.15 11.72
N GLU A 85 7.21 -1.91 10.71
CA GLU A 85 6.66 -1.58 9.37
C GLU A 85 5.14 -1.53 9.42
N TYR A 86 4.57 -2.32 10.28
CA TYR A 86 3.09 -2.35 10.40
C TYR A 86 2.57 -0.98 10.83
N VAL A 87 3.23 -0.38 11.78
CA VAL A 87 2.77 0.95 12.25
C VAL A 87 3.00 2.00 11.17
N ILE A 88 4.03 1.79 10.39
CA ILE A 88 4.34 2.77 9.30
C ILE A 88 3.22 2.78 8.27
N ALA A 89 2.60 1.65 8.08
CA ALA A 89 1.49 1.57 7.08
C ALA A 89 0.21 2.18 7.65
N LEU A 90 -0.21 1.66 8.77
CA LEU A 90 -1.44 2.18 9.41
C LEU A 90 -1.32 3.66 9.71
N HIS A 91 -0.11 4.12 9.80
CA HIS A 91 0.09 5.55 10.09
C HIS A 91 0.16 6.35 8.80
N MET A 92 0.96 5.90 7.88
CA MET A 92 1.07 6.61 6.59
C MET A 92 -0.31 6.85 5.99
N THR A 93 -1.19 5.89 6.13
CA THR A 93 -2.54 6.06 5.58
C THR A 93 -3.35 7.04 6.43
N SER A 94 -2.65 7.98 7.02
CA SER A 94 -3.34 8.99 7.87
C SER A 94 -2.35 9.73 8.76
N ALA A 95 -2.02 10.94 8.38
CA ALA A 95 -1.06 11.73 9.18
C ALA A 95 -0.97 13.16 8.69
N GLY A 96 -0.71 13.32 7.42
CA GLY A 96 -0.60 14.70 6.85
C GLY A 96 -0.98 14.71 5.37
N LYS A 97 -0.99 15.89 4.78
CA LYS A 97 -1.34 15.99 3.35
C LYS A 97 -0.14 15.66 2.46
N THR A 98 0.61 16.67 2.09
CA THR A 98 1.79 16.41 1.23
C THR A 98 2.72 15.40 1.89
N ASN A 99 3.57 15.87 2.74
CA ASN A 99 4.52 14.95 3.44
C ASN A 99 5.28 14.09 2.44
N GLN A 100 6.08 13.20 2.95
CA GLN A 100 6.87 12.31 2.06
C GLN A 100 6.15 10.98 1.84
N LYS A 101 4.84 11.04 1.83
CA LYS A 101 4.05 9.80 1.63
C LYS A 101 4.32 9.21 0.24
N LEU A 102 4.26 10.04 -0.77
CA LEU A 102 4.51 9.53 -2.14
C LEU A 102 5.70 8.59 -2.17
N GLU A 103 6.69 8.88 -1.38
CA GLU A 103 7.88 8.00 -1.36
C GLU A 103 7.45 6.56 -1.09
N TRP A 104 6.44 6.42 -0.27
CA TRP A 104 5.95 5.06 0.05
C TRP A 104 5.15 4.52 -1.13
N ALA A 105 4.46 5.40 -1.79
CA ALA A 105 3.65 4.99 -2.96
C ALA A 105 4.55 4.49 -4.08
N PHE A 106 5.79 4.92 -4.06
CA PHE A 106 6.73 4.49 -5.11
C PHE A 106 7.01 3.00 -5.00
N SER A 107 7.13 2.53 -3.78
CA SER A 107 7.41 1.08 -3.59
C SER A 107 6.18 0.25 -3.94
N LEU A 108 5.08 0.59 -3.34
CA LEU A 108 3.84 -0.18 -3.63
C LEU A 108 3.66 -0.32 -5.14
N TYR A 109 3.53 0.78 -5.81
CA TYR A 109 3.33 0.72 -7.28
C TYR A 109 4.58 0.12 -7.96
N ASP A 110 5.50 -0.37 -7.17
CA ASP A 110 6.74 -0.97 -7.74
C ASP A 110 7.04 -2.34 -7.14
N VAL A 111 6.33 -3.34 -7.60
CA VAL A 111 6.56 -4.72 -7.07
C VAL A 111 7.34 -5.57 -8.05
N ASP A 112 8.31 -6.28 -7.53
CA ASP A 112 9.17 -7.18 -8.38
C ASP A 112 10.53 -7.37 -7.74
N GLY A 113 11.25 -6.29 -7.62
CA GLY A 113 12.61 -6.36 -7.00
C GLY A 113 13.49 -5.25 -7.58
N ASN A 114 12.90 -4.11 -7.79
CA ASN A 114 13.67 -2.98 -8.34
C ASN A 114 12.83 -1.70 -8.30
N GLY A 115 13.20 -0.81 -7.41
CA GLY A 115 12.45 0.49 -7.27
C GLY A 115 11.94 0.96 -8.62
N THR A 116 12.68 0.67 -9.64
CA THR A 116 12.25 1.10 -10.99
C THR A 116 10.98 0.38 -11.39
N ILE A 117 9.96 1.15 -11.66
CA ILE A 117 8.66 0.55 -12.05
C ILE A 117 8.61 0.21 -13.53
N SER A 118 7.80 -0.76 -13.84
CA SER A 118 7.67 -1.19 -15.26
C SER A 118 6.20 -1.46 -15.58
N LYS A 119 5.82 -1.17 -16.79
CA LYS A 119 4.41 -1.39 -17.20
C LYS A 119 3.87 -2.71 -16.65
N ASN A 120 4.70 -3.70 -16.58
CA ASN A 120 4.21 -5.01 -16.05
C ASN A 120 3.89 -4.93 -14.57
N GLU A 121 4.63 -4.12 -13.86
CA GLU A 121 4.37 -4.01 -12.40
C GLU A 121 3.04 -3.32 -12.15
N VAL A 122 2.84 -2.21 -12.80
CA VAL A 122 1.56 -1.49 -12.59
C VAL A 122 0.40 -2.42 -12.87
N LEU A 123 0.50 -3.12 -13.96
CA LEU A 123 -0.58 -4.06 -14.34
C LEU A 123 -1.05 -4.87 -13.12
N GLU A 124 -0.11 -5.45 -12.41
CA GLU A 124 -0.51 -6.25 -11.21
C GLU A 124 -1.27 -5.39 -10.23
N ILE A 125 -0.69 -4.29 -9.86
CA ILE A 125 -1.35 -3.39 -8.89
C ILE A 125 -2.70 -2.92 -9.43
N VAL A 126 -2.79 -2.74 -10.72
CA VAL A 126 -4.08 -2.28 -11.30
C VAL A 126 -5.10 -3.41 -11.25
N THR A 127 -4.67 -4.58 -11.60
CA THR A 127 -5.62 -5.73 -11.58
C THR A 127 -6.04 -6.03 -10.14
N ALA A 128 -5.11 -5.89 -9.24
CA ALA A 128 -5.43 -6.17 -7.82
C ALA A 128 -6.54 -5.24 -7.37
N ILE A 129 -6.38 -3.97 -7.64
CA ILE A 129 -7.42 -3.00 -7.22
C ILE A 129 -8.79 -3.43 -7.76
N PHE A 130 -8.87 -3.63 -9.04
CA PHE A 130 -10.17 -4.05 -9.62
C PHE A 130 -10.65 -5.33 -8.95
N LYS A 131 -9.73 -6.06 -8.37
CA LYS A 131 -10.11 -7.31 -7.69
C LYS A 131 -10.96 -6.99 -6.48
N MET A 132 -10.51 -6.03 -5.70
CA MET A 132 -11.27 -5.65 -4.49
C MET A 132 -12.66 -5.17 -4.89
N ILE A 133 -12.75 -4.59 -6.06
CA ILE A 133 -14.06 -4.10 -6.53
C ILE A 133 -14.96 -5.27 -6.90
N SER A 134 -16.20 -5.22 -6.46
CA SER A 134 -17.13 -6.32 -6.79
C SER A 134 -17.57 -6.27 -8.27
N PRO A 135 -17.83 -7.43 -8.85
CA PRO A 135 -18.25 -7.51 -10.25
C PRO A 135 -19.51 -6.68 -10.50
N GLU A 136 -20.44 -6.78 -9.59
CA GLU A 136 -21.69 -6.02 -9.74
C GLU A 136 -21.43 -4.62 -10.27
N ASP A 137 -20.32 -4.06 -9.89
CA ASP A 137 -19.98 -2.69 -10.38
C ASP A 137 -18.95 -2.75 -11.49
N THR A 138 -17.99 -3.63 -11.34
CA THR A 138 -16.94 -3.75 -12.38
C THR A 138 -17.55 -4.07 -13.74
N LYS A 139 -18.28 -5.15 -13.80
CA LYS A 139 -18.92 -5.55 -15.08
C LYS A 139 -19.86 -4.46 -15.58
N HIS A 140 -19.29 -3.43 -16.17
CA HIS A 140 -20.14 -2.33 -16.69
C HIS A 140 -19.26 -1.20 -17.23
N LEU A 141 -18.07 -1.09 -16.71
CA LEU A 141 -17.17 -0.02 -17.19
C LEU A 141 -17.19 0.09 -18.72
N PRO A 142 -16.99 1.30 -19.23
CA PRO A 142 -16.99 1.53 -20.67
C PRO A 142 -15.95 0.66 -21.37
N GLU A 143 -16.27 0.25 -22.58
CA GLU A 143 -15.33 -0.61 -23.33
C GLU A 143 -14.03 0.14 -23.61
N ASP A 144 -13.21 -0.44 -24.45
CA ASP A 144 -11.92 0.23 -24.76
C ASP A 144 -11.26 0.76 -23.49
N GLU A 145 -11.68 0.23 -22.38
CA GLU A 145 -11.11 0.70 -21.09
C GLU A 145 -11.80 0.01 -19.93
N ASN A 146 -12.38 -1.13 -20.21
CA ASN A 146 -13.09 -1.87 -19.14
C ASN A 146 -12.21 -2.95 -18.52
N THR A 147 -10.93 -2.93 -18.84
CA THR A 147 -10.02 -3.96 -18.26
C THR A 147 -8.67 -3.33 -17.87
N PRO A 148 -8.02 -3.91 -16.88
CA PRO A 148 -6.74 -3.40 -16.42
C PRO A 148 -5.75 -3.26 -17.57
N GLU A 149 -5.66 -4.29 -18.37
CA GLU A 149 -4.72 -4.22 -19.51
C GLU A 149 -5.08 -3.06 -20.42
N LYS A 150 -6.30 -2.65 -20.38
CA LYS A 150 -6.72 -1.51 -21.24
C LYS A 150 -6.53 -0.22 -20.50
N ARG A 151 -6.80 -0.23 -19.24
CA ARG A 151 -6.64 1.00 -18.45
C ARG A 151 -5.17 1.19 -18.12
N ALA A 152 -4.46 0.09 -18.04
CA ALA A 152 -3.03 0.18 -17.72
C ALA A 152 -2.35 1.08 -18.74
N GLU A 153 -2.88 1.06 -19.95
CA GLU A 153 -2.28 1.91 -20.99
C GLU A 153 -2.60 3.37 -20.72
N LYS A 154 -3.61 3.60 -19.91
CA LYS A 154 -3.96 4.99 -19.59
C LYS A 154 -2.96 5.57 -18.62
N ILE A 155 -2.72 4.84 -17.56
CA ILE A 155 -1.76 5.31 -16.54
C ILE A 155 -0.34 5.30 -17.09
N TRP A 156 0.04 4.19 -17.67
CA TRP A 156 1.41 4.10 -18.22
C TRP A 156 1.53 5.01 -19.43
N GLY A 157 0.45 5.17 -20.14
CA GLY A 157 0.48 6.04 -21.33
C GLY A 157 0.71 7.48 -20.90
N PHE A 158 0.33 7.79 -19.69
CA PHE A 158 0.52 9.18 -19.21
C PHE A 158 2.01 9.51 -19.11
N PHE A 159 2.73 8.70 -18.40
CA PHE A 159 4.19 8.96 -18.24
C PHE A 159 4.91 8.82 -19.58
N GLY A 160 4.33 8.05 -20.48
CA GLY A 160 4.99 7.86 -21.80
C GLY A 160 6.11 6.83 -21.69
N LYS A 161 6.40 6.46 -20.47
CA LYS A 161 7.47 5.46 -20.24
C LYS A 161 7.23 4.19 -21.05
N LYS A 162 8.13 3.24 -20.92
CA LYS A 162 7.98 1.99 -21.68
C LYS A 162 9.03 0.96 -21.24
N ASP A 163 9.34 0.05 -22.13
CA ASP A 163 10.35 -0.98 -21.79
C ASP A 163 11.66 -0.33 -21.37
N ASP A 164 12.44 0.06 -22.35
CA ASP A 164 13.75 0.70 -22.03
C ASP A 164 13.52 2.10 -21.47
N ASP A 165 12.53 2.23 -20.63
CA ASP A 165 12.24 3.56 -20.03
C ASP A 165 11.50 3.41 -18.71
N LYS A 166 12.13 2.78 -17.77
CA LYS A 166 11.47 2.59 -16.44
C LYS A 166 11.34 3.91 -15.68
N LEU A 167 10.45 3.92 -14.73
CA LEU A 167 10.24 5.15 -13.93
C LEU A 167 11.13 5.11 -12.69
N THR A 168 11.71 6.23 -12.36
CA THR A 168 12.59 6.28 -11.15
C THR A 168 11.88 6.84 -9.91
N GLU A 169 12.47 6.55 -8.78
CA GLU A 169 11.89 7.03 -7.49
C GLU A 169 11.57 8.52 -7.47
N LYS A 170 12.51 9.34 -7.86
CA LYS A 170 12.23 10.81 -7.85
C LYS A 170 11.16 11.20 -8.85
N GLU A 171 11.49 11.11 -10.11
CA GLU A 171 10.49 11.48 -11.13
C GLU A 171 9.13 10.89 -10.82
N PHE A 172 9.12 9.67 -10.36
CA PHE A 172 7.83 9.03 -10.03
C PHE A 172 6.97 9.98 -9.22
N ILE A 173 7.60 10.68 -8.31
CA ILE A 173 6.84 11.61 -7.48
C ILE A 173 6.31 12.76 -8.32
N GLU A 174 7.04 13.12 -9.34
CA GLU A 174 6.57 14.22 -10.20
C GLU A 174 5.51 13.71 -11.15
N GLY A 175 5.75 12.58 -11.73
CA GLY A 175 4.76 12.02 -12.68
C GLY A 175 3.40 11.93 -11.99
N THR A 176 3.41 11.69 -10.71
CA THR A 176 2.12 11.60 -10.00
C THR A 176 1.70 12.97 -9.49
N LEU A 177 2.65 13.88 -9.40
CA LEU A 177 2.28 15.23 -8.93
C LEU A 177 1.28 15.85 -9.88
N ALA A 178 1.66 15.92 -11.13
CA ALA A 178 0.76 16.49 -12.14
C ALA A 178 -0.36 15.51 -12.45
N ASN A 179 -0.89 14.92 -11.42
CA ASN A 179 -1.98 13.93 -11.62
C ASN A 179 -3.24 14.58 -12.17
N LYS A 180 -4.20 14.80 -11.30
CA LYS A 180 -5.46 15.42 -11.73
C LYS A 180 -6.29 14.42 -12.51
N GLU A 181 -5.76 13.24 -12.60
CA GLU A 181 -6.45 12.16 -13.33
C GLU A 181 -5.73 10.85 -13.08
N ILE A 182 -4.51 10.97 -12.62
CA ILE A 182 -3.71 9.76 -12.33
C ILE A 182 -3.91 9.32 -10.90
N LEU A 183 -3.77 10.24 -9.99
CA LEU A 183 -3.94 9.88 -8.57
C LEU A 183 -5.39 9.52 -8.31
N ARG A 184 -6.28 10.32 -8.83
CA ARG A 184 -7.71 10.06 -8.63
C ARG A 184 -8.09 8.69 -9.20
N LEU A 185 -7.27 8.19 -10.08
CA LEU A 185 -7.57 6.86 -10.68
C LEU A 185 -6.85 5.73 -9.94
N ILE A 186 -5.55 5.88 -9.78
CA ILE A 186 -4.80 4.82 -9.08
C ILE A 186 -4.97 4.91 -7.57
N GLN A 187 -5.86 5.78 -7.14
CA GLN A 187 -6.09 5.92 -5.68
C GLN A 187 -6.40 4.56 -5.04
N PHE A 188 -5.38 3.88 -4.61
CA PHE A 188 -5.60 2.55 -3.99
C PHE A 188 -6.77 2.60 -3.00
N GLU A 189 -7.62 1.61 -3.07
CA GLU A 189 -8.78 1.58 -2.16
C GLU A 189 -8.32 1.56 -0.70
N MET B 1 -11.72 12.01 2.58
CA MET B 1 -12.33 12.56 3.83
C MET B 1 -12.52 11.43 4.83
N ASP B 2 -11.88 10.33 4.60
CA ASP B 2 -12.02 9.19 5.54
C ASP B 2 -10.93 8.14 5.32
N PHE B 3 -10.11 7.95 6.32
CA PHE B 3 -9.01 6.95 6.19
C PHE B 3 -8.91 6.11 7.48
N GLY B 4 -9.92 6.22 8.30
CA GLY B 4 -9.91 5.43 9.57
C GLY B 4 -10.57 4.07 9.38
N SER B 5 -11.20 3.88 8.25
CA SER B 5 -11.87 2.57 8.01
C SER B 5 -10.84 1.53 7.59
N LEU B 6 -10.19 1.77 6.51
CA LEU B 6 -9.18 0.79 6.04
C LEU B 6 -8.09 0.64 7.09
N GLU B 7 -7.77 1.74 7.70
CA GLU B 7 -6.72 1.73 8.75
C GLU B 7 -7.22 1.00 9.99
N THR B 8 -8.51 1.08 10.23
CA THR B 8 -9.06 0.39 11.41
C THR B 8 -9.07 -1.11 11.20
N VAL B 9 -8.99 -1.51 9.97
CA VAL B 9 -8.99 -2.97 9.68
C VAL B 9 -7.61 -3.58 9.85
N VAL B 10 -6.64 -2.98 9.23
CA VAL B 10 -5.30 -3.54 9.37
C VAL B 10 -4.86 -3.51 10.83
N ALA B 11 -5.30 -2.51 11.55
CA ALA B 11 -4.91 -2.43 12.99
C ALA B 11 -5.78 -3.33 13.87
N ASN B 12 -7.08 -3.34 13.62
CA ASN B 12 -7.98 -4.20 14.44
C ASN B 12 -7.81 -5.67 14.10
N SER B 13 -7.36 -5.93 12.91
CA SER B 13 -7.18 -7.33 12.53
C SER B 13 -5.95 -7.90 13.19
N ALA B 14 -4.84 -7.25 13.02
CA ALA B 14 -3.60 -7.77 13.64
C ALA B 14 -3.74 -7.71 15.17
N PHE B 15 -4.68 -6.90 15.62
CA PHE B 15 -4.91 -6.76 17.08
C PHE B 15 -5.44 -8.08 17.65
N ILE B 16 -6.45 -8.60 17.01
CA ILE B 16 -7.02 -9.90 17.49
C ILE B 16 -7.53 -10.72 16.31
N ALA A 8 11.88 -1.70 24.19
CA ALA A 8 10.80 -2.66 23.84
C ALA A 8 10.32 -2.42 22.41
N LEU A 9 9.87 -1.23 22.15
CA LEU A 9 9.37 -0.92 20.78
C LEU A 9 9.04 0.57 20.64
N SER A 10 7.78 0.90 20.88
CA SER A 10 7.31 2.34 20.79
C SER A 10 8.47 3.34 20.72
N LYS A 11 9.36 3.28 21.67
CA LYS A 11 10.49 4.24 21.66
C LYS A 11 11.17 4.23 20.30
N GLU A 12 11.46 3.05 19.81
CA GLU A 12 12.12 2.96 18.50
C GLU A 12 11.19 3.49 17.42
N ILE A 13 9.95 3.12 17.52
CA ILE A 13 8.98 3.59 16.51
C ILE A 13 8.98 5.11 16.51
N LEU A 14 8.89 5.68 17.69
CA LEU A 14 8.89 7.14 17.79
C LEU A 14 10.21 7.67 17.28
N GLU A 15 11.26 6.99 17.64
CA GLU A 15 12.59 7.44 17.18
C GLU A 15 12.49 7.64 15.69
N GLU A 16 11.57 6.93 15.10
CA GLU A 16 11.38 7.03 13.65
C GLU A 16 10.55 8.27 13.34
N LEU A 17 9.66 8.59 14.26
CA LEU A 17 8.76 9.79 14.09
C LEU A 17 8.40 10.08 12.62
N GLN A 18 9.30 10.70 11.91
CA GLN A 18 9.05 11.03 10.46
C GLN A 18 8.07 12.19 10.34
N LEU A 19 8.14 12.90 9.25
CA LEU A 19 7.21 14.05 9.07
C LEU A 19 5.77 13.56 9.02
N ASN A 20 5.25 13.21 10.16
CA ASN A 20 3.84 12.72 10.20
C ASN A 20 3.36 12.57 11.64
N THR A 21 2.08 12.74 11.84
CA THR A 21 1.53 12.61 13.21
C THR A 21 1.68 11.19 13.72
N LYS A 22 2.24 11.05 14.89
CA LYS A 22 2.42 9.69 15.46
C LYS A 22 1.21 9.31 16.31
N PHE A 23 0.24 10.18 16.35
CA PHE A 23 -0.97 9.89 17.15
C PHE A 23 -0.60 9.46 18.56
N THR A 24 0.27 10.21 19.18
CA THR A 24 0.68 9.86 20.56
C THR A 24 1.48 8.56 20.58
N GLU A 25 2.53 8.54 21.35
CA GLU A 25 3.37 7.31 21.42
C GLU A 25 2.72 6.28 22.33
N GLU A 26 1.89 6.74 23.23
CA GLU A 26 1.23 5.78 24.16
C GLU A 26 0.36 4.81 23.38
N GLU A 27 -0.34 5.33 22.40
CA GLU A 27 -1.22 4.44 21.59
C GLU A 27 -0.41 3.31 21.00
N LEU A 28 0.76 3.62 20.54
CA LEU A 28 1.61 2.57 19.95
C LEU A 28 1.89 1.49 20.98
N SER A 29 1.94 1.88 22.22
CA SER A 29 2.21 0.88 23.28
C SER A 29 1.07 -0.12 23.34
N SER A 30 -0.13 0.38 23.54
CA SER A 30 -1.28 -0.56 23.60
C SER A 30 -1.28 -1.47 22.38
N TRP A 31 -1.02 -0.89 21.24
CA TRP A 31 -1.00 -1.69 19.99
C TRP A 31 -0.07 -2.89 20.17
N TYR A 32 1.15 -2.61 20.55
CA TYR A 32 2.13 -3.71 20.76
C TYR A 32 1.53 -4.84 21.59
N GLN A 33 0.86 -4.49 22.65
CA GLN A 33 0.24 -5.53 23.50
C GLN A 33 -0.87 -6.25 22.76
N SER A 34 -1.72 -5.49 22.13
CA SER A 34 -2.83 -6.10 21.37
C SER A 34 -2.32 -6.90 20.19
N PHE A 35 -1.28 -6.43 19.55
CA PHE A 35 -0.74 -7.17 18.40
C PHE A 35 -0.05 -8.44 18.86
N LEU A 36 0.48 -8.40 20.04
CA LEU A 36 1.18 -9.60 20.58
C LEU A 36 0.18 -10.73 20.80
N LYS A 37 -0.98 -10.39 21.28
CA LYS A 37 -1.99 -11.44 21.52
C LYS A 37 -2.22 -12.27 20.28
N GLU A 38 -2.27 -11.63 19.14
CA GLU A 38 -2.49 -12.38 17.88
C GLU A 38 -1.25 -13.18 17.50
N CYS A 39 -0.11 -12.70 17.91
CA CYS A 39 1.14 -13.42 17.57
C CYS A 39 2.25 -13.12 18.59
N PRO A 40 2.41 -14.00 19.58
CA PRO A 40 3.44 -13.81 20.60
C PRO A 40 4.83 -13.87 19.99
N SER A 41 4.88 -13.88 18.68
CA SER A 41 6.19 -13.93 18.00
C SER A 41 6.68 -12.52 17.66
N GLY A 42 6.29 -12.05 16.50
CA GLY A 42 6.72 -10.67 16.09
C GLY A 42 6.79 -10.56 14.57
N ARG A 43 7.92 -10.94 14.01
CA ARG A 43 8.07 -10.86 12.54
C ARG A 43 6.81 -11.32 11.81
N ILE A 44 6.11 -10.38 11.22
CA ILE A 44 4.87 -10.74 10.49
C ILE A 44 5.21 -11.28 9.10
N THR A 45 4.59 -12.36 8.74
CA THR A 45 4.86 -12.95 7.40
C THR A 45 3.85 -12.48 6.36
N ARG A 46 4.22 -12.60 5.11
CA ARG A 46 3.32 -12.16 4.00
C ARG A 46 1.95 -12.83 4.09
N GLN A 47 1.91 -14.11 3.83
CA GLN A 47 0.62 -14.86 3.88
C GLN A 47 -0.30 -14.32 4.98
N GLU A 48 0.23 -14.09 6.13
CA GLU A 48 -0.63 -13.58 7.22
C GLU A 48 -1.25 -12.25 6.84
N PHE A 49 -0.43 -11.31 6.45
CA PHE A 49 -1.00 -9.99 6.08
C PHE A 49 -2.14 -10.21 5.10
N GLN A 50 -2.01 -11.23 4.29
CA GLN A 50 -3.07 -11.50 3.32
C GLN A 50 -4.32 -11.91 4.08
N THR A 51 -4.12 -12.50 5.24
CA THR A 51 -5.29 -12.93 6.04
C THR A 51 -6.06 -11.71 6.50
N ILE A 52 -5.34 -10.69 6.86
CA ILE A 52 -5.99 -9.45 7.33
C ILE A 52 -6.90 -8.88 6.26
N TYR A 53 -6.34 -8.62 5.11
CA TYR A 53 -7.15 -8.05 4.02
C TYR A 53 -8.19 -9.03 3.50
N SER A 54 -8.07 -10.27 3.89
CA SER A 54 -9.04 -11.29 3.42
C SER A 54 -10.12 -11.53 4.48
N LYS A 55 -9.91 -10.97 5.66
CA LYS A 55 -10.91 -11.17 6.75
C LYS A 55 -11.66 -9.88 7.12
N PHE A 56 -11.18 -8.74 6.68
CA PHE A 56 -11.89 -7.46 7.03
C PHE A 56 -12.71 -6.87 5.87
N PHE A 57 -12.04 -6.53 4.80
CA PHE A 57 -12.77 -5.95 3.62
C PHE A 57 -14.13 -6.66 3.44
N PRO A 58 -15.11 -5.91 2.92
CA PRO A 58 -16.46 -6.44 2.69
C PRO A 58 -16.45 -7.86 2.16
N GLU A 59 -16.20 -8.01 0.91
CA GLU A 59 -16.19 -9.37 0.33
C GLU A 59 -15.34 -9.46 -0.91
N ALA A 60 -14.68 -8.38 -1.23
CA ALA A 60 -13.84 -8.38 -2.41
C ALA A 60 -12.69 -9.35 -2.21
N ASP A 61 -11.66 -9.20 -3.01
CA ASP A 61 -10.50 -10.11 -2.88
C ASP A 61 -9.18 -9.33 -2.94
N PRO A 62 -9.06 -8.33 -2.09
CA PRO A 62 -7.87 -7.50 -2.04
C PRO A 62 -6.68 -8.34 -1.60
N LYS A 63 -6.89 -9.62 -1.52
CA LYS A 63 -5.78 -10.50 -1.10
C LYS A 63 -4.55 -10.25 -1.93
N ALA A 64 -4.69 -10.35 -3.22
CA ALA A 64 -3.53 -10.11 -4.09
C ALA A 64 -2.88 -8.79 -3.74
N TYR A 65 -3.69 -7.81 -3.47
CA TYR A 65 -3.12 -6.50 -3.12
C TYR A 65 -2.28 -6.61 -1.86
N ALA A 66 -2.91 -6.93 -0.75
CA ALA A 66 -2.13 -7.05 0.52
C ALA A 66 -0.84 -7.83 0.30
N GLN A 67 -0.83 -8.71 -0.65
CA GLN A 67 0.42 -9.46 -0.85
C GLN A 67 1.43 -8.52 -1.47
N HIS A 68 0.94 -7.60 -2.25
CA HIS A 68 1.84 -6.64 -2.89
C HIS A 68 2.30 -5.63 -1.83
N VAL A 69 1.35 -5.10 -1.08
CA VAL A 69 1.73 -4.11 -0.02
C VAL A 69 2.89 -4.69 0.78
N PHE A 70 2.92 -6.00 0.89
CA PHE A 70 3.99 -6.66 1.64
C PHE A 70 5.32 -6.43 0.93
N ARG A 71 5.40 -6.90 -0.28
CA ARG A 71 6.66 -6.71 -1.04
C ARG A 71 6.98 -5.23 -1.15
N SER A 72 5.97 -4.41 -1.03
CA SER A 72 6.21 -2.95 -1.14
C SER A 72 7.09 -2.45 -0.01
N PHE A 73 6.80 -2.89 1.22
CA PHE A 73 7.65 -2.42 2.36
C PHE A 73 8.25 -3.56 3.18
N ASP A 74 8.13 -4.78 2.69
CA ASP A 74 8.71 -5.91 3.49
C ASP A 74 10.11 -6.16 3.04
N ALA A 75 10.25 -6.37 1.79
CA ALA A 75 11.59 -6.62 1.24
C ALA A 75 12.40 -5.35 1.38
N ASN A 76 11.86 -4.44 2.16
CA ASN A 76 12.54 -3.17 2.40
C ASN A 76 13.80 -3.37 3.22
N SER A 77 14.76 -4.05 2.64
CA SER A 77 16.01 -4.30 3.38
C SER A 77 15.68 -4.77 4.79
N ASP A 78 15.15 -5.95 4.88
CA ASP A 78 14.80 -6.50 6.21
C ASP A 78 14.66 -8.01 6.19
N GLY A 79 13.72 -8.48 5.40
CA GLY A 79 13.50 -9.96 5.30
C GLY A 79 12.07 -10.31 5.75
N THR A 80 11.64 -9.68 6.81
CA THR A 80 10.27 -9.93 7.33
C THR A 80 9.66 -8.64 7.82
N LEU A 81 8.39 -8.61 7.94
CA LEU A 81 7.74 -7.38 8.41
C LEU A 81 7.69 -7.32 9.93
N ASP A 82 8.60 -6.57 10.50
CA ASP A 82 8.62 -6.46 11.97
C ASP A 82 7.49 -5.57 12.43
N PHE A 83 7.12 -5.66 13.67
CA PHE A 83 6.01 -4.80 14.13
C PHE A 83 6.26 -3.33 13.80
N LYS A 84 7.46 -2.88 14.01
CA LYS A 84 7.75 -1.47 13.70
C LYS A 84 7.25 -1.11 12.30
N GLU A 85 7.59 -1.92 11.34
CA GLU A 85 7.14 -1.63 9.96
C GLU A 85 5.62 -1.63 9.87
N TYR A 86 4.99 -2.47 10.67
CA TYR A 86 3.51 -2.54 10.65
C TYR A 86 2.91 -1.19 11.02
N VAL A 87 3.51 -0.52 11.98
CA VAL A 87 2.96 0.80 12.38
C VAL A 87 3.19 1.82 11.27
N ILE A 88 4.30 1.68 10.58
CA ILE A 88 4.59 2.64 9.47
C ILE A 88 3.50 2.62 8.42
N ALA A 89 3.04 1.43 8.10
CA ALA A 89 1.96 1.33 7.08
C ALA A 89 0.68 1.96 7.59
N LEU A 90 0.32 1.64 8.80
CA LEU A 90 -0.92 2.22 9.37
C LEU A 90 -0.70 3.68 9.75
N HIS A 91 0.55 4.05 9.90
CA HIS A 91 0.86 5.45 10.28
C HIS A 91 0.93 6.32 9.03
N MET A 92 1.01 5.68 7.89
CA MET A 92 1.08 6.45 6.63
C MET A 92 -0.30 6.60 6.01
N THR A 93 -0.99 5.50 5.92
CA THR A 93 -2.35 5.55 5.33
C THR A 93 -3.21 6.60 6.02
N SER A 94 -2.69 7.14 7.10
CA SER A 94 -3.44 8.19 7.84
C SER A 94 -2.64 9.48 7.91
N ALA A 95 -1.56 9.45 8.63
CA ALA A 95 -0.72 10.68 8.74
C ALA A 95 0.13 10.85 7.49
N GLY A 96 -0.35 11.64 6.57
CA GLY A 96 0.42 11.86 5.32
C GLY A 96 0.17 13.28 4.79
N LYS A 97 -0.89 13.43 4.04
CA LYS A 97 -1.20 14.77 3.48
C LYS A 97 0.01 15.35 2.75
N THR A 98 0.07 16.65 2.67
CA THR A 98 1.21 17.31 1.98
C THR A 98 2.54 16.60 2.25
N ASN A 99 2.76 16.21 3.48
CA ASN A 99 4.04 15.52 3.80
C ASN A 99 4.35 14.45 2.76
N GLN A 100 5.60 14.05 2.71
CA GLN A 100 6.01 13.01 1.73
C GLN A 100 5.24 11.71 1.93
N LYS A 101 5.14 10.94 0.88
CA LYS A 101 4.42 9.65 0.96
C LYS A 101 4.52 8.92 -0.39
N LEU A 102 4.57 9.69 -1.44
CA LEU A 102 4.67 9.07 -2.78
C LEU A 102 5.82 8.08 -2.82
N GLU A 103 6.94 8.47 -2.26
CA GLU A 103 8.11 7.57 -2.26
C GLU A 103 7.67 6.15 -1.91
N TRP A 104 6.80 6.05 -0.95
CA TRP A 104 6.33 4.71 -0.56
C TRP A 104 5.50 4.11 -1.69
N ALA A 105 4.74 4.96 -2.33
CA ALA A 105 3.90 4.48 -3.45
C ALA A 105 4.75 3.82 -4.54
N PHE A 106 5.87 4.44 -4.84
CA PHE A 106 6.74 3.86 -5.89
C PHE A 106 7.13 2.44 -5.52
N SER A 107 7.49 2.25 -4.29
CA SER A 107 7.88 0.89 -3.85
C SER A 107 6.81 -0.12 -4.20
N LEU A 108 5.61 0.15 -3.76
CA LEU A 108 4.51 -0.79 -4.06
C LEU A 108 4.42 -1.01 -5.57
N TYR A 109 4.12 0.03 -6.28
CA TYR A 109 4.02 -0.09 -7.75
C TYR A 109 5.19 -0.88 -8.34
N ASP A 110 6.32 -0.83 -7.67
CA ASP A 110 7.50 -1.58 -8.18
C ASP A 110 7.74 -2.86 -7.41
N VAL A 111 6.78 -3.76 -7.44
CA VAL A 111 6.97 -5.02 -6.69
C VAL A 111 7.94 -5.93 -7.43
N ASP A 112 9.03 -6.17 -6.79
CA ASP A 112 10.09 -7.04 -7.38
C ASP A 112 11.43 -6.75 -6.71
N GLY A 113 11.85 -5.51 -6.76
CA GLY A 113 13.15 -5.12 -6.14
C GLY A 113 14.17 -4.75 -7.23
N ASN A 114 13.96 -3.62 -7.86
CA ASN A 114 14.90 -3.18 -8.92
C ASN A 114 14.82 -1.68 -9.14
N GLY A 115 14.27 -1.00 -8.17
CA GLY A 115 14.14 0.48 -8.30
C GLY A 115 13.69 0.88 -9.71
N THR A 116 12.70 0.19 -10.20
CA THR A 116 12.19 0.51 -11.56
C THR A 116 10.79 -0.06 -11.77
N ILE A 117 9.93 0.73 -12.38
CA ILE A 117 8.54 0.25 -12.62
C ILE A 117 8.34 -0.13 -14.08
N SER A 118 7.63 -1.21 -14.29
CA SER A 118 7.37 -1.68 -15.68
C SER A 118 5.86 -1.73 -15.95
N LYS A 119 5.49 -1.74 -17.19
CA LYS A 119 4.04 -1.79 -17.50
C LYS A 119 3.39 -3.00 -16.85
N ASN A 120 4.09 -4.10 -16.82
CA ASN A 120 3.50 -5.30 -16.19
C ASN A 120 3.47 -5.15 -14.68
N GLU A 121 4.35 -4.32 -14.16
CA GLU A 121 4.37 -4.13 -12.69
C GLU A 121 3.17 -3.31 -12.27
N VAL A 122 2.97 -2.19 -12.92
CA VAL A 122 1.81 -1.36 -12.54
C VAL A 122 0.55 -2.17 -12.76
N LEU A 123 0.60 -3.02 -13.74
CA LEU A 123 -0.58 -3.86 -14.02
C LEU A 123 -0.89 -4.73 -12.83
N GLU A 124 0.12 -5.41 -12.31
CA GLU A 124 -0.13 -6.28 -11.15
C GLU A 124 -0.96 -5.54 -10.14
N ILE A 125 -0.56 -4.32 -9.86
CA ILE A 125 -1.34 -3.52 -8.88
C ILE A 125 -2.74 -3.29 -9.42
N VAL A 126 -2.80 -2.86 -10.66
CA VAL A 126 -4.12 -2.61 -11.27
C VAL A 126 -4.93 -3.89 -11.26
N THR A 127 -4.28 -4.97 -11.61
CA THR A 127 -4.99 -6.26 -11.62
C THR A 127 -5.47 -6.59 -10.22
N ALA A 128 -4.55 -6.58 -9.29
CA ALA A 128 -4.94 -6.88 -7.89
C ALA A 128 -5.98 -5.89 -7.43
N ILE A 129 -5.81 -4.65 -7.82
CA ILE A 129 -6.78 -3.61 -7.41
C ILE A 129 -8.17 -3.95 -7.94
N PHE A 130 -8.25 -4.26 -9.21
CA PHE A 130 -9.58 -4.60 -9.78
C PHE A 130 -10.27 -5.64 -8.91
N LYS A 131 -9.51 -6.58 -8.42
CA LYS A 131 -10.12 -7.63 -7.57
C LYS A 131 -10.74 -6.99 -6.33
N MET A 132 -9.99 -6.11 -5.71
CA MET A 132 -10.51 -5.44 -4.49
C MET A 132 -11.88 -4.83 -4.78
N ILE A 133 -12.09 -4.43 -6.01
CA ILE A 133 -13.40 -3.83 -6.37
C ILE A 133 -14.49 -4.90 -6.37
N SER A 134 -15.47 -4.71 -5.53
CA SER A 134 -16.56 -5.72 -5.47
C SER A 134 -17.32 -5.76 -6.81
N PRO A 135 -17.77 -6.95 -7.18
CA PRO A 135 -18.51 -7.13 -8.44
C PRO A 135 -19.74 -6.24 -8.49
N GLU A 136 -20.57 -6.36 -7.50
CA GLU A 136 -21.80 -5.54 -7.46
C GLU A 136 -21.51 -4.10 -7.90
N ASP A 137 -20.26 -3.71 -7.80
CA ASP A 137 -19.89 -2.32 -8.19
C ASP A 137 -19.17 -2.31 -9.54
N THR A 138 -18.44 -3.35 -9.80
CA THR A 138 -17.69 -3.42 -11.09
C THR A 138 -18.65 -3.71 -12.25
N LYS A 139 -19.77 -4.29 -11.95
CA LYS A 139 -20.75 -4.62 -13.02
C LYS A 139 -21.30 -3.35 -13.66
N HIS A 140 -21.20 -2.27 -12.95
CA HIS A 140 -21.71 -0.98 -13.51
C HIS A 140 -20.81 -0.46 -14.63
N LEU A 141 -19.61 -0.04 -14.25
CA LEU A 141 -18.61 0.51 -15.25
C LEU A 141 -19.03 0.30 -16.70
N PRO A 142 -19.92 1.16 -17.16
CA PRO A 142 -20.43 1.09 -18.52
C PRO A 142 -19.36 1.54 -19.52
N GLU A 143 -18.12 1.37 -19.14
CA GLU A 143 -17.01 1.78 -20.04
C GLU A 143 -16.26 0.56 -20.58
N ASP A 144 -15.43 0.79 -21.56
CA ASP A 144 -14.66 -0.34 -22.16
C ASP A 144 -13.30 -0.46 -21.49
N GLU A 145 -12.74 0.67 -21.13
CA GLU A 145 -11.41 0.65 -20.48
C GLU A 145 -11.53 0.13 -19.06
N ASN A 146 -12.53 -0.67 -18.85
CA ASN A 146 -12.75 -1.22 -17.50
C ASN A 146 -12.01 -2.55 -17.32
N THR A 147 -10.87 -2.69 -17.97
CA THR A 147 -10.09 -3.96 -17.84
C THR A 147 -8.68 -3.66 -17.33
N PRO A 148 -8.12 -4.60 -16.59
CA PRO A 148 -6.78 -4.43 -16.05
C PRO A 148 -5.76 -4.08 -17.13
N GLU A 149 -5.82 -4.78 -18.23
CA GLU A 149 -4.86 -4.49 -19.31
C GLU A 149 -5.23 -3.19 -20.01
N LYS A 150 -6.50 -2.92 -20.11
CA LYS A 150 -6.92 -1.67 -20.78
C LYS A 150 -6.66 -0.48 -19.88
N ARG A 151 -6.67 -0.71 -18.60
CA ARG A 151 -6.42 0.41 -17.68
C ARG A 151 -4.94 0.56 -17.46
N ALA A 152 -4.28 -0.53 -17.18
CA ALA A 152 -2.84 -0.44 -16.97
C ALA A 152 -2.23 0.26 -18.15
N GLU A 153 -2.95 0.23 -19.24
CA GLU A 153 -2.45 0.89 -20.45
C GLU A 153 -2.75 2.38 -20.39
N LYS A 154 -3.74 2.75 -19.59
CA LYS A 154 -4.08 4.19 -19.50
C LYS A 154 -3.03 4.90 -18.65
N ILE A 155 -2.54 4.22 -17.64
CA ILE A 155 -1.52 4.85 -16.77
C ILE A 155 -0.18 4.90 -17.48
N TRP A 156 0.21 3.77 -18.00
CA TRP A 156 1.52 3.71 -18.71
C TRP A 156 1.57 4.78 -19.80
N GLY A 157 0.53 4.84 -20.58
CA GLY A 157 0.50 5.87 -21.67
C GLY A 157 0.46 7.27 -21.07
N PHE A 158 -0.08 7.37 -19.87
CA PHE A 158 -0.16 8.70 -19.23
C PHE A 158 1.24 9.30 -19.07
N PHE A 159 2.09 8.58 -18.39
CA PHE A 159 3.46 9.09 -18.18
C PHE A 159 4.18 9.29 -19.52
N GLY A 160 3.81 8.50 -20.49
CA GLY A 160 4.46 8.64 -21.83
C GLY A 160 5.68 7.72 -21.90
N LYS A 161 5.42 6.45 -22.04
CA LYS A 161 6.53 5.47 -22.12
C LYS A 161 6.71 4.96 -23.55
N LYS A 162 7.94 4.69 -23.90
CA LYS A 162 8.22 4.19 -25.26
C LYS A 162 9.34 3.16 -25.22
N ASP A 163 9.14 2.05 -25.87
CA ASP A 163 10.20 1.01 -25.85
C ASP A 163 10.55 0.62 -24.42
N ASP A 164 11.77 0.89 -24.04
CA ASP A 164 12.21 0.55 -22.65
C ASP A 164 12.28 1.80 -21.78
N ASP A 165 11.15 2.38 -21.52
CA ASP A 165 11.11 3.60 -20.68
C ASP A 165 10.68 3.29 -19.25
N LYS A 166 11.50 2.58 -18.53
CA LYS A 166 11.13 2.22 -17.13
C LYS A 166 11.16 3.46 -16.25
N LEU A 167 10.24 3.51 -15.30
CA LEU A 167 10.19 4.67 -14.39
C LEU A 167 11.02 4.43 -13.15
N THR A 168 11.83 5.39 -12.81
CA THR A 168 12.70 5.24 -11.61
C THR A 168 11.99 5.74 -10.35
N GLU A 169 12.47 5.30 -9.22
CA GLU A 169 11.85 5.73 -7.95
C GLU A 169 11.75 7.25 -7.83
N LYS A 170 12.78 7.94 -8.21
CA LYS A 170 12.73 9.42 -8.11
C LYS A 170 11.84 10.03 -9.18
N GLU A 171 12.18 9.83 -10.42
CA GLU A 171 11.33 10.41 -11.49
C GLU A 171 9.87 10.06 -11.26
N PHE A 172 9.63 8.88 -10.75
CA PHE A 172 8.23 8.48 -10.50
C PHE A 172 7.51 9.61 -9.80
N ILE A 173 8.22 10.29 -8.95
CA ILE A 173 7.59 11.40 -8.22
C ILE A 173 7.52 12.61 -9.12
N GLU A 174 8.49 12.74 -9.99
CA GLU A 174 8.47 13.90 -10.90
C GLU A 174 7.47 13.65 -12.02
N GLY A 175 7.43 12.43 -12.48
CA GLY A 175 6.50 12.11 -13.58
C GLY A 175 5.10 12.53 -13.16
N THR A 176 4.85 12.51 -11.87
CA THR A 176 3.52 12.91 -11.37
C THR A 176 3.53 14.39 -11.00
N LEU A 177 4.70 14.93 -10.79
CA LEU A 177 4.78 16.36 -10.43
C LEU A 177 4.55 17.24 -11.65
N ALA A 178 5.50 17.22 -12.54
CA ALA A 178 5.36 18.05 -13.77
C ALA A 178 4.00 17.84 -14.42
N ASN A 179 3.70 16.62 -14.74
CA ASN A 179 2.40 16.33 -15.39
C ASN A 179 1.32 16.08 -14.34
N LYS A 180 0.69 17.14 -13.91
CA LYS A 180 -0.38 16.99 -12.89
C LYS A 180 -1.58 16.25 -13.47
N GLU A 181 -2.70 16.34 -12.79
CA GLU A 181 -3.91 15.66 -13.30
C GLU A 181 -3.78 14.14 -13.15
N ILE A 182 -2.56 13.66 -13.17
CA ILE A 182 -2.35 12.20 -13.03
C ILE A 182 -2.65 11.75 -11.61
N LEU A 183 -2.16 12.51 -10.66
CA LEU A 183 -2.39 12.15 -9.22
C LEU A 183 -3.78 11.54 -9.02
N ARG A 184 -4.78 12.21 -9.50
CA ARG A 184 -6.17 11.70 -9.35
C ARG A 184 -6.29 10.23 -9.78
N LEU A 185 -5.73 9.92 -10.92
CA LEU A 185 -5.82 8.51 -11.40
C LEU A 185 -4.88 7.59 -10.62
N ILE A 186 -3.61 7.75 -10.83
CA ILE A 186 -2.62 6.90 -10.11
C ILE A 186 -3.04 6.66 -8.66
N GLN A 187 -3.77 7.60 -8.11
CA GLN A 187 -4.23 7.45 -6.70
C GLN A 187 -4.67 6.03 -6.41
N PHE A 188 -3.98 5.39 -5.50
CA PHE A 188 -4.34 3.99 -5.14
C PHE A 188 -5.19 3.96 -3.87
N GLU A 189 -4.70 4.61 -2.85
CA GLU A 189 -5.46 4.62 -1.57
C GLU A 189 -6.77 5.38 -1.73
N MET B 1 -15.98 6.23 -2.00
CA MET B 1 -15.15 7.14 -1.19
C MET B 1 -14.66 6.45 0.07
N ASP B 2 -13.49 6.81 0.51
CA ASP B 2 -12.93 6.17 1.73
C ASP B 2 -11.87 7.07 2.36
N PHE B 3 -11.54 6.83 3.61
CA PHE B 3 -10.51 7.69 4.26
C PHE B 3 -9.67 6.91 5.28
N GLY B 4 -10.12 6.89 6.50
CA GLY B 4 -9.36 6.16 7.56
C GLY B 4 -9.78 4.69 7.67
N SER B 5 -10.84 4.33 7.00
CA SER B 5 -11.31 2.93 7.06
C SER B 5 -10.18 1.99 6.68
N LEU B 6 -9.22 2.51 5.97
CA LEU B 6 -8.07 1.67 5.56
C LEU B 6 -7.23 1.28 6.76
N GLU B 7 -6.96 2.25 7.58
CA GLU B 7 -6.15 1.98 8.79
C GLU B 7 -6.95 1.17 9.79
N THR B 8 -8.20 1.47 9.90
CA THR B 8 -9.05 0.73 10.85
C THR B 8 -9.13 -0.74 10.47
N VAL B 9 -8.92 -1.02 9.22
CA VAL B 9 -8.99 -2.43 8.78
C VAL B 9 -7.76 -3.21 9.15
N VAL B 10 -6.63 -2.73 8.73
CA VAL B 10 -5.39 -3.45 9.04
C VAL B 10 -5.12 -3.50 10.52
N ALA B 11 -5.20 -2.39 11.16
CA ALA B 11 -4.92 -2.36 12.61
C ALA B 11 -5.92 -3.22 13.39
N ASN B 12 -7.18 -3.13 13.05
CA ASN B 12 -8.18 -3.95 13.79
C ASN B 12 -8.07 -5.42 13.43
N SER B 13 -7.54 -5.69 12.27
CA SER B 13 -7.41 -7.10 11.86
C SER B 13 -6.24 -7.77 12.56
N ALA B 14 -5.08 -7.19 12.45
CA ALA B 14 -3.93 -7.80 13.12
C ALA B 14 -4.17 -7.84 14.61
N PHE B 15 -5.10 -7.00 15.06
CA PHE B 15 -5.41 -6.98 16.50
C PHE B 15 -6.07 -8.29 16.91
N ILE B 16 -7.28 -8.51 16.45
CA ILE B 16 -8.00 -9.76 16.80
C ILE B 16 -9.04 -10.11 15.74
N ALA A 8 11.53 1.23 25.04
CA ALA A 8 10.08 1.16 24.71
C ALA A 8 9.87 1.16 23.20
N LEU A 9 9.03 0.27 22.75
CA LEU A 9 8.75 0.19 21.28
C LEU A 9 8.28 1.53 20.75
N SER A 10 7.16 1.98 21.23
CA SER A 10 6.61 3.28 20.77
C SER A 10 7.72 4.31 20.59
N LYS A 11 8.45 4.58 21.65
CA LYS A 11 9.54 5.57 21.53
C LYS A 11 10.39 5.29 20.30
N GLU A 12 10.44 4.05 19.91
CA GLU A 12 11.25 3.70 18.72
C GLU A 12 10.53 4.18 17.48
N ILE A 13 9.36 3.64 17.28
CA ILE A 13 8.58 4.04 16.09
C ILE A 13 8.55 5.55 16.01
N LEU A 14 8.53 6.19 17.13
CA LEU A 14 8.50 7.65 17.09
C LEU A 14 9.83 8.13 16.59
N GLU A 15 10.87 7.44 16.95
CA GLU A 15 12.19 7.87 16.50
C GLU A 15 12.11 7.99 14.99
N GLU A 16 11.20 7.22 14.44
CA GLU A 16 11.00 7.23 12.98
C GLU A 16 9.97 8.29 12.61
N LEU A 17 9.31 8.84 13.62
CA LEU A 17 8.27 9.89 13.36
C LEU A 17 8.74 10.92 12.33
N GLN A 18 9.97 10.84 11.94
CA GLN A 18 10.48 11.81 10.93
C GLN A 18 9.82 11.57 9.59
N LEU A 19 9.55 12.63 8.88
CA LEU A 19 8.90 12.47 7.56
C LEU A 19 7.46 11.97 7.73
N ASN A 20 7.26 11.16 8.73
CA ASN A 20 5.90 10.62 8.98
C ASN A 20 5.19 11.45 10.05
N THR A 21 4.16 10.87 10.63
CA THR A 21 3.41 11.61 11.67
C THR A 21 2.57 10.65 12.51
N LYS A 22 3.00 10.44 13.73
CA LYS A 22 2.24 9.52 14.62
C LYS A 22 1.09 10.24 15.28
N PHE A 23 -0.09 9.70 15.12
CA PHE A 23 -1.27 10.34 15.74
C PHE A 23 -0.97 10.75 17.17
N THR A 24 -0.47 9.82 17.93
CA THR A 24 -0.14 10.13 19.34
C THR A 24 0.77 9.04 19.92
N GLU A 25 1.96 9.43 20.29
CA GLU A 25 2.91 8.45 20.86
C GLU A 25 2.19 7.52 21.84
N GLU A 26 1.07 7.95 22.33
CA GLU A 26 0.31 7.10 23.28
C GLU A 26 -0.49 6.05 22.54
N GLU A 27 -1.02 6.44 21.41
CA GLU A 27 -1.82 5.47 20.61
C GLU A 27 -0.96 4.29 20.19
N LEU A 28 0.21 4.58 19.72
CA LEU A 28 1.10 3.47 19.28
C LEU A 28 1.35 2.52 20.44
N SER A 29 1.27 3.04 21.64
CA SER A 29 1.49 2.18 22.81
C SER A 29 0.38 1.16 22.94
N SER A 30 -0.82 1.64 23.09
CA SER A 30 -1.96 0.70 23.22
C SER A 30 -1.90 -0.31 22.09
N TRP A 31 -1.47 0.14 20.94
CA TRP A 31 -1.39 -0.78 19.78
C TRP A 31 -0.37 -1.88 20.10
N TYR A 32 0.85 -1.48 20.31
CA TYR A 32 1.91 -2.47 20.64
C TYR A 32 1.38 -3.52 21.61
N GLN A 33 0.61 -3.08 22.56
CA GLN A 33 0.07 -4.05 23.54
C GLN A 33 -1.04 -4.88 22.91
N SER A 34 -1.76 -4.26 22.02
CA SER A 34 -2.87 -4.96 21.34
C SER A 34 -2.34 -6.03 20.39
N PHE A 35 -1.34 -5.68 19.62
CA PHE A 35 -0.80 -6.69 18.69
C PHE A 35 -0.11 -7.80 19.47
N LEU A 36 0.42 -7.45 20.60
CA LEU A 36 1.10 -8.46 21.44
C LEU A 36 0.14 -9.58 21.81
N LYS A 37 -1.03 -9.21 22.26
CA LYS A 37 -2.01 -10.25 22.64
C LYS A 37 -2.24 -11.22 21.49
N GLU A 38 -2.19 -10.70 20.28
CA GLU A 38 -2.39 -11.57 19.10
C GLU A 38 -1.15 -12.41 18.82
N CYS A 39 -0.01 -11.84 19.04
CA CYS A 39 1.25 -12.57 18.80
C CYS A 39 2.38 -12.04 19.68
N PRO A 40 2.62 -12.70 20.80
CA PRO A 40 3.68 -12.28 21.73
C PRO A 40 5.04 -12.34 21.05
N SER A 41 5.06 -12.73 19.81
CA SER A 41 6.35 -12.81 19.09
C SER A 41 6.80 -11.42 18.64
N GLY A 42 6.22 -10.94 17.57
CA GLY A 42 6.59 -9.59 17.07
C GLY A 42 6.72 -9.62 15.54
N ARG A 43 6.96 -10.79 15.00
CA ARG A 43 7.11 -10.91 13.53
C ARG A 43 5.82 -11.43 12.89
N ILE A 44 5.48 -10.88 11.75
CA ILE A 44 4.25 -11.31 11.03
C ILE A 44 4.61 -11.96 9.70
N THR A 45 4.12 -13.15 9.50
CA THR A 45 4.41 -13.87 8.23
C THR A 45 3.56 -13.35 7.08
N ARG A 46 3.99 -13.60 5.88
CA ARG A 46 3.22 -13.14 4.70
C ARG A 46 1.85 -13.78 4.65
N GLN A 47 1.83 -15.08 4.43
CA GLN A 47 0.53 -15.79 4.36
C GLN A 47 -0.42 -15.30 5.44
N GLU A 48 0.09 -15.11 6.62
CA GLU A 48 -0.79 -14.64 7.70
C GLU A 48 -1.45 -13.33 7.29
N PHE A 49 -0.64 -12.39 6.88
CA PHE A 49 -1.23 -11.10 6.47
C PHE A 49 -2.39 -11.36 5.55
N GLN A 50 -2.17 -12.16 4.52
CA GLN A 50 -3.28 -12.43 3.61
C GLN A 50 -4.49 -12.86 4.42
N THR A 51 -4.23 -13.40 5.60
CA THR A 51 -5.36 -13.84 6.44
C THR A 51 -6.11 -12.63 6.96
N ILE A 52 -5.37 -11.65 7.41
CA ILE A 52 -6.03 -10.44 7.93
C ILE A 52 -6.99 -9.89 6.88
N TYR A 53 -6.48 -9.71 5.69
CA TYR A 53 -7.34 -9.18 4.60
C TYR A 53 -8.47 -10.15 4.31
N SER A 54 -8.15 -11.41 4.21
CA SER A 54 -9.20 -12.41 3.93
C SER A 54 -10.20 -12.49 5.07
N LYS A 55 -9.90 -11.85 6.17
CA LYS A 55 -10.85 -11.89 7.33
C LYS A 55 -11.79 -10.69 7.35
N PHE A 56 -11.31 -9.56 6.89
CA PHE A 56 -12.18 -8.35 6.89
C PHE A 56 -12.90 -8.16 5.56
N PHE A 57 -12.14 -7.81 4.54
CA PHE A 57 -12.76 -7.60 3.20
C PHE A 57 -13.86 -8.67 2.96
N PRO A 58 -14.89 -8.29 2.21
CA PRO A 58 -16.00 -9.19 1.92
C PRO A 58 -15.55 -10.57 1.47
N GLU A 59 -15.27 -10.71 0.22
CA GLU A 59 -14.82 -12.03 -0.28
C GLU A 59 -14.13 -11.87 -1.61
N ALA A 60 -13.63 -10.69 -1.85
CA ALA A 60 -12.93 -10.45 -3.11
C ALA A 60 -11.63 -11.24 -3.16
N ASP A 61 -10.63 -10.68 -3.77
CA ASP A 61 -9.33 -11.40 -3.85
C ASP A 61 -8.16 -10.46 -3.53
N PRO A 62 -8.21 -9.85 -2.37
CA PRO A 62 -7.17 -8.93 -1.93
C PRO A 62 -5.88 -9.69 -1.71
N LYS A 63 -5.87 -10.89 -2.15
CA LYS A 63 -4.64 -11.71 -1.98
C LYS A 63 -3.47 -11.09 -2.71
N ALA A 64 -3.76 -10.49 -3.82
CA ALA A 64 -2.68 -9.85 -4.59
C ALA A 64 -2.33 -8.52 -3.95
N TYR A 65 -3.34 -7.74 -3.67
CA TYR A 65 -3.10 -6.43 -3.05
C TYR A 65 -2.44 -6.58 -1.69
N ALA A 66 -2.80 -7.61 -0.98
CA ALA A 66 -2.19 -7.82 0.36
C ALA A 66 -0.76 -8.29 0.22
N GLN A 67 -0.53 -9.22 -0.65
CA GLN A 67 0.84 -9.71 -0.81
C GLN A 67 1.66 -8.64 -1.51
N HIS A 68 0.96 -7.80 -2.26
CA HIS A 68 1.67 -6.72 -2.97
C HIS A 68 2.23 -5.76 -1.95
N VAL A 69 1.42 -5.42 -0.98
CA VAL A 69 1.89 -4.49 0.05
C VAL A 69 3.10 -5.09 0.74
N PHE A 70 3.12 -6.39 0.82
CA PHE A 70 4.26 -7.07 1.48
C PHE A 70 5.56 -6.68 0.78
N ARG A 71 5.59 -6.88 -0.51
CA ARG A 71 6.81 -6.53 -1.26
C ARG A 71 7.01 -5.02 -1.28
N SER A 72 5.98 -4.29 -0.92
CA SER A 72 6.10 -2.81 -0.91
C SER A 72 6.84 -2.32 0.33
N PHE A 73 6.73 -3.04 1.43
CA PHE A 73 7.45 -2.57 2.64
C PHE A 73 7.97 -3.73 3.49
N ASP A 74 8.29 -4.84 2.85
CA ASP A 74 8.82 -6.00 3.62
C ASP A 74 10.06 -6.53 2.97
N ALA A 75 10.44 -5.89 1.90
CA ALA A 75 11.67 -6.34 1.21
C ALA A 75 12.83 -5.91 2.06
N ASN A 76 12.47 -5.52 3.25
CA ASN A 76 13.44 -5.08 4.23
C ASN A 76 14.34 -6.24 4.70
N SER A 77 14.68 -7.11 3.77
CA SER A 77 15.54 -8.28 4.14
C SER A 77 15.04 -8.87 5.44
N ASP A 78 13.81 -8.57 5.74
CA ASP A 78 13.20 -9.08 6.98
C ASP A 78 12.36 -10.32 6.73
N GLY A 79 11.66 -10.33 5.62
CA GLY A 79 10.80 -11.51 5.32
C GLY A 79 9.54 -11.45 6.17
N THR A 80 9.49 -10.46 7.03
CA THR A 80 8.31 -10.31 7.91
C THR A 80 8.19 -8.86 8.35
N LEU A 81 7.01 -8.51 8.80
CA LEU A 81 6.81 -7.11 9.23
C LEU A 81 6.83 -7.00 10.74
N ASP A 82 7.95 -6.59 11.26
CA ASP A 82 8.03 -6.45 12.73
C ASP A 82 6.96 -5.47 13.16
N PHE A 83 6.57 -5.51 14.39
CA PHE A 83 5.53 -4.55 14.82
C PHE A 83 5.83 -3.15 14.30
N LYS A 84 6.99 -2.65 14.63
CA LYS A 84 7.36 -1.29 14.18
C LYS A 84 7.08 -1.12 12.69
N GLU A 85 7.42 -2.12 11.92
CA GLU A 85 7.17 -2.02 10.46
C GLU A 85 5.67 -2.02 10.19
N TYR A 86 4.96 -2.81 10.95
CA TYR A 86 3.48 -2.88 10.76
C TYR A 86 2.86 -1.50 10.92
N VAL A 87 3.33 -0.75 11.87
CA VAL A 87 2.75 0.60 12.07
C VAL A 87 3.07 1.49 10.87
N ILE A 88 4.30 1.45 10.43
CA ILE A 88 4.70 2.28 9.27
C ILE A 88 3.77 2.03 8.08
N ALA A 89 3.40 0.79 7.86
CA ALA A 89 2.49 0.51 6.72
C ALA A 89 1.12 1.11 6.97
N LEU A 90 0.59 0.86 8.12
CA LEU A 90 -0.75 1.40 8.46
C LEU A 90 -0.73 2.91 8.54
N HIS A 91 0.23 3.45 9.25
CA HIS A 91 0.28 4.92 9.36
C HIS A 91 0.58 5.55 8.01
N MET A 92 1.25 4.81 7.15
CA MET A 92 1.56 5.38 5.82
C MET A 92 0.27 5.56 5.02
N THR A 93 -0.61 4.61 5.14
CA THR A 93 -1.88 4.70 4.40
C THR A 93 -2.62 6.00 4.74
N SER A 94 -1.99 6.81 5.56
CA SER A 94 -2.63 8.09 5.94
C SER A 94 -1.66 8.98 6.70
N ALA A 95 -2.03 9.35 7.91
CA ALA A 95 -1.14 10.22 8.72
C ALA A 95 -0.61 11.37 7.89
N GLY A 96 0.69 11.44 7.77
CA GLY A 96 1.30 12.55 6.97
C GLY A 96 0.53 12.76 5.67
N LYS A 97 0.09 13.97 5.45
CA LYS A 97 -0.67 14.26 4.21
C LYS A 97 0.24 14.83 3.13
N THR A 98 1.17 15.64 3.54
CA THR A 98 2.11 16.24 2.56
C THR A 98 2.58 15.20 1.55
N ASN A 99 3.00 15.65 0.40
CA ASN A 99 3.48 14.70 -0.62
C ASN A 99 4.94 14.34 -0.39
N GLN A 100 5.17 13.15 0.09
CA GLN A 100 6.57 12.71 0.35
C GLN A 100 6.66 11.19 0.38
N LYS A 101 5.70 10.56 0.99
CA LYS A 101 5.71 9.09 1.06
C LYS A 101 5.87 8.49 -0.33
N LEU A 102 5.90 9.34 -1.32
CA LEU A 102 6.06 8.85 -2.71
C LEU A 102 7.14 7.78 -2.79
N GLU A 103 8.31 8.10 -2.29
CA GLU A 103 9.40 7.09 -2.33
C GLU A 103 8.89 5.72 -1.91
N TRP A 104 7.90 5.72 -1.04
CA TRP A 104 7.34 4.43 -0.58
C TRP A 104 6.49 3.81 -1.69
N ALA A 105 5.78 4.65 -2.39
CA ALA A 105 4.93 4.13 -3.49
C ALA A 105 5.80 3.48 -4.56
N PHE A 106 6.91 4.10 -4.85
CA PHE A 106 7.81 3.53 -5.88
C PHE A 106 8.05 2.05 -5.61
N SER A 107 8.17 1.72 -4.35
CA SER A 107 8.41 0.30 -3.98
C SER A 107 7.17 -0.54 -4.25
N LEU A 108 6.03 0.01 -3.92
CA LEU A 108 4.77 -0.72 -4.15
C LEU A 108 4.63 -1.10 -5.63
N TYR A 109 5.11 -0.24 -6.49
CA TYR A 109 5.01 -0.54 -7.94
C TYR A 109 6.12 -1.47 -8.39
N ASP A 110 7.31 -1.22 -7.92
CA ASP A 110 8.46 -2.07 -8.30
C ASP A 110 8.34 -3.45 -7.65
N VAL A 111 7.25 -4.12 -7.93
CA VAL A 111 7.05 -5.46 -7.34
C VAL A 111 8.03 -6.46 -7.92
N ASP A 112 8.16 -6.48 -9.22
CA ASP A 112 9.10 -7.43 -9.86
C ASP A 112 10.41 -7.52 -9.10
N GLY A 113 10.82 -6.41 -8.51
CA GLY A 113 12.10 -6.41 -7.74
C GLY A 113 13.25 -5.88 -8.59
N ASN A 114 13.34 -4.58 -8.69
CA ASN A 114 14.43 -3.99 -9.49
C ASN A 114 14.63 -2.53 -9.13
N GLY A 115 14.40 -1.70 -10.07
CA GLY A 115 14.57 -0.23 -9.84
C GLY A 115 13.52 0.56 -10.61
N THR A 116 13.76 0.72 -11.89
CA THR A 116 12.79 1.49 -12.72
C THR A 116 11.49 0.73 -12.89
N ILE A 117 10.41 1.45 -12.96
CA ILE A 117 9.10 0.79 -13.13
C ILE A 117 8.81 0.47 -14.59
N SER A 118 7.97 -0.52 -14.79
CA SER A 118 7.62 -0.93 -16.18
C SER A 118 6.11 -0.94 -16.36
N LYS A 119 5.67 -0.88 -17.59
CA LYS A 119 4.21 -0.89 -17.84
C LYS A 119 3.58 -2.19 -17.34
N ASN A 120 4.32 -3.25 -17.40
CA ASN A 120 3.77 -4.54 -16.94
C ASN A 120 3.67 -4.56 -15.41
N GLU A 121 4.46 -3.76 -14.78
CA GLU A 121 4.42 -3.72 -13.30
C GLU A 121 3.17 -2.99 -12.82
N VAL A 122 2.96 -1.81 -13.34
CA VAL A 122 1.76 -1.07 -12.91
C VAL A 122 0.52 -1.89 -13.20
N LEU A 123 0.54 -2.57 -14.32
CA LEU A 123 -0.61 -3.42 -14.67
C LEU A 123 -1.01 -4.29 -13.48
N GLU A 124 -0.02 -4.96 -12.92
CA GLU A 124 -0.32 -5.83 -11.76
C GLU A 124 -1.01 -5.02 -10.68
N ILE A 125 -0.38 -3.94 -10.28
CA ILE A 125 -1.01 -3.11 -9.24
C ILE A 125 -2.44 -2.80 -9.62
N VAL A 126 -2.63 -2.47 -10.87
CA VAL A 126 -4.00 -2.15 -11.33
C VAL A 126 -4.85 -3.42 -11.31
N THR A 127 -4.28 -4.48 -11.83
CA THR A 127 -5.02 -5.76 -11.86
C THR A 127 -5.30 -6.20 -10.44
N ALA A 128 -4.32 -6.02 -9.59
CA ALA A 128 -4.51 -6.42 -8.17
C ALA A 128 -5.66 -5.64 -7.56
N ILE A 129 -5.61 -4.36 -7.74
CA ILE A 129 -6.69 -3.51 -7.19
C ILE A 129 -8.06 -3.96 -7.70
N PHE A 130 -8.12 -4.25 -8.97
CA PHE A 130 -9.41 -4.69 -9.55
C PHE A 130 -9.86 -5.99 -8.90
N LYS A 131 -8.92 -6.84 -8.56
CA LYS A 131 -9.30 -8.12 -7.93
C LYS A 131 -10.05 -7.84 -6.63
N MET A 132 -9.57 -6.88 -5.88
CA MET A 132 -10.23 -6.55 -4.61
C MET A 132 -11.68 -6.14 -4.89
N ILE A 133 -11.87 -5.40 -5.95
CA ILE A 133 -13.24 -4.95 -6.29
C ILE A 133 -14.10 -6.14 -6.70
N SER A 134 -15.29 -6.20 -6.18
CA SER A 134 -16.18 -7.31 -6.54
C SER A 134 -16.98 -6.99 -7.80
N PRO A 135 -17.42 -8.01 -8.49
CA PRO A 135 -18.20 -7.85 -9.71
C PRO A 135 -19.40 -6.97 -9.48
N GLU A 136 -19.97 -7.07 -8.32
CA GLU A 136 -21.15 -6.25 -8.01
C GLU A 136 -20.85 -4.77 -8.20
N ASP A 137 -19.68 -4.37 -7.77
CA ASP A 137 -19.30 -2.94 -7.92
C ASP A 137 -18.61 -2.71 -9.25
N THR A 138 -18.05 -3.75 -9.80
CA THR A 138 -17.36 -3.61 -11.10
C THR A 138 -18.34 -3.24 -12.20
N LYS A 139 -19.60 -3.21 -11.87
CA LYS A 139 -20.62 -2.85 -12.87
C LYS A 139 -20.74 -1.33 -13.02
N HIS A 140 -20.70 -0.64 -11.92
CA HIS A 140 -20.81 0.84 -11.99
C HIS A 140 -19.63 1.43 -12.76
N LEU A 141 -18.77 0.58 -13.23
CA LEU A 141 -17.59 1.07 -13.99
C LEU A 141 -18.00 1.39 -15.44
N PRO A 142 -17.24 2.28 -16.07
CA PRO A 142 -17.52 2.68 -17.46
C PRO A 142 -17.56 1.48 -18.42
N GLU A 143 -17.45 1.76 -19.69
CA GLU A 143 -17.48 0.65 -20.69
C GLU A 143 -16.08 0.21 -21.10
N ASP A 144 -15.44 0.99 -21.94
CA ASP A 144 -14.07 0.63 -22.39
C ASP A 144 -13.09 0.57 -21.22
N GLU A 145 -13.04 1.63 -20.46
CA GLU A 145 -12.10 1.65 -19.31
C GLU A 145 -12.61 0.75 -18.21
N ASN A 146 -13.26 -0.31 -18.60
CA ASN A 146 -13.80 -1.26 -17.60
C ASN A 146 -12.84 -2.42 -17.32
N THR A 147 -11.62 -2.33 -17.85
CA THR A 147 -10.65 -3.44 -17.60
C THR A 147 -9.32 -2.90 -17.09
N PRO A 148 -8.64 -3.69 -16.27
CA PRO A 148 -7.35 -3.28 -15.73
C PRO A 148 -6.37 -2.97 -16.84
N GLU A 149 -6.45 -3.73 -17.89
CA GLU A 149 -5.54 -3.49 -19.03
C GLU A 149 -5.85 -2.16 -19.67
N LYS A 150 -7.12 -1.81 -19.68
CA LYS A 150 -7.51 -0.54 -20.29
C LYS A 150 -7.03 0.63 -19.45
N ARG A 151 -7.29 0.56 -18.18
CA ARG A 151 -6.84 1.66 -17.30
C ARG A 151 -5.34 1.67 -17.22
N ALA A 152 -4.76 0.48 -17.20
CA ALA A 152 -3.30 0.41 -17.12
C ALA A 152 -2.68 1.31 -18.16
N GLU A 153 -3.34 1.43 -19.29
CA GLU A 153 -2.81 2.29 -20.34
C GLU A 153 -3.04 3.75 -19.99
N LYS A 154 -3.96 3.99 -19.09
CA LYS A 154 -4.25 5.38 -18.68
C LYS A 154 -3.13 5.89 -17.80
N ILE A 155 -2.64 5.04 -16.93
CA ILE A 155 -1.55 5.45 -16.04
C ILE A 155 -0.24 5.55 -16.81
N TRP A 156 0.10 4.48 -17.47
CA TRP A 156 1.35 4.48 -18.26
C TRP A 156 1.27 5.54 -19.35
N GLY A 157 0.07 5.82 -19.76
CA GLY A 157 -0.13 6.84 -20.82
C GLY A 157 0.03 8.23 -20.22
N PHE A 158 -0.21 8.33 -18.94
CA PHE A 158 -0.08 9.65 -18.27
C PHE A 158 1.38 10.07 -18.21
N PHE A 159 2.23 9.14 -17.85
CA PHE A 159 3.68 9.47 -17.77
C PHE A 159 4.27 9.69 -19.15
N GLY A 160 3.80 8.94 -20.11
CA GLY A 160 4.32 9.08 -21.50
C GLY A 160 5.56 8.22 -21.68
N LYS A 161 5.43 6.95 -21.33
CA LYS A 161 6.56 6.00 -21.47
C LYS A 161 6.18 4.82 -22.36
N LYS A 162 7.09 4.41 -23.20
CA LYS A 162 6.79 3.26 -24.09
C LYS A 162 7.39 1.97 -23.53
N ASP A 163 7.64 1.03 -24.39
CA ASP A 163 8.21 -0.26 -23.92
C ASP A 163 9.60 -0.03 -23.35
N ASP A 164 10.47 0.54 -24.16
CA ASP A 164 11.85 0.79 -23.68
C ASP A 164 11.91 2.12 -22.93
N ASP A 165 10.94 2.32 -22.08
CA ASP A 165 10.89 3.58 -21.29
C ASP A 165 10.61 3.28 -19.83
N LYS A 166 11.62 2.89 -19.11
CA LYS A 166 11.42 2.58 -17.67
C LYS A 166 11.40 3.86 -16.84
N LEU A 167 10.34 4.02 -16.11
CA LEU A 167 10.23 5.24 -15.28
C LEU A 167 11.15 5.13 -14.06
N THR A 168 11.87 6.19 -13.80
CA THR A 168 12.80 6.17 -12.63
C THR A 168 12.13 6.67 -11.35
N GLU A 169 12.72 6.31 -10.23
CA GLU A 169 12.16 6.74 -8.93
C GLU A 169 12.15 8.26 -8.79
N LYS A 170 13.09 8.90 -9.43
CA LYS A 170 13.14 10.38 -9.34
C LYS A 170 11.98 11.00 -10.09
N GLU A 171 12.00 10.88 -11.38
CA GLU A 171 10.89 11.47 -12.17
C GLU A 171 9.56 11.00 -11.62
N PHE A 172 9.52 9.77 -11.17
CA PHE A 172 8.27 9.25 -10.61
C PHE A 172 7.69 10.24 -9.62
N ILE A 173 8.57 10.87 -8.89
CA ILE A 173 8.09 11.85 -7.90
C ILE A 173 7.74 13.15 -8.60
N GLU A 174 8.40 13.41 -9.70
CA GLU A 174 8.12 14.64 -10.44
C GLU A 174 6.84 14.49 -11.23
N GLY A 175 6.65 13.32 -11.79
CA GLY A 175 5.42 13.09 -12.58
C GLY A 175 4.20 13.42 -11.73
N THR A 176 4.36 13.25 -10.43
CA THR A 176 3.23 13.56 -9.52
C THR A 176 3.34 14.98 -8.98
N LEU A 177 4.52 15.54 -9.06
CA LEU A 177 4.70 16.93 -8.56
C LEU A 177 4.05 17.92 -9.51
N ALA A 178 4.55 17.97 -10.71
CA ALA A 178 3.97 18.91 -11.70
C ALA A 178 2.48 18.66 -11.88
N ASN A 179 2.15 17.45 -12.23
CA ASN A 179 0.72 17.12 -12.43
C ASN A 179 0.13 16.49 -11.16
N LYS A 180 -0.46 17.31 -10.34
CA LYS A 180 -1.06 16.78 -9.09
C LYS A 180 -2.39 16.09 -9.37
N GLU A 181 -2.82 16.16 -10.61
CA GLU A 181 -4.10 15.51 -10.96
C GLU A 181 -3.92 14.02 -11.16
N ILE A 182 -2.73 13.55 -10.93
CA ILE A 182 -2.47 12.10 -11.10
C ILE A 182 -3.03 11.31 -9.91
N LEU A 183 -2.89 11.87 -8.74
CA LEU A 183 -3.41 11.17 -7.54
C LEU A 183 -4.89 10.85 -7.70
N ARG A 184 -5.66 11.87 -7.98
CA ARG A 184 -7.11 11.64 -8.15
C ARG A 184 -7.37 10.61 -9.24
N LEU A 185 -6.36 10.34 -10.02
CA LEU A 185 -6.52 9.34 -11.12
C LEU A 185 -5.90 8.01 -10.72
N ILE A 186 -4.71 8.05 -10.19
CA ILE A 186 -4.04 6.80 -9.77
C ILE A 186 -4.90 6.04 -8.75
N GLN A 187 -5.80 6.76 -8.12
CA GLN A 187 -6.70 6.12 -7.11
C GLN A 187 -5.97 5.05 -6.30
N PHE A 188 -4.70 5.27 -6.05
CA PHE A 188 -3.92 4.27 -5.27
C PHE A 188 -2.84 4.95 -4.44
N GLU A 189 -2.67 4.49 -3.24
CA GLU A 189 -1.64 5.09 -2.37
C GLU A 189 -0.24 4.67 -2.81
N MET B 1 -13.87 11.28 -0.80
CA MET B 1 -13.64 11.66 0.62
C MET B 1 -12.51 10.82 1.22
N ASP B 2 -12.44 10.81 2.52
CA ASP B 2 -11.37 10.00 3.18
C ASP B 2 -11.69 8.51 3.13
N PHE B 3 -10.78 7.73 3.64
CA PHE B 3 -11.00 6.26 3.63
C PHE B 3 -9.99 5.54 4.54
N GLY B 4 -10.14 5.76 5.82
CA GLY B 4 -9.20 5.11 6.78
C GLY B 4 -9.62 3.67 7.06
N SER B 5 -10.76 3.29 6.58
CA SER B 5 -11.24 1.91 6.81
C SER B 5 -10.11 0.93 6.54
N LEU B 6 -9.23 1.34 5.68
CA LEU B 6 -8.09 0.45 5.33
C LEU B 6 -7.26 0.20 6.56
N GLU B 7 -7.13 1.21 7.37
CA GLU B 7 -6.33 1.06 8.59
C GLU B 7 -7.11 0.27 9.60
N THR B 8 -8.40 0.39 9.54
CA THR B 8 -9.24 -0.35 10.50
C THR B 8 -9.18 -1.83 10.14
N VAL B 9 -8.72 -2.12 8.95
CA VAL B 9 -8.65 -3.53 8.52
C VAL B 9 -7.37 -4.18 9.03
N VAL B 10 -6.25 -3.62 8.67
CA VAL B 10 -4.98 -4.22 9.14
C VAL B 10 -4.73 -3.98 10.62
N ALA B 11 -5.24 -2.90 11.13
CA ALA B 11 -5.03 -2.61 12.56
C ALA B 11 -6.05 -3.31 13.47
N ASN B 12 -7.32 -3.27 13.10
CA ASN B 12 -8.34 -3.95 13.97
C ASN B 12 -8.20 -5.47 13.89
N SER B 13 -7.74 -5.94 12.75
CA SER B 13 -7.58 -7.41 12.57
C SER B 13 -6.38 -7.92 13.36
N ALA B 14 -5.26 -7.29 13.16
CA ALA B 14 -4.07 -7.73 13.90
C ALA B 14 -4.18 -7.32 15.37
N PHE B 15 -5.20 -6.54 15.66
CA PHE B 15 -5.42 -6.07 17.07
C PHE B 15 -5.93 -7.22 17.92
N ILE B 16 -7.20 -7.57 17.67
CA ILE B 16 -7.87 -8.69 18.41
C ILE B 16 -7.16 -9.02 19.72
N ALA A 8 11.82 -0.34 24.13
CA ALA A 8 10.41 0.13 24.24
C ALA A 8 9.75 0.16 22.88
N LEU A 9 10.52 -0.08 21.86
CA LEU A 9 9.95 -0.08 20.48
C LEU A 9 9.48 1.32 20.09
N SER A 10 8.51 1.82 20.81
CA SER A 10 7.98 3.18 20.50
C SER A 10 9.13 4.14 20.17
N LYS A 11 10.22 4.00 20.87
CA LYS A 11 11.37 4.89 20.61
C LYS A 11 11.94 4.64 19.23
N GLU A 12 11.85 3.42 18.79
CA GLU A 12 12.39 3.09 17.46
C GLU A 12 11.49 3.67 16.38
N ILE A 13 10.21 3.41 16.52
CA ILE A 13 9.26 3.94 15.52
C ILE A 13 9.24 5.46 15.59
N LEU A 14 9.35 5.95 16.78
CA LEU A 14 9.33 7.42 16.95
C LEU A 14 10.60 7.98 16.35
N GLU A 15 11.71 7.38 16.73
CA GLU A 15 12.99 7.87 16.19
C GLU A 15 12.89 7.87 14.69
N GLU A 16 12.05 6.99 14.20
CA GLU A 16 11.85 6.90 12.75
C GLU A 16 10.89 8.00 12.32
N LEU A 17 10.08 8.45 13.29
CA LEU A 17 9.09 9.54 13.02
C LEU A 17 8.72 9.65 11.54
N GLN A 18 9.30 10.62 10.87
CA GLN A 18 9.00 10.81 9.43
C GLN A 18 7.66 11.51 9.26
N LEU A 19 7.54 12.67 9.86
CA LEU A 19 6.28 13.43 9.76
C LEU A 19 5.14 12.68 10.44
N ASN A 20 3.99 12.69 9.84
CA ASN A 20 2.85 11.98 10.45
C ASN A 20 2.57 12.53 11.84
N THR A 21 1.49 12.08 12.44
CA THR A 21 1.14 12.56 13.81
C THR A 21 1.46 11.51 14.85
N LYS A 22 1.39 10.26 14.46
CA LYS A 22 1.69 9.18 15.43
C LYS A 22 0.76 9.25 16.63
N PHE A 23 -0.07 10.27 16.66
CA PHE A 23 -1.00 10.40 17.81
C PHE A 23 -0.24 10.66 19.09
N THR A 24 0.47 9.67 19.52
CA THR A 24 1.25 9.81 20.77
C THR A 24 2.19 8.62 20.91
N GLU A 25 3.47 8.89 20.87
CA GLU A 25 4.44 7.78 21.00
C GLU A 25 4.01 6.82 22.11
N GLU A 26 3.16 7.27 22.98
CA GLU A 26 2.69 6.40 24.07
C GLU A 26 1.73 5.33 23.53
N GLU A 27 0.92 5.72 22.59
CA GLU A 27 -0.04 4.76 22.00
C GLU A 27 0.71 3.61 21.36
N LEU A 28 1.75 3.93 20.63
CA LEU A 28 2.52 2.86 19.97
C LEU A 28 3.05 1.89 21.01
N SER A 29 3.12 2.35 22.23
CA SER A 29 3.63 1.47 23.32
C SER A 29 2.56 0.46 23.69
N SER A 30 1.43 0.96 24.14
CA SER A 30 0.35 0.03 24.52
C SER A 30 0.09 -0.94 23.38
N TRP A 31 0.25 -0.45 22.19
CA TRP A 31 0.02 -1.31 21.01
C TRP A 31 1.02 -2.46 21.02
N TYR A 32 2.27 -2.10 21.00
CA TYR A 32 3.34 -3.15 21.02
C TYR A 32 2.99 -4.28 21.97
N GLN A 33 2.35 -3.94 23.06
CA GLN A 33 1.98 -5.01 24.02
C GLN A 33 0.83 -5.83 23.49
N SER A 34 -0.10 -5.18 22.84
CA SER A 34 -1.25 -5.91 22.28
C SER A 34 -0.83 -6.76 21.09
N PHE A 35 0.01 -6.19 20.25
CA PHE A 35 0.47 -6.95 19.07
C PHE A 35 1.22 -8.20 19.51
N LEU A 36 1.92 -8.09 20.60
CA LEU A 36 2.67 -9.25 21.10
C LEU A 36 1.74 -10.37 21.53
N LYS A 37 0.73 -10.02 22.29
CA LYS A 37 -0.23 -11.06 22.75
C LYS A 37 -0.85 -11.80 21.58
N GLU A 38 -1.09 -11.09 20.51
CA GLU A 38 -1.69 -11.76 19.33
C GLU A 38 -0.82 -12.93 18.90
N CYS A 39 0.44 -12.86 19.25
CA CYS A 39 1.37 -13.95 18.89
C CYS A 39 2.74 -13.72 19.57
N PRO A 40 3.14 -14.61 20.47
CA PRO A 40 4.42 -14.47 21.16
C PRO A 40 5.58 -14.42 20.18
N SER A 41 5.31 -14.75 18.95
CA SER A 41 6.40 -14.71 17.93
C SER A 41 6.79 -13.27 17.62
N GLY A 42 5.82 -12.40 17.58
CA GLY A 42 6.13 -10.97 17.28
C GLY A 42 6.43 -10.77 15.79
N ARG A 43 5.94 -11.66 14.99
CA ARG A 43 6.19 -11.53 13.52
C ARG A 43 5.00 -12.03 12.72
N ILE A 44 4.46 -11.16 11.89
CA ILE A 44 3.30 -11.55 11.07
C ILE A 44 3.75 -11.93 9.65
N THR A 45 3.43 -13.14 9.27
CA THR A 45 3.83 -13.61 7.91
C THR A 45 2.79 -13.26 6.87
N ARG A 46 3.21 -13.26 5.63
CA ARG A 46 2.26 -12.93 4.53
C ARG A 46 0.91 -13.55 4.76
N GLN A 47 0.85 -14.86 4.66
CA GLN A 47 -0.43 -15.56 4.86
C GLN A 47 -1.21 -14.95 6.00
N GLU A 48 -0.56 -14.75 7.11
CA GLU A 48 -1.28 -14.16 8.23
C GLU A 48 -1.73 -12.76 7.88
N PHE A 49 -0.80 -11.93 7.48
CA PHE A 49 -1.20 -10.56 7.11
C PHE A 49 -2.36 -10.65 6.14
N GLN A 50 -2.23 -11.53 5.17
CA GLN A 50 -3.30 -11.68 4.20
C GLN A 50 -4.59 -12.06 4.93
N THR A 51 -4.44 -12.63 6.13
CA THR A 51 -5.66 -13.03 6.88
C THR A 51 -6.40 -11.78 7.29
N ILE A 52 -5.65 -10.75 7.60
CA ILE A 52 -6.29 -9.49 8.02
C ILE A 52 -7.11 -8.92 6.88
N TYR A 53 -6.47 -8.76 5.75
CA TYR A 53 -7.18 -8.20 4.59
C TYR A 53 -8.14 -9.21 3.99
N SER A 54 -8.07 -10.43 4.43
CA SER A 54 -8.98 -11.47 3.89
C SER A 54 -10.16 -11.69 4.82
N LYS A 55 -10.08 -11.11 6.00
CA LYS A 55 -11.20 -11.27 6.98
C LYS A 55 -12.02 -9.99 7.11
N PHE A 56 -11.42 -8.87 6.79
CA PHE A 56 -12.17 -7.58 6.90
C PHE A 56 -12.72 -7.11 5.55
N PHE A 57 -12.13 -7.60 4.48
CA PHE A 57 -12.60 -7.21 3.12
C PHE A 57 -12.94 -8.44 2.25
N PRO A 58 -13.75 -9.33 2.82
CA PRO A 58 -14.15 -10.55 2.12
C PRO A 58 -14.93 -10.24 0.84
N GLU A 59 -15.67 -9.15 0.87
CA GLU A 59 -16.46 -8.77 -0.33
C GLU A 59 -15.69 -9.05 -1.62
N ALA A 60 -14.42 -8.71 -1.61
CA ALA A 60 -13.59 -8.95 -2.81
C ALA A 60 -12.44 -9.88 -2.50
N ASP A 61 -11.36 -9.73 -3.22
CA ASP A 61 -10.19 -10.59 -2.99
C ASP A 61 -8.91 -9.77 -3.01
N PRO A 62 -8.79 -8.91 -2.02
CA PRO A 62 -7.63 -8.04 -1.90
C PRO A 62 -6.37 -8.85 -1.64
N LYS A 63 -6.49 -10.14 -1.77
CA LYS A 63 -5.32 -11.01 -1.56
C LYS A 63 -4.10 -10.43 -2.22
N ALA A 64 -4.16 -10.29 -3.51
CA ALA A 64 -3.00 -9.73 -4.23
C ALA A 64 -2.65 -8.36 -3.67
N TYR A 65 -3.66 -7.55 -3.44
CA TYR A 65 -3.40 -6.19 -2.89
C TYR A 65 -2.75 -6.29 -1.52
N ALA A 66 -3.25 -7.18 -0.70
CA ALA A 66 -2.67 -7.33 0.65
C ALA A 66 -1.25 -7.84 0.58
N GLN A 67 -1.02 -8.78 -0.29
CA GLN A 67 0.35 -9.30 -0.40
C GLN A 67 1.21 -8.33 -1.16
N HIS A 68 0.57 -7.46 -1.90
CA HIS A 68 1.33 -6.47 -2.67
C HIS A 68 1.92 -5.45 -1.72
N VAL A 69 1.11 -5.00 -0.79
CA VAL A 69 1.61 -4.01 0.18
C VAL A 69 2.76 -4.63 0.94
N PHE A 70 2.63 -5.89 1.19
CA PHE A 70 3.69 -6.60 1.91
C PHE A 70 5.03 -6.40 1.24
N ARG A 71 5.12 -6.80 0.00
CA ARG A 71 6.41 -6.61 -0.70
C ARG A 71 6.78 -5.14 -0.74
N SER A 72 5.77 -4.30 -0.70
CA SER A 72 6.04 -2.86 -0.74
C SER A 72 7.00 -2.46 0.37
N PHE A 73 6.72 -2.92 1.59
CA PHE A 73 7.64 -2.56 2.71
C PHE A 73 8.26 -3.79 3.37
N ASP A 74 7.63 -4.93 3.29
CA ASP A 74 8.28 -6.08 3.94
C ASP A 74 9.67 -6.25 3.41
N ALA A 75 9.95 -5.46 2.45
CA ALA A 75 11.28 -5.51 1.81
C ALA A 75 12.22 -4.59 2.58
N ASN A 76 11.72 -4.06 3.67
CA ASN A 76 12.55 -3.15 4.49
C ASN A 76 13.66 -3.94 5.16
N SER A 77 14.13 -4.97 4.49
CA SER A 77 15.22 -5.80 5.05
C SER A 77 14.76 -6.45 6.34
N ASP A 78 13.92 -7.45 6.21
CA ASP A 78 13.41 -8.15 7.41
C ASP A 78 12.97 -9.57 7.07
N GLY A 79 11.84 -9.65 6.41
CA GLY A 79 11.30 -10.99 6.02
C GLY A 79 9.90 -11.17 6.64
N THR A 80 9.67 -10.42 7.68
CA THR A 80 8.36 -10.49 8.38
C THR A 80 7.94 -9.11 8.83
N LEU A 81 6.69 -8.95 9.10
CA LEU A 81 6.22 -7.62 9.55
C LEU A 81 6.22 -7.50 11.06
N ASP A 82 7.23 -6.89 11.57
CA ASP A 82 7.31 -6.72 13.03
C ASP A 82 6.35 -5.62 13.41
N PHE A 83 5.77 -5.70 14.57
CA PHE A 83 4.83 -4.63 14.95
C PHE A 83 5.40 -3.26 14.65
N LYS A 84 6.69 -3.17 14.49
CA LYS A 84 7.31 -1.86 14.20
C LYS A 84 6.93 -1.40 12.79
N GLU A 85 7.48 -2.06 11.80
CA GLU A 85 7.16 -1.68 10.42
C GLU A 85 5.66 -1.77 10.21
N TYR A 86 5.02 -2.58 11.02
CA TYR A 86 3.56 -2.74 10.89
C TYR A 86 2.88 -1.40 11.14
N VAL A 87 3.30 -0.71 12.18
CA VAL A 87 2.67 0.62 12.47
C VAL A 87 2.91 1.56 11.30
N ILE A 88 4.14 1.59 10.83
CA ILE A 88 4.47 2.49 9.70
C ILE A 88 3.42 2.36 8.59
N ALA A 89 2.99 1.15 8.34
CA ALA A 89 1.97 0.96 7.27
C ALA A 89 0.63 1.52 7.71
N LEU A 90 0.32 1.31 8.96
CA LEU A 90 -0.98 1.81 9.48
C LEU A 90 -0.98 3.34 9.54
N HIS A 91 0.19 3.91 9.53
CA HIS A 91 0.29 5.38 9.57
C HIS A 91 0.01 5.98 8.20
N MET A 92 0.68 5.47 7.21
CA MET A 92 0.46 5.99 5.84
C MET A 92 -1.00 5.84 5.43
N THR A 93 -1.62 4.80 5.90
CA THR A 93 -3.05 4.59 5.54
C THR A 93 -3.93 5.74 6.06
N SER A 94 -3.30 6.72 6.64
CA SER A 94 -4.08 7.87 7.17
C SER A 94 -3.20 9.09 7.37
N ALA A 95 -2.21 8.96 8.22
CA ALA A 95 -1.31 10.12 8.47
C ALA A 95 -0.54 10.49 7.20
N GLY A 96 0.51 11.24 7.38
CA GLY A 96 1.32 11.66 6.18
C GLY A 96 0.57 12.73 5.38
N LYS A 97 0.26 13.82 6.03
CA LYS A 97 -0.45 14.90 5.32
C LYS A 97 0.30 15.32 4.06
N THR A 98 -0.44 15.78 3.09
CA THR A 98 0.21 16.20 1.82
C THR A 98 1.05 15.08 1.23
N ASN A 99 2.29 15.36 0.96
CA ASN A 99 3.17 14.31 0.38
C ASN A 99 3.82 13.48 1.49
N GLN A 100 5.09 13.23 1.34
CA GLN A 100 5.79 12.44 2.37
C GLN A 100 5.37 10.98 2.31
N LYS A 101 4.87 10.58 1.18
CA LYS A 101 4.43 9.17 1.01
C LYS A 101 4.75 8.69 -0.40
N LEU A 102 4.79 9.62 -1.31
CA LEU A 102 5.09 9.24 -2.72
C LEU A 102 6.26 8.27 -2.78
N GLU A 103 7.35 8.63 -2.17
CA GLU A 103 8.52 7.73 -2.17
C GLU A 103 8.11 6.30 -1.83
N TRP A 104 7.31 6.17 -0.80
CA TRP A 104 6.87 4.82 -0.41
C TRP A 104 5.98 4.21 -1.49
N ALA A 105 5.20 5.05 -2.10
CA ALA A 105 4.30 4.56 -3.17
C ALA A 105 5.11 3.95 -4.29
N PHE A 106 6.22 4.57 -4.61
CA PHE A 106 7.07 4.04 -5.69
C PHE A 106 7.33 2.55 -5.47
N SER A 107 7.56 2.19 -4.23
CA SER A 107 7.82 0.76 -3.93
C SER A 107 6.57 -0.07 -4.21
N LEU A 108 5.49 0.29 -3.59
CA LEU A 108 4.24 -0.47 -3.82
C LEU A 108 3.97 -0.60 -5.31
N TYR A 109 3.95 0.52 -5.99
CA TYR A 109 3.70 0.49 -7.44
C TYR A 109 4.83 -0.25 -8.16
N ASP A 110 5.82 -0.66 -7.40
CA ASP A 110 6.97 -1.39 -8.00
C ASP A 110 7.14 -2.75 -7.32
N VAL A 111 6.19 -3.62 -7.53
CA VAL A 111 6.28 -4.96 -6.91
C VAL A 111 7.64 -5.60 -7.18
N ASP A 112 8.09 -5.49 -8.40
CA ASP A 112 9.40 -6.09 -8.76
C ASP A 112 10.42 -5.79 -7.66
N GLY A 113 10.54 -4.54 -7.33
CA GLY A 113 11.52 -4.17 -6.26
C GLY A 113 12.86 -3.73 -6.87
N ASN A 114 12.97 -3.76 -8.16
CA ASN A 114 14.25 -3.35 -8.79
C ASN A 114 14.40 -1.84 -8.77
N GLY A 115 13.32 -1.21 -8.49
CA GLY A 115 13.31 0.28 -8.43
C GLY A 115 12.55 0.84 -9.63
N THR A 116 12.95 0.43 -10.79
CA THR A 116 12.27 0.92 -12.00
C THR A 116 10.95 0.19 -12.21
N ILE A 117 9.95 0.94 -12.60
CA ILE A 117 8.62 0.33 -12.83
C ILE A 117 8.42 -0.02 -14.31
N SER A 118 7.62 -1.02 -14.54
CA SER A 118 7.35 -1.45 -15.94
C SER A 118 5.86 -1.63 -16.14
N LYS A 119 5.39 -1.30 -17.31
CA LYS A 119 3.94 -1.45 -17.58
C LYS A 119 3.45 -2.78 -17.06
N ASN A 120 4.33 -3.75 -17.01
CA ASN A 120 3.91 -5.08 -16.52
C ASN A 120 3.74 -5.05 -15.01
N GLU A 121 4.51 -4.22 -14.37
CA GLU A 121 4.40 -4.13 -12.90
C GLU A 121 3.09 -3.47 -12.50
N VAL A 122 2.83 -2.31 -13.05
CA VAL A 122 1.57 -1.63 -12.70
C VAL A 122 0.41 -2.56 -13.02
N LEU A 123 0.55 -3.30 -14.08
CA LEU A 123 -0.52 -4.23 -14.46
C LEU A 123 -0.90 -5.07 -13.26
N GLU A 124 0.08 -5.63 -12.61
CA GLU A 124 -0.20 -6.46 -11.43
C GLU A 124 -1.05 -5.67 -10.45
N ILE A 125 -0.63 -4.47 -10.18
CA ILE A 125 -1.40 -3.63 -9.24
C ILE A 125 -2.83 -3.48 -9.73
N VAL A 126 -2.98 -3.03 -10.95
CA VAL A 126 -4.34 -2.87 -11.49
C VAL A 126 -5.08 -4.19 -11.43
N THR A 127 -4.38 -5.24 -11.76
CA THR A 127 -5.02 -6.57 -11.73
C THR A 127 -5.48 -6.90 -10.31
N ALA A 128 -4.59 -6.73 -9.38
CA ALA A 128 -4.95 -7.02 -7.97
C ALA A 128 -6.14 -6.19 -7.56
N ILE A 129 -6.11 -4.93 -7.90
CA ILE A 129 -7.24 -4.04 -7.54
C ILE A 129 -8.53 -4.50 -8.22
N PHE A 130 -8.44 -4.83 -9.48
CA PHE A 130 -9.66 -5.30 -10.20
C PHE A 130 -10.40 -6.35 -9.39
N LYS A 131 -9.77 -7.48 -9.18
CA LYS A 131 -10.45 -8.54 -8.40
C LYS A 131 -10.88 -7.99 -7.05
N MET A 132 -10.07 -7.11 -6.50
CA MET A 132 -10.41 -6.54 -5.18
C MET A 132 -11.69 -5.71 -5.31
N ILE A 133 -12.07 -5.44 -6.53
CA ILE A 133 -13.30 -4.65 -6.78
C ILE A 133 -14.41 -5.53 -7.33
N SER A 134 -15.34 -5.87 -6.49
CA SER A 134 -16.46 -6.74 -6.96
C SER A 134 -17.12 -6.16 -8.22
N PRO A 135 -17.73 -7.03 -9.01
CA PRO A 135 -18.40 -6.61 -10.23
C PRO A 135 -19.44 -5.54 -9.95
N GLU A 136 -20.13 -5.69 -8.86
CA GLU A 136 -21.18 -4.70 -8.53
C GLU A 136 -20.64 -3.28 -8.67
N ASP A 137 -19.34 -3.17 -8.82
CA ASP A 137 -18.72 -1.83 -8.97
C ASP A 137 -17.84 -1.78 -10.20
N THR A 138 -17.48 -2.94 -10.70
CA THR A 138 -16.63 -2.98 -11.92
C THR A 138 -17.45 -2.75 -13.16
N LYS A 139 -18.71 -3.13 -13.10
CA LYS A 139 -19.59 -2.93 -14.28
C LYS A 139 -20.01 -1.48 -14.41
N HIS A 140 -19.09 -0.58 -14.21
CA HIS A 140 -19.44 0.86 -14.31
C HIS A 140 -18.22 1.67 -14.73
N LEU A 141 -17.15 0.99 -15.05
CA LEU A 141 -15.93 1.72 -15.48
C LEU A 141 -16.09 2.26 -16.90
N PRO A 142 -15.45 3.38 -17.18
CA PRO A 142 -15.52 4.00 -18.50
C PRO A 142 -15.06 3.03 -19.59
N GLU A 143 -15.53 3.27 -20.79
CA GLU A 143 -15.13 2.37 -21.90
C GLU A 143 -13.63 2.48 -22.17
N ASP A 144 -13.16 1.70 -23.10
CA ASP A 144 -11.70 1.76 -23.41
C ASP A 144 -10.88 1.54 -22.14
N GLU A 145 -11.57 1.30 -21.05
CA GLU A 145 -10.86 1.07 -19.77
C GLU A 145 -11.68 0.17 -18.86
N ASN A 146 -12.19 -0.90 -19.42
CA ASN A 146 -13.02 -1.83 -18.60
C ASN A 146 -12.21 -3.05 -18.16
N THR A 147 -10.93 -3.05 -18.45
CA THR A 147 -10.09 -4.22 -18.04
C THR A 147 -8.70 -3.76 -17.61
N PRO A 148 -8.04 -4.62 -16.86
CA PRO A 148 -6.70 -4.33 -16.38
C PRO A 148 -5.77 -3.96 -17.53
N GLU A 149 -5.86 -4.70 -18.59
CA GLU A 149 -4.98 -4.41 -19.74
C GLU A 149 -5.32 -3.06 -20.34
N LYS A 150 -6.60 -2.76 -20.41
CA LYS A 150 -7.00 -1.46 -20.97
C LYS A 150 -6.66 -0.34 -20.01
N ARG A 151 -6.84 -0.59 -18.75
CA ARG A 151 -6.52 0.46 -17.76
C ARG A 151 -5.03 0.54 -17.58
N ALA A 152 -4.40 -0.61 -17.55
CA ALA A 152 -2.94 -0.60 -17.39
C ALA A 152 -2.35 0.33 -18.41
N GLU A 153 -3.04 0.45 -19.53
CA GLU A 153 -2.55 1.34 -20.59
C GLU A 153 -2.91 2.77 -20.24
N LYS A 154 -3.90 2.93 -19.40
CA LYS A 154 -4.30 4.30 -19.01
C LYS A 154 -3.24 4.92 -18.11
N ILE A 155 -2.66 4.10 -17.27
CA ILE A 155 -1.63 4.62 -16.36
C ILE A 155 -0.29 4.73 -17.08
N TRP A 156 0.13 3.65 -17.69
CA TRP A 156 1.42 3.69 -18.41
C TRP A 156 1.38 4.75 -19.49
N GLY A 157 0.20 4.99 -20.01
CA GLY A 157 0.04 6.01 -21.06
C GLY A 157 0.03 7.41 -20.44
N PHE A 158 -0.45 7.51 -19.22
CA PHE A 158 -0.49 8.83 -18.56
C PHE A 158 0.90 9.44 -18.52
N PHE A 159 1.89 8.61 -18.27
CA PHE A 159 3.27 9.12 -18.22
C PHE A 159 3.87 9.22 -19.62
N GLY A 160 4.04 8.08 -20.24
CA GLY A 160 4.62 8.08 -21.62
C GLY A 160 5.32 6.75 -21.89
N LYS A 161 6.60 6.74 -21.66
CA LYS A 161 7.37 5.48 -21.89
C LYS A 161 7.11 4.93 -23.29
N LYS A 162 7.93 5.31 -24.23
CA LYS A 162 7.75 4.81 -25.62
C LYS A 162 7.52 3.30 -25.64
N ASP A 163 8.61 2.57 -25.73
CA ASP A 163 8.50 1.08 -25.75
C ASP A 163 9.61 0.47 -24.93
N ASP A 164 10.63 1.26 -24.70
CA ASP A 164 11.78 0.78 -23.90
C ASP A 164 12.26 1.89 -22.99
N ASP A 165 11.42 2.29 -22.07
CA ASP A 165 11.81 3.37 -21.15
C ASP A 165 11.13 3.18 -19.79
N LYS A 166 11.82 2.51 -18.91
CA LYS A 166 11.23 2.27 -17.56
C LYS A 166 11.14 3.57 -16.77
N LEU A 167 10.29 3.58 -15.78
CA LEU A 167 10.14 4.81 -14.96
C LEU A 167 11.03 4.74 -13.73
N THR A 168 11.68 5.83 -13.43
CA THR A 168 12.58 5.86 -12.24
C THR A 168 11.88 6.46 -11.03
N GLU A 169 12.41 6.19 -9.87
CA GLU A 169 11.80 6.73 -8.62
C GLU A 169 11.67 8.25 -8.65
N LYS A 170 12.63 8.91 -9.23
CA LYS A 170 12.57 10.40 -9.28
C LYS A 170 11.48 10.86 -10.24
N GLU A 171 11.72 10.67 -11.50
CA GLU A 171 10.70 11.09 -12.49
C GLU A 171 9.32 10.65 -12.07
N PHE A 172 9.25 9.50 -11.44
CA PHE A 172 7.93 9.00 -11.01
C PHE A 172 7.21 10.08 -10.22
N ILE A 173 7.97 10.83 -9.46
CA ILE A 173 7.35 11.90 -8.68
C ILE A 173 7.09 13.10 -9.56
N GLU A 174 7.88 13.23 -10.60
CA GLU A 174 7.69 14.37 -11.50
C GLU A 174 6.50 14.11 -12.41
N GLY A 175 6.40 12.89 -12.87
CA GLY A 175 5.27 12.56 -13.77
C GLY A 175 3.97 12.97 -13.09
N THR A 176 3.99 12.97 -11.78
CA THR A 176 2.79 13.37 -11.04
C THR A 176 2.84 14.85 -10.68
N LEU A 177 4.02 15.40 -10.72
CA LEU A 177 4.16 16.84 -10.39
C LEU A 177 3.67 17.71 -11.55
N ALA A 178 3.97 17.29 -12.74
CA ALA A 178 3.53 18.08 -13.92
C ALA A 178 2.03 17.91 -14.16
N ASN A 179 1.69 16.93 -14.95
CA ASN A 179 0.25 16.71 -15.23
C ASN A 179 -0.50 16.32 -13.97
N LYS A 180 -1.41 17.16 -13.56
CA LYS A 180 -2.18 16.86 -12.33
C LYS A 180 -3.31 15.87 -12.63
N GLU A 181 -4.36 15.96 -11.87
CA GLU A 181 -5.51 15.04 -12.09
C GLU A 181 -5.05 13.58 -12.03
N ILE A 182 -3.77 13.37 -11.92
CA ILE A 182 -3.27 11.97 -11.84
C ILE A 182 -3.31 11.46 -10.41
N LEU A 183 -2.89 12.31 -9.50
CA LEU A 183 -2.87 11.92 -8.07
C LEU A 183 -4.08 11.07 -7.71
N ARG A 184 -5.21 11.38 -8.30
CA ARG A 184 -6.43 10.60 -8.02
C ARG A 184 -6.29 9.15 -8.49
N LEU A 185 -5.92 8.98 -9.73
CA LEU A 185 -5.76 7.61 -10.26
C LEU A 185 -4.59 6.89 -9.60
N ILE A 186 -3.40 7.39 -9.83
CA ILE A 186 -2.20 6.75 -9.22
C ILE A 186 -2.47 6.35 -7.78
N GLN A 187 -3.25 7.14 -7.08
CA GLN A 187 -3.55 6.81 -5.67
C GLN A 187 -4.35 5.52 -5.57
N PHE A 188 -3.70 4.49 -5.11
CA PHE A 188 -4.41 3.19 -4.98
C PHE A 188 -5.43 3.24 -3.86
N GLU A 189 -6.39 2.36 -3.90
CA GLU A 189 -7.41 2.35 -2.84
C GLU A 189 -6.81 1.94 -1.50
N MET B 1 -12.38 12.70 10.64
CA MET B 1 -11.35 12.40 9.61
C MET B 1 -11.98 11.70 8.42
N ASP B 2 -11.18 10.98 7.67
CA ASP B 2 -11.74 10.26 6.50
C ASP B 2 -10.83 9.11 6.07
N PHE B 3 -11.43 8.08 5.55
CA PHE B 3 -10.63 6.91 5.11
C PHE B 3 -9.77 6.37 6.24
N GLY B 4 -10.27 6.48 7.45
CA GLY B 4 -9.51 5.97 8.61
C GLY B 4 -9.87 4.52 8.91
N SER B 5 -10.87 4.03 8.23
CA SER B 5 -11.29 2.63 8.45
C SER B 5 -10.19 1.66 8.02
N LEU B 6 -9.46 2.04 7.02
CA LEU B 6 -8.37 1.16 6.54
C LEU B 6 -7.35 0.94 7.64
N GLU B 7 -7.04 1.99 8.32
CA GLU B 7 -6.08 1.89 9.43
C GLU B 7 -6.70 1.15 10.60
N THR B 8 -7.97 1.36 10.76
CA THR B 8 -8.69 0.69 11.86
C THR B 8 -8.80 -0.81 11.60
N VAL B 9 -8.55 -1.20 10.37
CA VAL B 9 -8.64 -2.64 10.06
C VAL B 9 -7.33 -3.36 10.30
N VAL B 10 -6.33 -2.97 9.56
CA VAL B 10 -5.02 -3.62 9.75
C VAL B 10 -4.58 -3.51 11.21
N ALA B 11 -5.06 -2.50 11.88
CA ALA B 11 -4.68 -2.33 13.29
C ALA B 11 -5.57 -3.16 14.19
N ASN B 12 -6.82 -2.85 14.23
CA ASN B 12 -7.75 -3.62 15.10
C ASN B 12 -7.47 -5.11 14.97
N SER B 13 -6.85 -5.47 13.89
CA SER B 13 -6.54 -6.91 13.67
C SER B 13 -5.27 -7.31 14.41
N ALA B 14 -4.19 -6.65 14.09
CA ALA B 14 -2.91 -6.98 14.77
C ALA B 14 -2.80 -6.19 16.09
N PHE B 15 -3.70 -5.26 16.25
CA PHE B 15 -3.71 -4.42 17.48
C PHE B 15 -4.62 -5.08 18.53
N ILE B 16 -5.90 -5.20 18.20
CA ILE B 16 -6.84 -5.82 19.17
C ILE B 16 -6.81 -5.09 20.50
N ALA A 8 10.79 -1.96 24.44
CA ALA A 8 10.16 -0.62 24.50
C ALA A 8 9.45 -0.29 23.19
N LEU A 9 10.04 -0.72 22.10
CA LEU A 9 9.44 -0.46 20.76
C LEU A 9 9.17 1.03 20.55
N SER A 10 8.09 1.50 21.15
CA SER A 10 7.73 2.95 21.00
C SER A 10 8.96 3.81 20.81
N LYS A 11 9.89 3.72 21.73
CA LYS A 11 11.12 4.54 21.60
C LYS A 11 11.68 4.44 20.20
N GLU A 12 11.81 3.25 19.71
CA GLU A 12 12.35 3.09 18.34
C GLU A 12 11.42 3.72 17.33
N ILE A 13 10.17 3.37 17.42
CA ILE A 13 9.18 3.93 16.47
C ILE A 13 9.06 5.43 16.64
N LEU A 14 9.13 5.90 17.85
CA LEU A 14 9.02 7.35 18.03
C LEU A 14 10.22 7.97 17.37
N GLU A 15 11.34 7.34 17.53
CA GLU A 15 12.55 7.88 16.92
C GLU A 15 12.32 7.96 15.42
N GLU A 16 11.45 7.10 14.96
CA GLU A 16 11.13 7.09 13.53
C GLU A 16 10.07 8.13 13.23
N LEU A 17 9.47 8.66 14.29
CA LEU A 17 8.41 9.69 14.08
C LEU A 17 8.89 10.80 13.15
N GLN A 18 10.15 10.73 12.76
CA GLN A 18 10.68 11.78 11.85
C GLN A 18 9.85 11.85 10.57
N LEU A 19 9.78 10.76 9.86
CA LEU A 19 9.00 10.75 8.61
C LEU A 19 7.61 11.31 8.85
N ASN A 20 6.95 10.79 9.86
CA ASN A 20 5.58 11.25 10.17
C ASN A 20 5.39 11.41 11.68
N THR A 21 4.70 12.46 12.07
CA THR A 21 4.48 12.68 13.51
C THR A 21 3.38 11.76 14.04
N LYS A 22 3.77 10.76 14.79
CA LYS A 22 2.75 9.83 15.34
C LYS A 22 1.74 10.57 16.19
N PHE A 23 0.50 10.22 16.06
CA PHE A 23 -0.55 10.90 16.87
C PHE A 23 -0.09 11.08 18.30
N THR A 24 0.05 10.00 18.98
CA THR A 24 0.51 10.08 20.39
C THR A 24 1.27 8.81 20.75
N GLU A 25 2.52 8.98 21.09
CA GLU A 25 3.33 7.79 21.46
C GLU A 25 2.53 6.86 22.37
N GLU A 26 1.53 7.40 23.00
CA GLU A 26 0.71 6.56 23.90
C GLU A 26 -0.23 5.70 23.06
N GLU A 27 -0.72 6.27 22.00
CA GLU A 27 -1.64 5.50 21.13
C GLU A 27 -0.92 4.27 20.59
N LEU A 28 0.31 4.45 20.20
CA LEU A 28 1.07 3.30 19.67
C LEU A 28 1.27 2.26 20.75
N SER A 29 1.18 2.69 21.97
CA SER A 29 1.36 1.74 23.09
C SER A 29 0.16 0.81 23.19
N SER A 30 -1.00 1.38 23.33
CA SER A 30 -2.20 0.52 23.44
C SER A 30 -2.19 -0.46 22.29
N TRP A 31 -1.78 0.02 21.15
CA TRP A 31 -1.72 -0.85 19.97
C TRP A 31 -0.74 -1.97 20.24
N TYR A 32 0.51 -1.60 20.36
CA TYR A 32 1.56 -2.60 20.62
C TYR A 32 1.09 -3.66 21.62
N GLN A 33 0.24 -3.27 22.52
CA GLN A 33 -0.26 -4.26 23.51
C GLN A 33 -1.29 -5.19 22.87
N SER A 34 -2.22 -4.61 22.16
CA SER A 34 -3.24 -5.44 21.50
C SER A 34 -2.63 -6.23 20.34
N PHE A 35 -1.68 -5.63 19.69
CA PHE A 35 -1.04 -6.34 18.54
C PHE A 35 -0.19 -7.48 19.06
N LEU A 36 0.33 -7.31 20.25
CA LEU A 36 1.17 -8.37 20.83
C LEU A 36 0.34 -9.61 21.13
N LYS A 37 -0.82 -9.39 21.68
CA LYS A 37 -1.71 -10.52 22.02
C LYS A 37 -1.88 -11.47 20.84
N GLU A 38 -2.01 -10.93 19.66
CA GLU A 38 -2.17 -11.80 18.48
C GLU A 38 -0.84 -12.41 18.05
N CYS A 39 0.21 -11.66 18.21
CA CYS A 39 1.54 -12.16 17.82
C CYS A 39 2.60 -11.74 18.86
N PRO A 40 2.76 -12.55 19.89
CA PRO A 40 3.73 -12.27 20.94
C PRO A 40 5.16 -12.25 20.39
N SER A 41 5.28 -12.41 19.10
CA SER A 41 6.63 -12.40 18.49
C SER A 41 7.00 -11.00 18.02
N GLY A 42 6.44 -10.61 16.90
CA GLY A 42 6.74 -9.24 16.37
C GLY A 42 6.92 -9.30 14.85
N ARG A 43 7.64 -10.28 14.39
CA ARG A 43 7.88 -10.41 12.94
C ARG A 43 6.65 -10.99 12.23
N ILE A 44 5.97 -10.15 11.48
CA ILE A 44 4.75 -10.63 10.76
C ILE A 44 5.17 -11.31 9.46
N THR A 45 4.44 -12.34 9.09
CA THR A 45 4.76 -13.06 7.83
C THR A 45 3.76 -12.72 6.74
N ARG A 46 4.14 -12.92 5.51
CA ARG A 46 3.21 -12.62 4.40
C ARG A 46 1.91 -13.37 4.57
N GLN A 47 2.02 -14.64 4.84
CA GLN A 47 0.80 -15.44 5.03
C GLN A 47 -0.08 -14.83 6.10
N GLU A 48 0.53 -14.34 7.14
CA GLU A 48 -0.28 -13.74 8.21
C GLU A 48 -0.92 -12.47 7.72
N PHE A 49 -0.12 -11.54 7.26
CA PHE A 49 -0.71 -10.30 6.77
C PHE A 49 -1.85 -10.63 5.84
N GLN A 50 -1.64 -11.62 5.01
CA GLN A 50 -2.70 -12.02 4.08
C GLN A 50 -3.91 -12.48 4.87
N THR A 51 -3.66 -12.97 6.07
CA THR A 51 -4.79 -13.45 6.89
C THR A 51 -5.68 -12.28 7.29
N ILE A 52 -5.06 -11.16 7.54
CA ILE A 52 -5.84 -9.97 7.93
C ILE A 52 -6.72 -9.50 6.80
N TYR A 53 -6.12 -9.26 5.66
CA TYR A 53 -6.92 -8.79 4.51
C TYR A 53 -7.79 -9.91 3.94
N SER A 54 -7.50 -11.12 4.32
CA SER A 54 -8.32 -12.25 3.80
C SER A 54 -9.40 -12.61 4.79
N LYS A 55 -9.32 -12.04 5.96
CA LYS A 55 -10.32 -12.33 7.00
C LYS A 55 -11.42 -11.28 7.02
N PHE A 56 -11.07 -10.05 6.71
CA PHE A 56 -12.11 -8.98 6.71
C PHE A 56 -12.66 -8.73 5.31
N PHE A 57 -12.08 -7.75 4.62
CA PHE A 57 -12.54 -7.41 3.22
C PHE A 57 -13.33 -8.53 2.57
N PRO A 58 -14.62 -8.57 2.90
CA PRO A 58 -15.53 -9.58 2.38
C PRO A 58 -16.00 -9.25 0.97
N GLU A 59 -16.42 -8.03 0.79
CA GLU A 59 -16.90 -7.59 -0.54
C GLU A 59 -16.07 -8.17 -1.66
N ALA A 60 -14.77 -8.13 -1.50
CA ALA A 60 -13.87 -8.67 -2.56
C ALA A 60 -12.79 -9.55 -1.97
N ASP A 61 -11.75 -9.75 -2.74
CA ASP A 61 -10.62 -10.59 -2.28
C ASP A 61 -9.29 -9.90 -2.56
N PRO A 62 -9.06 -8.82 -1.85
CA PRO A 62 -7.83 -8.04 -2.00
C PRO A 62 -6.60 -8.86 -1.65
N LYS A 63 -6.74 -10.16 -1.69
CA LYS A 63 -5.58 -11.02 -1.36
C LYS A 63 -4.36 -10.61 -2.17
N ALA A 64 -4.53 -10.51 -3.46
CA ALA A 64 -3.40 -10.11 -4.31
C ALA A 64 -2.86 -8.75 -3.89
N TYR A 65 -3.75 -7.81 -3.71
CA TYR A 65 -3.29 -6.47 -3.30
C TYR A 65 -2.69 -6.50 -1.91
N ALA A 66 -3.18 -7.40 -1.10
CA ALA A 66 -2.65 -7.49 0.28
C ALA A 66 -1.25 -8.07 0.27
N GLN A 67 -1.05 -9.09 -0.52
CA GLN A 67 0.29 -9.69 -0.57
C GLN A 67 1.23 -8.77 -1.33
N HIS A 68 0.65 -7.82 -2.01
CA HIS A 68 1.47 -6.87 -2.78
C HIS A 68 2.04 -5.82 -1.83
N VAL A 69 1.16 -5.21 -1.08
CA VAL A 69 1.62 -4.17 -0.12
C VAL A 69 2.75 -4.74 0.72
N PHE A 70 2.61 -5.99 1.08
CA PHE A 70 3.66 -6.64 1.89
C PHE A 70 4.96 -6.72 1.11
N ARG A 71 4.91 -7.40 0.01
CA ARG A 71 6.14 -7.52 -0.82
C ARG A 71 6.66 -6.16 -1.25
N SER A 72 5.91 -5.12 -0.99
CA SER A 72 6.38 -3.78 -1.39
C SER A 72 7.14 -3.05 -0.29
N PHE A 73 6.56 -2.99 0.90
CA PHE A 73 7.28 -2.27 2.00
C PHE A 73 7.97 -3.23 2.99
N ASP A 74 7.46 -4.43 3.16
CA ASP A 74 8.17 -5.34 4.11
C ASP A 74 9.44 -5.78 3.49
N ALA A 75 9.43 -5.74 2.23
CA ALA A 75 10.62 -6.15 1.46
C ALA A 75 11.78 -5.19 1.73
N ASN A 76 11.63 -4.40 2.76
CA ASN A 76 12.69 -3.45 3.11
C ASN A 76 13.88 -4.19 3.70
N SER A 77 14.32 -5.20 3.01
CA SER A 77 15.48 -5.98 3.51
C SER A 77 15.07 -6.69 4.77
N ASP A 78 13.97 -7.37 4.70
CA ASP A 78 13.48 -8.11 5.87
C ASP A 78 12.34 -9.05 5.48
N GLY A 79 12.69 -10.30 5.27
CA GLY A 79 11.64 -11.30 4.87
C GLY A 79 10.33 -11.04 5.63
N THR A 80 10.46 -10.64 6.87
CA THR A 80 9.25 -10.34 7.69
C THR A 80 9.31 -8.91 8.18
N LEU A 81 8.17 -8.36 8.52
CA LEU A 81 8.16 -6.95 9.01
C LEU A 81 7.76 -6.85 10.48
N ASP A 82 8.61 -6.24 11.25
CA ASP A 82 8.31 -6.10 12.69
C ASP A 82 7.20 -5.09 12.89
N PHE A 83 6.56 -5.12 14.02
CA PHE A 83 5.48 -4.15 14.25
C PHE A 83 5.93 -2.75 13.85
N LYS A 84 7.13 -2.41 14.21
CA LYS A 84 7.65 -1.07 13.85
C LYS A 84 7.38 -0.80 12.38
N GLU A 85 7.53 -1.81 11.58
CA GLU A 85 7.30 -1.63 10.13
C GLU A 85 5.81 -1.65 9.86
N TYR A 86 5.08 -2.34 10.70
CA TYR A 86 3.62 -2.42 10.50
C TYR A 86 2.97 -1.07 10.81
N VAL A 87 3.52 -0.37 11.78
CA VAL A 87 2.93 0.95 12.12
C VAL A 87 3.31 1.97 11.06
N ILE A 88 4.56 1.93 10.65
CA ILE A 88 5.02 2.87 9.61
C ILE A 88 4.10 2.80 8.39
N ALA A 89 3.72 1.60 8.03
CA ALA A 89 2.83 1.46 6.85
C ALA A 89 1.42 1.94 7.20
N LEU A 90 0.96 1.49 8.34
CA LEU A 90 -0.39 1.89 8.79
C LEU A 90 -0.45 3.39 9.04
N HIS A 91 0.66 3.94 9.47
CA HIS A 91 0.67 5.40 9.74
C HIS A 91 0.68 6.17 8.43
N MET A 92 1.22 5.55 7.42
CA MET A 92 1.27 6.22 6.10
C MET A 92 -0.13 6.43 5.55
N THR A 93 -0.87 5.36 5.43
CA THR A 93 -2.25 5.48 4.91
C THR A 93 -3.03 6.51 5.70
N SER A 94 -2.40 7.04 6.73
CA SER A 94 -3.08 8.06 7.58
C SER A 94 -2.24 9.33 7.63
N ALA A 95 -1.16 9.27 8.36
CA ALA A 95 -0.29 10.46 8.46
C ALA A 95 0.53 10.62 7.19
N GLY A 96 0.62 11.84 6.71
CA GLY A 96 1.40 12.07 5.47
C GLY A 96 2.03 13.45 5.48
N LYS A 97 1.24 14.45 5.23
CA LYS A 97 1.79 15.84 5.21
C LYS A 97 2.91 15.98 4.16
N THR A 98 2.59 15.55 2.96
CA THR A 98 3.60 15.65 1.86
C THR A 98 5.00 15.26 2.34
N ASN A 99 5.30 13.99 2.30
CA ASN A 99 6.64 13.54 2.75
C ASN A 99 7.08 12.27 2.01
N GLN A 100 7.43 11.26 2.76
CA GLN A 100 7.87 9.99 2.12
C GLN A 100 6.66 9.18 1.62
N LYS A 101 5.56 9.86 1.45
CA LYS A 101 4.34 9.16 0.97
C LYS A 101 4.49 8.69 -0.48
N LEU A 102 4.39 9.63 -1.39
CA LEU A 102 4.53 9.27 -2.82
C LEU A 102 5.67 8.28 -3.03
N GLU A 103 6.77 8.52 -2.38
CA GLU A 103 7.92 7.60 -2.53
C GLU A 103 7.53 6.16 -2.22
N TRP A 104 6.73 5.99 -1.20
CA TRP A 104 6.29 4.62 -0.84
C TRP A 104 5.45 4.02 -1.96
N ALA A 105 4.65 4.85 -2.57
CA ALA A 105 3.80 4.35 -3.66
C ALA A 105 4.64 3.71 -4.76
N PHE A 106 5.73 4.35 -5.10
CA PHE A 106 6.61 3.77 -6.15
C PHE A 106 6.95 2.33 -5.84
N SER A 107 6.99 2.01 -4.57
CA SER A 107 7.32 0.61 -4.18
C SER A 107 6.16 -0.31 -4.48
N LEU A 108 5.03 -0.04 -3.89
CA LEU A 108 3.86 -0.91 -4.14
C LEU A 108 3.60 -0.99 -5.63
N TYR A 109 3.60 0.13 -6.29
CA TYR A 109 3.35 0.09 -7.74
C TYR A 109 4.52 -0.59 -8.44
N ASP A 110 5.48 -1.02 -7.65
CA ASP A 110 6.67 -1.72 -8.21
C ASP A 110 6.89 -3.05 -7.49
N VAL A 111 6.09 -4.03 -7.82
CA VAL A 111 6.25 -5.36 -7.16
C VAL A 111 7.63 -5.96 -7.40
N ASP A 112 8.17 -5.73 -8.58
CA ASP A 112 9.52 -6.28 -8.89
C ASP A 112 10.45 -6.15 -7.69
N GLY A 113 10.19 -5.17 -6.87
CA GLY A 113 11.06 -4.97 -5.67
C GLY A 113 12.45 -4.47 -6.08
N ASN A 114 12.50 -3.73 -7.16
CA ASN A 114 13.80 -3.20 -7.63
C ASN A 114 13.84 -1.69 -7.51
N GLY A 115 14.04 -1.07 -8.62
CA GLY A 115 14.11 0.42 -8.62
C GLY A 115 13.69 0.96 -9.99
N THR A 116 12.73 0.31 -10.58
CA THR A 116 12.25 0.73 -11.91
C THR A 116 10.91 0.10 -12.24
N ILE A 117 9.94 0.92 -12.55
CA ILE A 117 8.61 0.38 -12.89
C ILE A 117 8.44 0.22 -14.39
N SER A 118 7.69 -0.80 -14.76
CA SER A 118 7.45 -1.06 -16.21
C SER A 118 5.97 -1.32 -16.45
N LYS A 119 5.55 -1.18 -17.68
CA LYS A 119 4.12 -1.42 -17.98
C LYS A 119 3.68 -2.81 -17.53
N ASN A 120 4.63 -3.68 -17.33
CA ASN A 120 4.26 -5.03 -16.89
C ASN A 120 4.05 -5.05 -15.39
N GLU A 121 4.78 -4.20 -14.71
CA GLU A 121 4.64 -4.15 -13.24
C GLU A 121 3.29 -3.56 -12.87
N VAL A 122 2.99 -2.41 -13.41
CA VAL A 122 1.69 -1.79 -13.08
C VAL A 122 0.59 -2.77 -13.44
N LEU A 123 0.71 -3.37 -14.60
CA LEU A 123 -0.32 -4.34 -15.03
C LEU A 123 -0.71 -5.25 -13.86
N GLU A 124 0.28 -5.84 -13.24
CA GLU A 124 -0.02 -6.73 -12.10
C GLU A 124 -0.83 -5.99 -11.04
N ILE A 125 -0.28 -4.91 -10.56
CA ILE A 125 -0.99 -4.14 -9.52
C ILE A 125 -2.39 -3.76 -10.00
N VAL A 126 -2.51 -3.46 -11.27
CA VAL A 126 -3.85 -3.09 -11.79
C VAL A 126 -4.78 -4.29 -11.74
N THR A 127 -4.31 -5.40 -12.25
CA THR A 127 -5.15 -6.60 -12.24
C THR A 127 -5.50 -6.97 -10.80
N ALA A 128 -4.51 -6.88 -9.95
CA ALA A 128 -4.75 -7.21 -8.54
C ALA A 128 -5.88 -6.35 -8.00
N ILE A 129 -5.76 -5.07 -8.17
CA ILE A 129 -6.83 -4.17 -7.68
C ILE A 129 -8.19 -4.58 -8.24
N PHE A 130 -8.23 -4.80 -9.55
CA PHE A 130 -9.52 -5.21 -10.16
C PHE A 130 -10.17 -6.28 -9.31
N LYS A 131 -9.36 -7.15 -8.78
CA LYS A 131 -9.92 -8.22 -7.93
C LYS A 131 -10.55 -7.61 -6.69
N MET A 132 -9.78 -6.81 -5.99
CA MET A 132 -10.33 -6.16 -4.78
C MET A 132 -11.69 -5.53 -5.08
N ILE A 133 -11.97 -5.39 -6.37
CA ILE A 133 -13.26 -4.78 -6.78
C ILE A 133 -14.16 -5.84 -7.41
N SER A 134 -14.98 -6.46 -6.61
CA SER A 134 -15.89 -7.50 -7.14
C SER A 134 -16.50 -7.05 -8.49
N PRO A 135 -16.71 -8.00 -9.39
CA PRO A 135 -17.29 -7.70 -10.70
C PRO A 135 -18.59 -6.95 -10.55
N GLU A 136 -19.37 -7.34 -9.57
CA GLU A 136 -20.66 -6.67 -9.37
C GLU A 136 -20.49 -5.15 -9.37
N ASP A 137 -19.42 -4.70 -8.79
CA ASP A 137 -19.18 -3.23 -8.74
C ASP A 137 -18.28 -2.78 -9.88
N THR A 138 -17.89 -3.72 -10.70
CA THR A 138 -17.01 -3.35 -11.84
C THR A 138 -17.83 -2.94 -13.06
N LYS A 139 -19.11 -3.17 -12.99
CA LYS A 139 -20.00 -2.80 -14.13
C LYS A 139 -20.42 -1.35 -14.03
N HIS A 140 -20.05 -0.71 -12.97
CA HIS A 140 -20.43 0.72 -12.80
C HIS A 140 -19.38 1.63 -13.41
N LEU A 141 -18.36 1.03 -13.96
CA LEU A 141 -17.29 1.84 -14.60
C LEU A 141 -17.71 2.28 -16.00
N PRO A 142 -17.21 3.43 -16.43
CA PRO A 142 -17.55 3.96 -17.76
C PRO A 142 -17.20 2.94 -18.85
N GLU A 143 -18.21 2.37 -19.44
CA GLU A 143 -17.97 1.38 -20.51
C GLU A 143 -17.05 1.94 -21.58
N ASP A 144 -15.83 1.49 -21.57
CA ASP A 144 -14.85 1.98 -22.58
C ASP A 144 -13.49 1.34 -22.36
N GLU A 145 -12.86 1.70 -21.27
CA GLU A 145 -11.53 1.13 -20.95
C GLU A 145 -11.38 0.94 -19.46
N ASN A 146 -12.23 0.13 -18.89
CA ASN A 146 -12.17 -0.12 -17.44
C ASN A 146 -11.50 -1.45 -17.12
N THR A 147 -10.89 -2.05 -18.10
CA THR A 147 -10.21 -3.35 -17.86
C THR A 147 -8.74 -3.12 -17.54
N PRO A 148 -8.09 -4.15 -17.05
CA PRO A 148 -6.69 -4.06 -16.68
C PRO A 148 -5.85 -3.67 -17.89
N GLU A 149 -5.80 -4.53 -18.87
CA GLU A 149 -5.00 -4.20 -20.06
C GLU A 149 -5.40 -2.84 -20.60
N LYS A 150 -6.68 -2.55 -20.52
CA LYS A 150 -7.15 -1.24 -21.02
C LYS A 150 -6.68 -0.13 -20.09
N ARG A 151 -6.96 -0.27 -18.84
CA ARG A 151 -6.52 0.77 -17.89
C ARG A 151 -5.02 0.82 -17.83
N ALA A 152 -4.40 -0.33 -17.91
CA ALA A 152 -2.93 -0.36 -17.86
C ALA A 152 -2.36 0.59 -18.88
N GLU A 153 -3.07 0.75 -19.96
CA GLU A 153 -2.58 1.68 -21.00
C GLU A 153 -2.93 3.11 -20.64
N LYS A 154 -3.88 3.27 -19.75
CA LYS A 154 -4.25 4.64 -19.36
C LYS A 154 -3.29 5.16 -18.31
N ILE A 155 -2.89 4.29 -17.42
CA ILE A 155 -1.95 4.71 -16.37
C ILE A 155 -0.53 4.78 -16.91
N TRP A 156 -0.14 3.77 -17.64
CA TRP A 156 1.22 3.77 -18.21
C TRP A 156 1.35 4.89 -19.23
N GLY A 157 0.28 5.12 -19.93
CA GLY A 157 0.29 6.20 -20.95
C GLY A 157 0.27 7.56 -20.26
N PHE A 158 -0.26 7.59 -19.06
CA PHE A 158 -0.31 8.87 -18.32
C PHE A 158 1.07 9.52 -18.29
N PHE A 159 2.03 8.79 -17.81
CA PHE A 159 3.40 9.34 -17.74
C PHE A 159 4.01 9.40 -19.13
N GLY A 160 4.08 8.26 -19.78
CA GLY A 160 4.65 8.22 -21.14
C GLY A 160 5.44 6.93 -21.34
N LYS A 161 6.72 7.01 -21.07
CA LYS A 161 7.62 5.82 -21.21
C LYS A 161 7.10 4.83 -22.26
N LYS A 162 7.50 5.03 -23.48
CA LYS A 162 7.05 4.12 -24.58
C LYS A 162 7.60 2.70 -24.39
N ASP A 163 8.06 2.13 -25.48
CA ASP A 163 8.63 0.75 -25.40
C ASP A 163 9.47 0.56 -24.14
N ASP A 164 10.63 1.15 -24.13
CA ASP A 164 11.50 1.01 -22.95
C ASP A 164 11.24 2.12 -21.96
N ASP A 165 12.27 2.83 -21.69
CA ASP A 165 12.16 3.95 -20.72
C ASP A 165 11.62 3.45 -19.38
N LYS A 166 12.52 3.22 -18.46
CA LYS A 166 12.09 2.74 -17.13
C LYS A 166 11.81 3.91 -16.19
N LEU A 167 10.70 3.83 -15.48
CA LEU A 167 10.37 4.93 -14.55
C LEU A 167 11.04 4.70 -13.20
N THR A 168 11.76 5.68 -12.75
CA THR A 168 12.47 5.55 -11.45
C THR A 168 11.66 6.10 -10.28
N GLU A 169 12.03 5.68 -9.10
CA GLU A 169 11.32 6.15 -7.88
C GLU A 169 11.30 7.67 -7.78
N LYS A 170 12.35 8.29 -8.24
CA LYS A 170 12.40 9.77 -8.18
C LYS A 170 11.47 10.37 -9.21
N GLU A 171 11.80 10.21 -10.46
CA GLU A 171 10.93 10.77 -11.51
C GLU A 171 9.50 10.37 -11.25
N PHE A 172 9.31 9.17 -10.75
CA PHE A 172 7.93 8.72 -10.48
C PHE A 172 7.18 9.80 -9.75
N ILE A 173 7.89 10.50 -8.89
CA ILE A 173 7.23 11.58 -8.13
C ILE A 173 6.85 12.71 -9.08
N GLU A 174 7.65 12.91 -10.08
CA GLU A 174 7.34 13.99 -11.03
C GLU A 174 6.23 13.53 -11.96
N GLY A 175 6.34 12.32 -12.43
CA GLY A 175 5.30 11.81 -13.34
C GLY A 175 3.95 11.97 -12.66
N THR A 176 3.96 11.96 -11.35
CA THR A 176 2.70 12.10 -10.60
C THR A 176 2.50 13.56 -10.19
N LEU A 177 3.55 14.33 -10.29
CA LEU A 177 3.44 15.76 -9.90
C LEU A 177 2.70 16.55 -10.97
N ALA A 178 2.73 16.05 -12.18
CA ALA A 178 2.04 16.76 -13.28
C ALA A 178 0.58 17.01 -12.92
N ASN A 179 -0.25 16.04 -13.19
CA ASN A 179 -1.70 16.20 -12.86
C ASN A 179 -2.06 15.40 -11.62
N LYS A 180 -2.44 16.11 -10.58
CA LYS A 180 -2.81 15.41 -9.32
C LYS A 180 -3.97 14.44 -9.55
N GLU A 181 -4.76 14.72 -10.54
CA GLU A 181 -5.91 13.82 -10.83
C GLU A 181 -5.44 12.38 -11.04
N ILE A 182 -4.17 12.18 -10.90
CA ILE A 182 -3.63 10.80 -11.10
C ILE A 182 -3.78 9.98 -9.83
N LEU A 183 -3.55 10.62 -8.71
CA LEU A 183 -3.68 9.88 -7.42
C LEU A 183 -5.08 9.31 -7.27
N ARG A 184 -6.06 10.11 -7.59
CA ARG A 184 -7.47 9.63 -7.47
C ARG A 184 -7.69 8.38 -8.31
N LEU A 185 -6.79 8.16 -9.24
CA LEU A 185 -6.93 6.97 -10.11
C LEU A 185 -6.13 5.78 -9.56
N ILE A 186 -4.83 5.93 -9.52
CA ILE A 186 -4.00 4.83 -9.00
C ILE A 186 -4.25 4.58 -7.52
N GLN A 187 -5.17 5.31 -6.96
CA GLN A 187 -5.48 5.13 -5.52
C GLN A 187 -5.54 3.64 -5.16
N PHE A 188 -4.99 3.30 -4.03
CA PHE A 188 -5.01 1.87 -3.62
C PHE A 188 -5.16 1.73 -2.11
N GLU A 189 -5.13 2.85 -1.43
CA GLU A 189 -5.26 2.80 0.05
C GLU A 189 -6.38 1.85 0.46
N MET B 1 -15.54 6.51 -2.95
CA MET B 1 -14.76 7.27 -1.95
C MET B 1 -14.28 6.34 -0.84
N ASP B 2 -13.11 6.62 -0.32
CA ASP B 2 -12.58 5.75 0.78
C ASP B 2 -11.87 6.59 1.83
N PHE B 3 -11.34 5.93 2.83
CA PHE B 3 -10.64 6.70 3.90
C PHE B 3 -9.86 5.77 4.84
N GLY B 4 -9.75 6.17 6.08
CA GLY B 4 -9.02 5.34 7.07
C GLY B 4 -9.80 4.07 7.42
N SER B 5 -11.01 4.00 6.96
CA SER B 5 -11.82 2.80 7.27
C SER B 5 -11.01 1.55 6.94
N LEU B 6 -10.38 1.60 5.81
CA LEU B 6 -9.56 0.44 5.41
C LEU B 6 -8.44 0.27 6.40
N GLU B 7 -7.80 1.36 6.71
CA GLU B 7 -6.68 1.31 7.67
C GLU B 7 -7.18 0.80 9.02
N THR B 8 -8.46 0.91 9.21
CA THR B 8 -9.03 0.44 10.50
C THR B 8 -9.01 -1.08 10.54
N VAL B 9 -9.19 -1.69 9.41
CA VAL B 9 -9.18 -3.19 9.39
C VAL B 9 -7.79 -3.74 9.56
N VAL B 10 -6.98 -3.40 8.64
CA VAL B 10 -5.58 -3.86 8.66
C VAL B 10 -5.02 -3.80 10.06
N ALA B 11 -5.35 -2.77 10.78
CA ALA B 11 -4.82 -2.65 12.15
C ALA B 11 -5.70 -3.40 13.15
N ASN B 12 -6.91 -2.98 13.27
CA ASN B 12 -7.83 -3.67 14.25
C ASN B 12 -7.83 -5.17 14.00
N SER B 13 -7.49 -5.53 12.80
CA SER B 13 -7.46 -6.96 12.46
C SER B 13 -6.24 -7.63 13.07
N ALA B 14 -5.09 -7.07 12.82
CA ALA B 14 -3.87 -7.69 13.39
C ALA B 14 -3.93 -7.66 14.91
N PHE B 15 -4.89 -6.93 15.43
CA PHE B 15 -5.01 -6.85 16.92
C PHE B 15 -5.72 -8.09 17.44
N ILE B 16 -6.92 -8.33 16.95
CA ILE B 16 -7.67 -9.52 17.42
C ILE B 16 -6.82 -10.78 17.30
N ALA A 8 10.09 -2.14 24.26
CA ALA A 8 9.99 -0.69 23.96
C ALA A 8 9.27 -0.46 22.63
N LEU A 9 9.88 -0.91 21.56
CA LEU A 9 9.26 -0.74 20.22
C LEU A 9 8.91 0.73 19.99
N SER A 10 7.76 1.13 20.47
CA SER A 10 7.34 2.55 20.28
C SER A 10 8.53 3.49 20.39
N LYS A 11 9.22 3.45 21.49
CA LYS A 11 10.40 4.33 21.65
C LYS A 11 11.30 4.21 20.44
N GLU A 12 11.41 3.01 19.94
CA GLU A 12 12.26 2.80 18.76
C GLU A 12 11.68 3.52 17.57
N ILE A 13 10.48 3.14 17.22
CA ILE A 13 9.83 3.79 16.09
C ILE A 13 9.90 5.28 16.25
N LEU A 14 9.72 5.74 17.46
CA LEU A 14 9.78 7.18 17.67
C LEU A 14 11.08 7.68 17.10
N GLU A 15 12.14 6.98 17.42
CA GLU A 15 13.46 7.40 16.89
C GLU A 15 13.36 7.44 15.39
N GLU A 16 12.36 6.77 14.90
CA GLU A 16 12.13 6.73 13.45
C GLU A 16 11.20 7.88 13.04
N LEU A 17 10.64 8.55 14.05
CA LEU A 17 9.69 9.71 13.79
C LEU A 17 9.53 10.12 12.31
N GLN A 18 10.61 10.48 11.65
CA GLN A 18 10.50 10.87 10.22
C GLN A 18 9.66 12.13 10.08
N LEU A 19 9.86 12.83 8.98
CA LEU A 19 9.07 14.07 8.76
C LEU A 19 7.62 13.88 9.18
N ASN A 20 7.20 12.66 9.20
CA ASN A 20 5.80 12.38 9.59
C ASN A 20 5.69 12.25 11.11
N THR A 21 4.96 13.17 11.70
CA THR A 21 4.81 13.12 13.18
C THR A 21 4.09 11.84 13.61
N LYS A 22 4.46 11.34 14.75
CA LYS A 22 3.81 10.10 15.25
C LYS A 22 2.57 10.44 16.07
N PHE A 23 1.62 9.54 16.07
CA PHE A 23 0.38 9.79 16.85
C PHE A 23 0.54 9.31 18.29
N THR A 24 0.81 10.24 19.17
CA THR A 24 0.96 9.87 20.60
C THR A 24 1.81 8.60 20.76
N GLU A 25 3.11 8.77 20.81
CA GLU A 25 4.00 7.60 20.95
C GLU A 25 3.43 6.57 21.91
N GLU A 26 2.73 7.05 22.91
CA GLU A 26 2.14 6.11 23.89
C GLU A 26 1.22 5.12 23.19
N GLU A 27 0.66 5.54 22.09
CA GLU A 27 -0.24 4.65 21.34
C GLU A 27 0.53 3.47 20.76
N LEU A 28 1.72 3.74 20.30
CA LEU A 28 2.53 2.65 19.72
C LEU A 28 2.84 1.60 20.76
N SER A 29 2.84 2.01 22.01
CA SER A 29 3.14 1.03 23.09
C SER A 29 1.95 0.12 23.29
N SER A 30 0.80 0.70 23.54
CA SER A 30 -0.40 -0.14 23.73
C SER A 30 -0.61 -1.04 22.53
N TRP A 31 -0.29 -0.52 21.38
CA TRP A 31 -0.45 -1.33 20.15
C TRP A 31 0.50 -2.52 20.20
N TYR A 32 1.76 -2.22 20.33
CA TYR A 32 2.77 -3.31 20.39
C TYR A 32 2.31 -4.42 21.34
N GLN A 33 1.68 -4.04 22.41
CA GLN A 33 1.21 -5.07 23.36
C GLN A 33 -0.01 -5.79 22.80
N SER A 34 -0.89 -5.03 22.21
CA SER A 34 -2.10 -5.64 21.63
C SER A 34 -1.77 -6.44 20.38
N PHE A 35 -0.85 -5.94 19.60
CA PHE A 35 -0.48 -6.68 18.37
C PHE A 35 0.31 -7.93 18.72
N LEU A 36 1.08 -7.85 19.78
CA LEU A 36 1.88 -9.02 20.19
C LEU A 36 0.95 -10.17 20.58
N LYS A 37 -0.11 -9.83 21.28
CA LYS A 37 -1.05 -10.87 21.70
C LYS A 37 -1.42 -11.75 20.54
N GLU A 38 -1.78 -11.12 19.46
CA GLU A 38 -2.16 -11.90 18.27
C GLU A 38 -1.17 -13.03 18.02
N CYS A 39 0.06 -12.79 18.36
CA CYS A 39 1.09 -13.84 18.16
C CYS A 39 2.46 -13.34 18.66
N PRO A 40 3.02 -14.02 19.68
CA PRO A 40 4.32 -13.61 20.22
C PRO A 40 5.42 -13.73 19.16
N SER A 41 5.01 -13.96 17.94
CA SER A 41 6.01 -14.08 16.85
C SER A 41 6.64 -12.73 16.54
N GLY A 42 5.81 -11.72 16.42
CA GLY A 42 6.36 -10.37 16.11
C GLY A 42 6.44 -10.18 14.60
N ARG A 43 7.13 -11.07 13.94
CA ARG A 43 7.26 -10.95 12.47
C ARG A 43 5.98 -11.41 11.78
N ILE A 44 5.42 -10.53 10.98
CA ILE A 44 4.16 -10.87 10.26
C ILE A 44 4.45 -11.44 8.88
N THR A 45 4.00 -12.63 8.63
CA THR A 45 4.24 -13.26 7.31
C THR A 45 3.17 -12.82 6.32
N ARG A 46 3.47 -12.96 5.06
CA ARG A 46 2.50 -12.57 4.02
C ARG A 46 1.13 -13.18 4.29
N GLN A 47 1.08 -14.49 4.22
CA GLN A 47 -0.20 -15.20 4.46
C GLN A 47 -1.01 -14.53 5.55
N GLU A 48 -0.38 -14.18 6.64
CA GLU A 48 -1.14 -13.52 7.71
C GLU A 48 -1.70 -12.20 7.23
N PHE A 49 -0.83 -11.34 6.77
CA PHE A 49 -1.32 -10.03 6.30
C PHE A 49 -2.50 -10.28 5.36
N GLN A 50 -2.35 -11.29 4.52
CA GLN A 50 -3.44 -11.60 3.59
C GLN A 50 -4.68 -12.01 4.38
N THR A 51 -4.47 -12.48 5.60
CA THR A 51 -5.63 -12.91 6.41
C THR A 51 -6.39 -11.68 6.90
N ILE A 52 -5.67 -10.61 7.09
CA ILE A 52 -6.33 -9.37 7.56
C ILE A 52 -7.23 -8.80 6.47
N TYR A 53 -6.67 -8.62 5.31
CA TYR A 53 -7.50 -8.06 4.21
C TYR A 53 -8.48 -9.09 3.69
N SER A 54 -8.31 -10.33 4.10
CA SER A 54 -9.25 -11.38 3.62
C SER A 54 -10.36 -11.64 4.64
N LYS A 55 -10.20 -11.11 5.84
CA LYS A 55 -11.25 -11.34 6.88
C LYS A 55 -12.13 -10.10 7.11
N PHE A 56 -11.62 -8.92 6.79
CA PHE A 56 -12.44 -7.69 7.00
C PHE A 56 -13.14 -7.24 5.73
N PHE A 57 -12.35 -6.90 4.76
CA PHE A 57 -12.88 -6.43 3.46
C PHE A 57 -14.10 -7.31 3.03
N PRO A 58 -14.97 -6.73 2.18
CA PRO A 58 -16.18 -7.41 1.66
C PRO A 58 -15.91 -8.80 1.07
N GLU A 59 -14.98 -9.47 1.64
CA GLU A 59 -14.64 -10.83 1.14
C GLU A 59 -14.29 -10.81 -0.33
N ALA A 60 -13.77 -9.71 -0.78
CA ALA A 60 -13.41 -9.63 -2.19
C ALA A 60 -12.21 -10.54 -2.44
N ASP A 61 -11.30 -10.12 -3.27
CA ASP A 61 -10.12 -10.96 -3.54
C ASP A 61 -8.85 -10.12 -3.55
N PRO A 62 -8.67 -9.31 -2.50
CA PRO A 62 -7.50 -8.45 -2.37
C PRO A 62 -6.26 -9.28 -2.10
N LYS A 63 -6.47 -10.56 -1.94
CA LYS A 63 -5.32 -11.46 -1.66
C LYS A 63 -4.11 -11.04 -2.45
N ALA A 64 -4.33 -10.60 -3.64
CA ALA A 64 -3.19 -10.16 -4.48
C ALA A 64 -2.70 -8.81 -3.99
N TYR A 65 -3.62 -7.93 -3.73
CA TYR A 65 -3.23 -6.59 -3.25
C TYR A 65 -2.60 -6.67 -1.87
N ALA A 66 -3.10 -7.59 -1.07
CA ALA A 66 -2.55 -7.75 0.28
C ALA A 66 -1.10 -8.21 0.24
N GLN A 67 -0.83 -9.14 -0.63
CA GLN A 67 0.57 -9.62 -0.71
C GLN A 67 1.40 -8.58 -1.44
N HIS A 68 0.80 -7.94 -2.42
CA HIS A 68 1.55 -6.92 -3.15
C HIS A 68 1.95 -5.86 -2.17
N VAL A 69 1.03 -5.52 -1.29
CA VAL A 69 1.34 -4.49 -0.29
C VAL A 69 2.61 -4.90 0.42
N PHE A 70 2.67 -6.15 0.77
CA PHE A 70 3.87 -6.66 1.46
C PHE A 70 5.12 -6.15 0.76
N ARG A 71 5.22 -6.45 -0.51
CA ARG A 71 6.40 -5.98 -1.26
C ARG A 71 6.52 -4.46 -1.20
N SER A 72 5.41 -3.80 -0.98
CA SER A 72 5.45 -2.32 -0.91
C SER A 72 6.27 -1.83 0.27
N PHE A 73 6.11 -2.47 1.41
CA PHE A 73 6.89 -2.04 2.60
C PHE A 73 7.42 -3.19 3.42
N ASP A 74 7.91 -4.20 2.75
CA ASP A 74 8.45 -5.38 3.46
C ASP A 74 9.82 -5.68 2.93
N ALA A 75 10.03 -5.25 1.74
CA ALA A 75 11.35 -5.49 1.10
C ALA A 75 12.34 -4.54 1.75
N ASN A 76 11.92 -4.00 2.85
CA ASN A 76 12.76 -3.06 3.59
C ASN A 76 13.96 -3.79 4.19
N SER A 77 14.35 -4.86 3.55
CA SER A 77 15.51 -5.64 4.06
C SER A 77 15.19 -6.16 5.44
N ASP A 78 14.28 -7.09 5.50
CA ASP A 78 13.91 -7.67 6.80
C ASP A 78 13.52 -9.14 6.66
N GLY A 79 12.96 -9.49 5.53
CA GLY A 79 12.55 -10.91 5.32
C GLY A 79 11.09 -11.10 5.73
N THR A 80 10.71 -10.37 6.74
CA THR A 80 9.31 -10.46 7.23
C THR A 80 8.83 -9.09 7.67
N LEU A 81 7.55 -8.93 7.75
CA LEU A 81 7.02 -7.63 8.17
C LEU A 81 6.89 -7.53 9.69
N ASP A 82 7.75 -6.73 10.29
CA ASP A 82 7.69 -6.58 11.75
C ASP A 82 6.59 -5.58 12.13
N PHE A 83 6.15 -5.63 13.35
CA PHE A 83 5.09 -4.69 13.76
C PHE A 83 5.46 -3.23 13.48
N LYS A 84 6.68 -2.87 13.79
CA LYS A 84 7.10 -1.46 13.53
C LYS A 84 6.65 -1.00 12.16
N GLU A 85 7.03 -1.71 11.14
CA GLU A 85 6.63 -1.29 9.78
C GLU A 85 5.11 -1.22 9.69
N TYR A 86 4.45 -1.97 10.53
CA TYR A 86 2.97 -1.96 10.52
C TYR A 86 2.46 -0.59 10.89
N VAL A 87 2.91 -0.09 12.01
CA VAL A 87 2.45 1.25 12.44
C VAL A 87 2.67 2.28 11.34
N ILE A 88 3.89 2.33 10.84
CA ILE A 88 4.20 3.32 9.76
C ILE A 88 3.20 3.22 8.59
N ALA A 89 2.75 2.03 8.32
CA ALA A 89 1.78 1.88 7.19
C ALA A 89 0.42 2.43 7.56
N LEU A 90 -0.03 2.07 8.72
CA LEU A 90 -1.34 2.56 9.20
C LEU A 90 -1.30 4.06 9.43
N HIS A 91 -0.19 4.53 9.94
CA HIS A 91 -0.08 5.98 10.20
C HIS A 91 -0.07 6.74 8.88
N MET A 92 0.44 6.09 7.86
CA MET A 92 0.49 6.75 6.53
C MET A 92 -0.91 7.02 6.01
N THR A 93 -1.73 6.00 6.05
CA THR A 93 -3.12 6.16 5.57
C THR A 93 -3.80 7.31 6.30
N SER A 94 -3.06 7.94 7.18
CA SER A 94 -3.62 9.08 7.95
C SER A 94 -2.57 10.19 8.10
N ALA A 95 -1.64 9.97 8.99
CA ALA A 95 -0.58 10.99 9.21
C ALA A 95 0.22 11.23 7.93
N GLY A 96 0.12 12.40 7.39
CA GLY A 96 0.87 12.71 6.14
C GLY A 96 0.11 13.73 5.29
N LYS A 97 0.62 14.93 5.25
CA LYS A 97 -0.07 15.97 4.45
C LYS A 97 -0.39 15.46 3.04
N THR A 98 0.56 15.61 2.15
CA THR A 98 0.33 15.14 0.76
C THR A 98 1.64 15.04 -0.02
N ASN A 99 2.68 15.63 0.51
CA ASN A 99 4.00 15.57 -0.18
C ASN A 99 4.94 14.56 0.49
N GLN A 100 4.52 13.32 0.50
CA GLN A 100 5.37 12.28 1.13
C GLN A 100 4.79 10.89 0.91
N LYS A 101 3.52 10.75 1.16
CA LYS A 101 2.86 9.44 0.96
C LYS A 101 3.15 8.89 -0.43
N LEU A 102 3.37 9.78 -1.37
CA LEU A 102 3.65 9.33 -2.75
C LEU A 102 4.84 8.37 -2.78
N GLU A 103 5.90 8.75 -2.14
CA GLU A 103 7.09 7.87 -2.12
C GLU A 103 6.70 6.43 -1.81
N TRP A 104 5.89 6.26 -0.82
CA TRP A 104 5.46 4.90 -0.45
C TRP A 104 4.71 4.24 -1.60
N ALA A 105 3.92 5.01 -2.31
CA ALA A 105 3.17 4.44 -3.45
C ALA A 105 4.11 3.85 -4.50
N PHE A 106 5.27 4.44 -4.62
CA PHE A 106 6.24 3.92 -5.62
C PHE A 106 6.67 2.50 -5.29
N SER A 107 6.95 2.26 -4.03
CA SER A 107 7.38 0.89 -3.63
C SER A 107 6.27 -0.11 -3.90
N LEU A 108 5.06 0.28 -3.64
CA LEU A 108 3.92 -0.63 -3.88
C LEU A 108 3.89 -1.12 -5.31
N TYR A 109 3.92 -0.19 -6.24
CA TYR A 109 3.89 -0.59 -7.66
C TYR A 109 5.20 -1.26 -8.08
N ASP A 110 6.18 -1.18 -7.23
CA ASP A 110 7.50 -1.80 -7.55
C ASP A 110 7.67 -3.13 -6.82
N VAL A 111 6.81 -4.07 -7.12
CA VAL A 111 6.90 -5.39 -6.46
C VAL A 111 8.26 -6.03 -6.72
N ASP A 112 8.69 -5.97 -7.95
CA ASP A 112 9.99 -6.57 -8.28
C ASP A 112 11.04 -6.14 -7.27
N GLY A 113 11.17 -4.86 -7.09
CA GLY A 113 12.16 -4.36 -6.10
C GLY A 113 13.49 -4.02 -6.80
N ASN A 114 13.55 -2.84 -7.36
CA ASN A 114 14.80 -2.43 -8.05
C ASN A 114 14.82 -0.94 -8.30
N GLY A 115 14.12 -0.20 -7.47
CA GLY A 115 14.09 1.27 -7.65
C GLY A 115 13.65 1.63 -9.07
N THR A 116 12.70 0.89 -9.57
CA THR A 116 12.21 1.16 -10.95
C THR A 116 10.95 0.35 -11.24
N ILE A 117 9.94 0.99 -11.74
CA ILE A 117 8.69 0.27 -12.05
C ILE A 117 8.68 -0.23 -13.49
N SER A 118 8.12 -1.40 -13.69
CA SER A 118 8.06 -1.99 -15.06
C SER A 118 6.62 -2.19 -15.49
N LYS A 119 6.37 -2.00 -16.76
CA LYS A 119 5.00 -2.18 -17.27
C LYS A 119 4.39 -3.49 -16.77
N ASN A 120 5.22 -4.46 -16.56
CA ASN A 120 4.70 -5.76 -16.08
C ASN A 120 4.36 -5.69 -14.61
N GLU A 121 5.06 -4.85 -13.90
CA GLU A 121 4.79 -4.74 -12.45
C GLU A 121 3.48 -4.01 -12.23
N VAL A 122 3.31 -2.90 -12.90
CA VAL A 122 2.04 -2.16 -12.71
C VAL A 122 0.89 -3.05 -13.11
N LEU A 123 1.06 -3.70 -14.22
CA LEU A 123 -0.01 -4.60 -14.71
C LEU A 123 -0.56 -5.48 -13.58
N GLU A 124 0.31 -6.24 -12.95
CA GLU A 124 -0.18 -7.10 -11.85
C GLU A 124 -0.94 -6.29 -10.83
N ILE A 125 -0.35 -5.21 -10.41
CA ILE A 125 -1.01 -4.35 -9.41
C ILE A 125 -2.37 -3.89 -9.92
N VAL A 126 -2.41 -3.45 -11.15
CA VAL A 126 -3.72 -3.00 -11.69
C VAL A 126 -4.68 -4.16 -11.73
N THR A 127 -4.20 -5.27 -12.22
CA THR A 127 -5.08 -6.46 -12.28
C THR A 127 -5.45 -6.90 -10.89
N ALA A 128 -4.45 -7.01 -10.04
CA ALA A 128 -4.72 -7.43 -8.66
C ALA A 128 -5.76 -6.51 -8.02
N ILE A 129 -5.55 -5.23 -8.18
CA ILE A 129 -6.50 -4.26 -7.59
C ILE A 129 -7.92 -4.57 -8.07
N PHE A 130 -8.05 -4.79 -9.35
CA PHE A 130 -9.40 -5.08 -9.90
C PHE A 130 -10.05 -6.22 -9.13
N LYS A 131 -9.26 -7.20 -8.76
CA LYS A 131 -9.84 -8.34 -8.00
C LYS A 131 -10.49 -7.83 -6.73
N MET A 132 -9.77 -7.05 -5.98
CA MET A 132 -10.35 -6.52 -4.72
C MET A 132 -11.70 -5.85 -5.01
N ILE A 133 -11.80 -5.22 -6.15
CA ILE A 133 -13.08 -4.55 -6.50
C ILE A 133 -14.17 -5.57 -6.82
N SER A 134 -15.38 -5.25 -6.46
CA SER A 134 -16.50 -6.20 -6.72
C SER A 134 -17.09 -5.92 -8.11
N PRO A 135 -17.66 -6.95 -8.71
CA PRO A 135 -18.28 -6.83 -10.02
C PRO A 135 -19.25 -5.66 -10.08
N GLU A 136 -19.91 -5.43 -8.99
CA GLU A 136 -20.88 -4.31 -8.97
C GLU A 136 -20.24 -3.03 -9.51
N ASP A 137 -19.14 -2.65 -8.93
CA ASP A 137 -18.47 -1.40 -9.40
C ASP A 137 -17.67 -1.67 -10.67
N THR A 138 -17.26 -2.90 -10.87
CA THR A 138 -16.49 -3.20 -12.09
C THR A 138 -17.38 -3.10 -13.33
N LYS A 139 -18.28 -4.04 -13.47
CA LYS A 139 -19.18 -4.00 -14.65
C LYS A 139 -19.80 -2.62 -14.80
N HIS A 140 -19.63 -1.81 -13.79
CA HIS A 140 -20.21 -0.44 -13.84
C HIS A 140 -19.21 0.54 -14.45
N LEU A 141 -18.10 0.03 -14.89
CA LEU A 141 -17.08 0.92 -15.49
C LEU A 141 -17.46 1.28 -16.95
N PRO A 142 -17.32 2.55 -17.31
CA PRO A 142 -17.65 3.00 -18.67
C PRO A 142 -16.84 2.25 -19.71
N GLU A 143 -16.90 2.72 -20.94
CA GLU A 143 -16.12 2.06 -22.02
C GLU A 143 -14.67 2.50 -21.99
N ASP A 144 -13.93 2.10 -23.00
CA ASP A 144 -12.50 2.48 -23.06
C ASP A 144 -11.84 2.39 -21.69
N GLU A 145 -12.42 1.62 -20.82
CA GLU A 145 -11.85 1.47 -19.45
C GLU A 145 -12.59 0.39 -18.68
N ASN A 146 -12.34 -0.85 -19.03
CA ASN A 146 -13.03 -1.96 -18.32
C ASN A 146 -12.07 -3.13 -18.04
N THR A 147 -10.81 -2.93 -18.34
CA THR A 147 -9.82 -4.03 -18.09
C THR A 147 -8.51 -3.47 -17.54
N PRO A 148 -7.77 -4.33 -16.87
CA PRO A 148 -6.49 -3.96 -16.28
C PRO A 148 -5.59 -3.33 -17.33
N GLU A 149 -5.50 -3.98 -18.47
CA GLU A 149 -4.63 -3.43 -19.53
C GLU A 149 -5.07 -2.02 -19.90
N LYS A 150 -6.37 -1.85 -20.01
CA LYS A 150 -6.87 -0.50 -20.36
C LYS A 150 -6.43 0.50 -19.31
N ARG A 151 -6.61 0.15 -18.07
CA ARG A 151 -6.21 1.07 -17.00
C ARG A 151 -4.70 1.13 -16.93
N ALA A 152 -4.08 -0.03 -16.88
CA ALA A 152 -2.61 -0.05 -16.82
C ALA A 152 -2.06 0.79 -17.94
N GLU A 153 -2.80 0.85 -19.02
CA GLU A 153 -2.34 1.66 -20.16
C GLU A 153 -2.60 3.12 -19.88
N LYS A 154 -3.51 3.37 -18.98
CA LYS A 154 -3.83 4.79 -18.65
C LYS A 154 -2.70 5.37 -17.80
N ILE A 155 -2.24 4.58 -16.87
CA ILE A 155 -1.16 5.04 -15.99
C ILE A 155 0.17 4.96 -16.72
N TRP A 156 0.42 3.82 -17.31
CA TRP A 156 1.70 3.65 -18.03
C TRP A 156 1.69 4.54 -19.26
N GLY A 157 0.51 4.91 -19.68
CA GLY A 157 0.40 5.78 -20.87
C GLY A 157 0.62 7.24 -20.47
N PHE A 158 0.30 7.57 -19.24
CA PHE A 158 0.49 8.96 -18.81
C PHE A 158 1.93 9.40 -19.02
N PHE A 159 2.85 8.60 -18.55
CA PHE A 159 4.29 8.95 -18.72
C PHE A 159 4.76 8.49 -20.10
N GLY A 160 4.09 7.50 -20.63
CA GLY A 160 4.48 6.98 -21.98
C GLY A 160 5.25 5.68 -21.82
N LYS A 161 6.48 5.82 -21.37
CA LYS A 161 7.38 4.64 -21.17
C LYS A 161 7.00 3.45 -22.06
N LYS A 162 7.57 3.40 -23.22
CA LYS A 162 7.26 2.27 -24.13
C LYS A 162 7.54 0.94 -23.45
N ASP A 163 7.25 -0.14 -24.15
CA ASP A 163 7.50 -1.48 -23.55
C ASP A 163 8.93 -1.59 -23.02
N ASP A 164 9.75 -0.61 -23.35
CA ASP A 164 11.16 -0.64 -22.89
C ASP A 164 11.53 0.68 -22.24
N ASP A 165 11.11 0.85 -21.02
CA ASP A 165 11.41 2.11 -20.30
C ASP A 165 10.89 2.05 -18.87
N LYS A 166 11.79 1.88 -17.95
CA LYS A 166 11.36 1.82 -16.53
C LYS A 166 11.20 3.22 -15.95
N LEU A 167 10.38 3.32 -14.92
CA LEU A 167 10.16 4.64 -14.27
C LEU A 167 10.84 4.71 -12.92
N THR A 168 11.61 5.74 -12.74
CA THR A 168 12.34 5.90 -11.45
C THR A 168 11.43 6.47 -10.35
N GLU A 169 11.85 6.29 -9.13
CA GLU A 169 11.06 6.80 -7.99
C GLU A 169 10.98 8.33 -7.98
N LYS A 170 12.11 8.97 -7.96
CA LYS A 170 12.09 10.45 -7.96
C LYS A 170 11.11 10.97 -8.99
N GLU A 171 11.19 10.46 -10.18
CA GLU A 171 10.27 10.93 -11.23
C GLU A 171 8.84 10.53 -10.90
N PHE A 172 8.67 9.31 -10.46
CA PHE A 172 7.31 8.85 -10.12
C PHE A 172 6.64 9.89 -9.25
N ILE A 173 7.44 10.59 -8.48
CA ILE A 173 6.85 11.62 -7.60
C ILE A 173 6.51 12.85 -8.42
N GLU A 174 7.30 13.13 -9.42
CA GLU A 174 7.01 14.32 -10.24
C GLU A 174 5.90 14.01 -11.21
N GLY A 175 5.93 12.81 -11.72
CA GLY A 175 4.87 12.42 -12.69
C GLY A 175 3.50 12.63 -12.06
N THR A 176 3.45 12.51 -10.74
CA THR A 176 2.16 12.69 -10.05
C THR A 176 2.02 14.11 -9.52
N LEU A 177 3.12 14.81 -9.41
CA LEU A 177 3.05 16.20 -8.90
C LEU A 177 2.46 17.13 -9.95
N ALA A 178 2.89 16.94 -11.17
CA ALA A 178 2.36 17.80 -12.26
C ALA A 178 0.88 17.54 -12.48
N ASN A 179 0.58 16.53 -13.26
CA ASN A 179 -0.84 16.21 -13.52
C ASN A 179 -1.63 16.04 -12.22
N LYS A 180 -2.89 16.36 -12.27
CA LYS A 180 -3.74 16.23 -11.05
C LYS A 180 -4.79 15.15 -11.24
N GLU A 181 -5.03 14.78 -12.46
CA GLU A 181 -6.05 13.73 -12.74
C GLU A 181 -5.53 12.37 -12.29
N ILE A 182 -4.23 12.25 -12.21
CA ILE A 182 -3.64 10.95 -11.78
C ILE A 182 -3.82 10.74 -10.28
N LEU A 183 -3.11 11.54 -9.52
CA LEU A 183 -3.16 11.45 -8.01
C LEU A 183 -4.41 10.74 -7.47
N ARG A 184 -5.56 11.29 -7.75
CA ARG A 184 -6.81 10.64 -7.26
C ARG A 184 -6.99 9.24 -7.84
N LEU A 185 -6.67 9.08 -9.09
CA LEU A 185 -6.82 7.75 -9.71
C LEU A 185 -5.71 6.79 -9.27
N ILE A 186 -4.48 7.22 -9.42
CA ILE A 186 -3.35 6.34 -9.01
C ILE A 186 -3.51 5.90 -7.56
N GLN A 187 -4.08 6.76 -6.76
CA GLN A 187 -4.26 6.39 -5.33
C GLN A 187 -5.14 5.16 -5.20
N PHE A 188 -4.52 4.06 -4.84
CA PHE A 188 -5.31 2.81 -4.68
C PHE A 188 -6.53 3.04 -3.81
N GLU A 189 -7.57 2.28 -4.06
CA GLU A 189 -8.80 2.44 -3.26
C GLU A 189 -8.63 1.79 -1.89
N MET B 1 -15.12 11.21 0.35
CA MET B 1 -13.70 10.94 0.63
C MET B 1 -13.55 10.33 2.02
N ASP B 2 -12.53 9.53 2.19
CA ASP B 2 -12.30 8.89 3.51
C ASP B 2 -10.87 8.39 3.63
N PHE B 3 -10.42 8.18 4.84
CA PHE B 3 -9.03 7.67 5.01
C PHE B 3 -8.84 7.00 6.37
N GLY B 4 -9.80 7.15 7.24
CA GLY B 4 -9.68 6.52 8.59
C GLY B 4 -10.30 5.11 8.60
N SER B 5 -11.04 4.79 7.57
CA SER B 5 -11.66 3.45 7.53
C SER B 5 -10.63 2.36 7.18
N LEU B 6 -9.85 2.63 6.18
CA LEU B 6 -8.83 1.62 5.79
C LEU B 6 -7.81 1.45 6.90
N GLU B 7 -7.56 2.51 7.62
CA GLU B 7 -6.58 2.42 8.72
C GLU B 7 -7.17 1.64 9.89
N THR B 8 -8.46 1.74 10.04
CA THR B 8 -9.12 1.02 11.14
C THR B 8 -9.30 -0.46 10.81
N VAL B 9 -9.22 -0.82 9.55
CA VAL B 9 -9.39 -2.25 9.19
C VAL B 9 -8.10 -3.02 9.40
N VAL B 10 -7.03 -2.46 8.93
CA VAL B 10 -5.73 -3.15 9.09
C VAL B 10 -5.32 -3.19 10.56
N ALA B 11 -5.61 -2.13 11.27
CA ALA B 11 -5.23 -2.10 12.70
C ALA B 11 -6.14 -2.96 13.57
N ASN B 12 -7.44 -2.87 13.35
CA ASN B 12 -8.37 -3.70 14.18
C ASN B 12 -8.14 -5.19 13.95
N SER B 13 -7.67 -5.53 12.79
CA SER B 13 -7.44 -6.95 12.51
C SER B 13 -6.20 -7.44 13.22
N ALA B 14 -5.09 -6.85 12.90
CA ALA B 14 -3.83 -7.27 13.56
C ALA B 14 -3.94 -7.01 15.05
N PHE B 15 -4.84 -6.13 15.41
CA PHE B 15 -5.03 -5.80 16.84
C PHE B 15 -5.36 -7.07 17.60
N ILE B 16 -6.51 -7.63 17.27
CA ILE B 16 -6.94 -8.89 17.93
C ILE B 16 -7.08 -10.01 16.92
N ALA A 8 13.06 -0.74 24.13
CA ALA A 8 11.60 -0.77 23.95
C ALA A 8 11.23 -0.72 22.47
N LEU A 9 10.22 0.04 22.15
CA LEU A 9 9.81 0.15 20.73
C LEU A 9 9.32 1.55 20.42
N SER A 10 8.14 1.86 20.92
CA SER A 10 7.57 3.20 20.68
C SER A 10 8.66 4.27 20.68
N LYS A 11 9.47 4.25 21.70
CA LYS A 11 10.55 5.26 21.76
C LYS A 11 11.26 5.33 20.43
N GLU A 12 11.60 4.18 19.90
CA GLU A 12 12.30 4.16 18.59
C GLU A 12 11.39 4.72 17.54
N ILE A 13 10.25 4.12 17.40
CA ILE A 13 9.29 4.59 16.40
C ILE A 13 9.00 6.07 16.61
N LEU A 14 8.93 6.47 17.84
CA LEU A 14 8.67 7.89 18.09
C LEU A 14 9.79 8.69 17.50
N GLU A 15 10.99 8.34 17.85
CA GLU A 15 12.13 9.07 17.30
C GLU A 15 11.97 9.11 15.79
N GLU A 16 11.16 8.21 15.29
CA GLU A 16 10.93 8.14 13.85
C GLU A 16 9.89 9.17 13.44
N LEU A 17 9.06 9.58 14.39
CA LEU A 17 8.01 10.59 14.04
C LEU A 17 8.60 11.67 13.13
N GLN A 18 9.90 11.82 13.18
CA GLN A 18 10.54 12.86 12.33
C GLN A 18 9.99 12.79 10.91
N LEU A 19 9.40 11.67 10.60
CA LEU A 19 8.83 11.51 9.25
C LEU A 19 7.46 12.17 9.18
N ASN A 20 6.70 12.03 10.23
CA ASN A 20 5.34 12.65 10.24
C ASN A 20 4.75 12.60 11.65
N THR A 21 3.80 13.48 11.89
CA THR A 21 3.17 13.51 13.24
C THR A 21 2.65 12.12 13.63
N LYS A 22 2.32 11.97 14.89
CA LYS A 22 1.80 10.65 15.36
C LYS A 22 0.59 10.84 16.27
N PHE A 23 -0.36 9.95 16.15
CA PHE A 23 -1.57 10.06 17.00
C PHE A 23 -1.19 10.29 18.45
N THR A 24 -0.51 9.34 19.02
CA THR A 24 -0.10 9.48 20.43
C THR A 24 1.01 8.49 20.78
N GLU A 25 2.18 9.01 21.03
CA GLU A 25 3.32 8.13 21.36
C GLU A 25 2.88 7.02 22.32
N GLU A 26 1.79 7.25 23.01
CA GLU A 26 1.30 6.23 23.96
C GLU A 26 0.46 5.18 23.24
N GLU A 27 -0.27 5.61 22.25
CA GLU A 27 -1.12 4.66 21.49
C GLU A 27 -0.28 3.55 20.90
N LEU A 28 0.88 3.91 20.39
CA LEU A 28 1.76 2.88 19.79
C LEU A 28 2.17 1.87 20.84
N SER A 29 2.13 2.26 22.09
CA SER A 29 2.50 1.32 23.17
C SER A 29 1.43 0.27 23.35
N SER A 30 0.22 0.73 23.57
CA SER A 30 -0.88 -0.23 23.76
C SER A 30 -0.92 -1.20 22.59
N TRP A 31 -0.73 -0.67 21.41
CA TRP A 31 -0.75 -1.54 20.21
C TRP A 31 0.29 -2.65 20.37
N TYR A 32 1.52 -2.25 20.58
CA TYR A 32 2.60 -3.24 20.75
C TYR A 32 2.14 -4.41 21.63
N GLN A 33 1.52 -4.10 22.73
CA GLN A 33 1.06 -5.19 23.62
C GLN A 33 -0.12 -5.92 23.00
N SER A 34 -0.98 -5.19 22.35
CA SER A 34 -2.15 -5.82 21.71
C SER A 34 -1.74 -6.61 20.48
N PHE A 35 -0.56 -6.33 19.99
CA PHE A 35 -0.09 -7.07 18.79
C PHE A 35 0.69 -8.30 19.21
N LEU A 36 1.25 -8.23 20.39
CA LEU A 36 2.03 -9.37 20.90
C LEU A 36 1.11 -10.51 21.28
N LYS A 37 -0.04 -10.16 21.82
CA LYS A 37 -0.99 -11.23 22.23
C LYS A 37 -1.36 -12.10 21.05
N GLU A 38 -1.59 -11.47 19.94
CA GLU A 38 -1.96 -12.26 18.76
C GLU A 38 -0.75 -12.98 18.16
N CYS A 39 0.29 -12.22 17.88
CA CYS A 39 1.52 -12.84 17.29
C CYS A 39 2.77 -12.43 18.10
N PRO A 40 3.25 -13.34 18.95
CA PRO A 40 4.44 -13.06 19.76
C PRO A 40 5.68 -12.84 18.89
N SER A 41 6.81 -13.27 19.37
CA SER A 41 8.06 -13.09 18.58
C SER A 41 8.27 -11.62 18.24
N GLY A 42 8.34 -11.32 16.97
CA GLY A 42 8.55 -9.91 16.56
C GLY A 42 8.75 -9.83 15.04
N ARG A 43 8.14 -10.73 14.33
CA ARG A 43 8.28 -10.71 12.84
C ARG A 43 7.05 -11.29 12.18
N ILE A 44 6.20 -10.42 11.68
CA ILE A 44 4.97 -10.91 11.02
C ILE A 44 5.30 -11.60 9.71
N THR A 45 4.62 -12.69 9.45
CA THR A 45 4.88 -13.44 8.19
C THR A 45 3.96 -12.96 7.09
N ARG A 46 4.34 -13.24 5.87
CA ARG A 46 3.50 -12.82 4.72
C ARG A 46 2.17 -13.56 4.70
N GLN A 47 2.22 -14.86 4.63
CA GLN A 47 0.97 -15.64 4.60
C GLN A 47 -0.01 -15.13 5.65
N GLU A 48 0.48 -14.93 6.85
CA GLU A 48 -0.43 -14.43 7.90
C GLU A 48 -1.07 -13.13 7.47
N PHE A 49 -0.26 -12.18 7.10
CA PHE A 49 -0.84 -10.88 6.67
C PHE A 49 -1.96 -11.14 5.67
N GLN A 50 -1.67 -12.01 4.72
CA GLN A 50 -2.71 -12.31 3.73
C GLN A 50 -3.97 -12.75 4.47
N THR A 51 -3.77 -13.25 5.67
CA THR A 51 -4.94 -13.70 6.46
C THR A 51 -5.72 -12.49 6.94
N ILE A 52 -5.01 -11.43 7.22
CA ILE A 52 -5.69 -10.20 7.70
C ILE A 52 -6.63 -9.66 6.64
N TYR A 53 -6.10 -9.44 5.46
CA TYR A 53 -6.94 -8.91 4.37
C TYR A 53 -7.90 -9.97 3.85
N SER A 54 -7.63 -11.20 4.15
CA SER A 54 -8.51 -12.28 3.68
C SER A 54 -9.59 -12.57 4.72
N LYS A 55 -9.43 -11.99 5.90
CA LYS A 55 -10.44 -12.23 6.96
C LYS A 55 -11.48 -11.11 7.03
N PHE A 56 -11.08 -9.90 6.75
CA PHE A 56 -12.07 -8.76 6.81
C PHE A 56 -12.62 -8.40 5.44
N PHE A 57 -11.96 -7.41 4.80
CA PHE A 57 -12.39 -6.93 3.43
C PHE A 57 -13.55 -7.72 2.84
N PRO A 58 -14.73 -7.45 3.35
CA PRO A 58 -15.93 -8.12 2.92
C PRO A 58 -16.39 -7.58 1.57
N GLU A 59 -16.05 -6.35 1.31
CA GLU A 59 -16.45 -5.72 0.03
C GLU A 59 -15.84 -6.45 -1.16
N ALA A 60 -14.60 -6.85 -1.02
CA ALA A 60 -13.95 -7.57 -2.14
C ALA A 60 -12.93 -8.58 -1.64
N ASP A 61 -11.98 -8.88 -2.49
CA ASP A 61 -10.93 -9.86 -2.12
C ASP A 61 -9.55 -9.34 -2.51
N PRO A 62 -9.12 -8.32 -1.81
CA PRO A 62 -7.81 -7.70 -2.06
C PRO A 62 -6.69 -8.68 -1.76
N LYS A 63 -7.00 -9.94 -1.83
CA LYS A 63 -5.97 -10.96 -1.54
C LYS A 63 -4.67 -10.62 -2.25
N ALA A 64 -4.75 -10.42 -3.55
CA ALA A 64 -3.52 -10.09 -4.30
C ALA A 64 -2.99 -8.74 -3.87
N TYR A 65 -3.88 -7.83 -3.59
CA TYR A 65 -3.44 -6.49 -3.16
C TYR A 65 -2.81 -6.53 -1.78
N ALA A 66 -3.28 -7.42 -0.96
CA ALA A 66 -2.70 -7.51 0.40
C ALA A 66 -1.29 -8.07 0.34
N GLN A 67 -1.06 -8.96 -0.58
CA GLN A 67 0.28 -9.53 -0.68
C GLN A 67 1.18 -8.52 -1.39
N HIS A 68 0.55 -7.63 -2.12
CA HIS A 68 1.34 -6.60 -2.83
C HIS A 68 1.88 -5.60 -1.83
N VAL A 69 0.99 -5.04 -1.05
CA VAL A 69 1.45 -4.06 -0.06
C VAL A 69 2.59 -4.67 0.73
N PHE A 70 2.39 -5.87 1.19
CA PHE A 70 3.45 -6.55 1.97
C PHE A 70 4.79 -6.40 1.26
N ARG A 71 4.84 -6.83 0.03
CA ARG A 71 6.11 -6.72 -0.72
C ARG A 71 6.50 -5.26 -0.93
N SER A 72 5.62 -4.36 -0.57
CA SER A 72 5.94 -2.94 -0.75
C SER A 72 6.75 -2.36 0.42
N PHE A 73 6.40 -2.73 1.64
CA PHE A 73 7.17 -2.18 2.82
C PHE A 73 7.86 -3.27 3.64
N ASP A 74 7.55 -4.52 3.37
CA ASP A 74 8.22 -5.59 4.17
C ASP A 74 9.48 -5.99 3.48
N ALA A 75 9.43 -5.89 2.21
CA ALA A 75 10.60 -6.27 1.39
C ALA A 75 11.72 -5.29 1.66
N ASN A 76 11.59 -4.57 2.74
CA ASN A 76 12.61 -3.59 3.11
C ASN A 76 13.89 -4.29 3.55
N SER A 77 14.11 -5.47 2.99
CA SER A 77 15.32 -6.27 3.34
C SER A 77 15.13 -6.97 4.68
N ASP A 78 14.34 -8.02 4.68
CA ASP A 78 14.11 -8.76 5.96
C ASP A 78 13.48 -10.13 5.72
N GLY A 79 12.35 -10.12 5.05
CA GLY A 79 11.64 -11.41 4.77
C GLY A 79 10.38 -11.43 5.63
N THR A 80 10.38 -10.52 6.57
CA THR A 80 9.25 -10.38 7.51
C THR A 80 9.30 -8.98 8.07
N LEU A 81 8.20 -8.51 8.62
CA LEU A 81 8.21 -7.12 9.18
C LEU A 81 7.81 -7.09 10.65
N ASP A 82 8.67 -6.48 11.44
CA ASP A 82 8.40 -6.39 12.89
C ASP A 82 7.26 -5.42 13.16
N PHE A 83 6.69 -5.52 14.32
CA PHE A 83 5.56 -4.62 14.64
C PHE A 83 5.89 -3.16 14.31
N LYS A 84 7.14 -2.83 14.34
CA LYS A 84 7.52 -1.43 14.01
C LYS A 84 7.05 -1.03 12.62
N GLU A 85 7.56 -1.71 11.62
CA GLU A 85 7.13 -1.36 10.24
C GLU A 85 5.61 -1.49 10.11
N TYR A 86 5.07 -2.47 10.77
CA TYR A 86 3.61 -2.68 10.70
C TYR A 86 2.88 -1.40 11.11
N VAL A 87 3.37 -0.74 12.12
CA VAL A 87 2.70 0.51 12.56
C VAL A 87 2.86 1.58 11.49
N ILE A 88 4.04 1.64 10.91
CA ILE A 88 4.30 2.65 9.85
C ILE A 88 3.30 2.49 8.70
N ALA A 89 2.86 1.27 8.49
CA ALA A 89 1.88 1.04 7.39
C ALA A 89 0.53 1.64 7.75
N LEU A 90 0.07 1.32 8.92
CA LEU A 90 -1.23 1.86 9.37
C LEU A 90 -1.14 3.36 9.55
N HIS A 91 0.04 3.81 9.89
CA HIS A 91 0.22 5.27 10.09
C HIS A 91 0.26 6.00 8.75
N MET A 92 0.66 5.31 7.73
CA MET A 92 0.73 5.94 6.39
C MET A 92 -0.66 6.05 5.79
N THR A 93 -1.45 5.04 6.00
CA THR A 93 -2.83 5.07 5.46
C THR A 93 -3.52 6.38 5.81
N SER A 94 -3.34 6.82 7.03
CA SER A 94 -3.98 8.09 7.45
C SER A 94 -3.33 8.63 8.71
N ALA A 95 -2.82 9.82 8.63
CA ALA A 95 -2.16 10.42 9.82
C ALA A 95 -1.91 11.90 9.59
N GLY A 96 -1.20 12.20 8.53
CA GLY A 96 -0.88 13.63 8.21
C GLY A 96 -1.35 13.97 6.80
N LYS A 97 -0.81 15.02 6.25
CA LYS A 97 -1.22 15.40 4.88
C LYS A 97 -0.55 14.49 3.86
N THR A 98 -0.49 14.96 2.64
CA THR A 98 0.14 14.12 1.57
C THR A 98 1.59 14.55 1.35
N ASN A 99 2.01 14.49 0.12
CA ASN A 99 3.41 14.88 -0.19
C ASN A 99 4.40 14.21 0.77
N GLN A 100 4.32 12.91 0.86
CA GLN A 100 5.25 12.19 1.76
C GLN A 100 5.18 10.68 1.52
N LYS A 101 4.02 10.21 1.14
CA LYS A 101 3.87 8.75 0.89
C LYS A 101 4.34 8.40 -0.53
N LEU A 102 4.47 9.41 -1.36
CA LEU A 102 4.91 9.15 -2.76
C LEU A 102 6.03 8.12 -2.80
N GLU A 103 7.11 8.42 -2.14
CA GLU A 103 8.24 7.46 -2.14
C GLU A 103 7.74 6.06 -1.80
N TRP A 104 6.69 6.00 -1.04
CA TRP A 104 6.14 4.67 -0.68
C TRP A 104 5.39 4.07 -1.85
N ALA A 105 4.93 4.91 -2.73
CA ALA A 105 4.19 4.40 -3.91
C ALA A 105 5.14 3.69 -4.88
N PHE A 106 6.28 4.27 -5.10
CA PHE A 106 7.24 3.62 -6.03
C PHE A 106 7.50 2.19 -5.60
N SER A 107 7.60 1.96 -4.32
CA SER A 107 7.85 0.59 -3.85
C SER A 107 6.66 -0.31 -4.17
N LEU A 108 5.51 0.12 -3.73
CA LEU A 108 4.29 -0.68 -3.99
C LEU A 108 4.11 -0.87 -5.50
N TYR A 109 4.04 0.22 -6.21
CA TYR A 109 3.87 0.13 -7.68
C TYR A 109 5.01 -0.64 -8.33
N ASP A 110 6.06 -0.91 -7.57
CA ASP A 110 7.22 -1.67 -8.13
C ASP A 110 7.35 -3.03 -7.45
N VAL A 111 6.38 -3.88 -7.70
CA VAL A 111 6.43 -5.24 -7.09
C VAL A 111 7.69 -5.98 -7.48
N ASP A 112 8.19 -5.70 -8.65
CA ASP A 112 9.42 -6.37 -9.12
C ASP A 112 10.49 -6.32 -8.04
N GLY A 113 10.84 -5.12 -7.64
CA GLY A 113 11.89 -4.96 -6.59
C GLY A 113 13.18 -4.39 -7.18
N ASN A 114 13.24 -4.30 -8.47
CA ASN A 114 14.48 -3.76 -9.10
C ASN A 114 14.48 -2.24 -9.03
N GLY A 115 13.35 -1.72 -8.72
CA GLY A 115 13.20 -0.24 -8.62
C GLY A 115 12.48 0.29 -9.85
N THR A 116 12.97 -0.07 -10.98
CA THR A 116 12.34 0.40 -12.24
C THR A 116 10.98 -0.25 -12.44
N ILE A 117 10.02 0.54 -12.82
CA ILE A 117 8.66 -0.02 -13.04
C ILE A 117 8.45 -0.39 -14.50
N SER A 118 7.61 -1.38 -14.72
CA SER A 118 7.32 -1.82 -16.10
C SER A 118 5.83 -2.01 -16.30
N LYS A 119 5.36 -1.70 -17.48
CA LYS A 119 3.91 -1.87 -17.74
C LYS A 119 3.41 -3.23 -17.27
N ASN A 120 4.33 -4.11 -17.00
CA ASN A 120 3.91 -5.45 -16.54
C ASN A 120 3.64 -5.43 -15.04
N GLU A 121 4.48 -4.71 -14.32
CA GLU A 121 4.29 -4.65 -12.86
C GLU A 121 3.01 -3.90 -12.53
N VAL A 122 2.79 -2.79 -13.20
CA VAL A 122 1.56 -2.03 -12.92
C VAL A 122 0.36 -2.86 -13.31
N LEU A 123 0.44 -3.45 -14.47
CA LEU A 123 -0.68 -4.30 -14.94
C LEU A 123 -1.14 -5.21 -13.81
N GLU A 124 -0.21 -5.86 -13.19
CA GLU A 124 -0.60 -6.77 -12.09
C GLU A 124 -1.38 -5.99 -11.06
N ILE A 125 -0.74 -5.03 -10.46
CA ILE A 125 -1.43 -4.23 -9.44
C ILE A 125 -2.74 -3.68 -10.00
N VAL A 126 -2.72 -3.29 -11.25
CA VAL A 126 -3.96 -2.74 -11.84
C VAL A 126 -5.02 -3.83 -11.82
N THR A 127 -4.66 -5.00 -12.26
CA THR A 127 -5.65 -6.11 -12.26
C THR A 127 -5.90 -6.51 -10.83
N ALA A 128 -4.87 -6.44 -10.03
CA ALA A 128 -5.02 -6.81 -8.61
C ALA A 128 -6.02 -5.86 -7.96
N ILE A 129 -5.78 -4.59 -8.14
CA ILE A 129 -6.71 -3.60 -7.54
C ILE A 129 -8.13 -3.89 -8.00
N PHE A 130 -8.29 -4.04 -9.30
CA PHE A 130 -9.64 -4.33 -9.81
C PHE A 130 -10.29 -5.42 -8.96
N LYS A 131 -9.48 -6.33 -8.52
CA LYS A 131 -10.03 -7.43 -7.68
C LYS A 131 -10.60 -6.83 -6.41
N MET A 132 -9.88 -5.88 -5.87
CA MET A 132 -10.34 -5.22 -4.61
C MET A 132 -11.68 -4.53 -4.86
N ILE A 133 -11.99 -4.27 -6.11
CA ILE A 133 -13.28 -3.60 -6.42
C ILE A 133 -14.41 -4.63 -6.49
N SER A 134 -15.62 -4.19 -6.29
CA SER A 134 -16.75 -5.16 -6.36
C SER A 134 -17.26 -5.32 -7.80
N PRO A 135 -17.68 -6.53 -8.14
CA PRO A 135 -18.19 -6.81 -9.49
C PRO A 135 -19.37 -5.93 -9.83
N GLU A 136 -20.37 -5.96 -9.00
CA GLU A 136 -21.56 -5.13 -9.25
C GLU A 136 -21.18 -3.69 -9.53
N ASP A 137 -19.91 -3.39 -9.37
CA ASP A 137 -19.43 -2.00 -9.62
C ASP A 137 -18.39 -1.97 -10.73
N THR A 138 -17.72 -3.08 -10.90
CA THR A 138 -16.68 -3.13 -11.97
C THR A 138 -17.31 -3.53 -13.31
N LYS A 139 -18.16 -4.52 -13.26
CA LYS A 139 -18.81 -4.97 -14.52
C LYS A 139 -19.83 -3.95 -15.00
N HIS A 140 -19.54 -2.71 -14.78
CA HIS A 140 -20.48 -1.64 -15.22
C HIS A 140 -19.74 -0.35 -15.50
N LEU A 141 -18.43 -0.44 -15.54
CA LEU A 141 -17.64 0.78 -15.80
C LEU A 141 -17.67 1.14 -17.30
N PRO A 142 -17.57 2.43 -17.61
CA PRO A 142 -17.59 2.88 -18.99
C PRO A 142 -16.48 2.23 -19.81
N GLU A 143 -16.49 2.46 -21.09
CA GLU A 143 -15.44 1.87 -21.96
C GLU A 143 -14.12 2.61 -21.77
N ASP A 144 -13.13 2.19 -22.51
CA ASP A 144 -11.81 2.86 -22.37
C ASP A 144 -11.16 2.49 -21.04
N GLU A 145 -11.95 2.02 -20.13
CA GLU A 145 -11.41 1.64 -18.80
C GLU A 145 -12.29 0.58 -18.15
N ASN A 146 -12.67 -0.40 -18.93
CA ASN A 146 -13.53 -1.48 -18.37
C ASN A 146 -12.69 -2.70 -17.98
N THR A 147 -11.42 -2.66 -18.31
CA THR A 147 -10.54 -3.80 -17.96
C THR A 147 -9.16 -3.31 -17.53
N PRO A 148 -8.45 -4.17 -16.84
CA PRO A 148 -7.11 -3.83 -16.36
C PRO A 148 -6.21 -3.39 -17.52
N GLU A 149 -5.99 -4.28 -18.44
CA GLU A 149 -5.12 -3.93 -19.59
C GLU A 149 -5.56 -2.62 -20.22
N LYS A 150 -6.83 -2.30 -20.06
CA LYS A 150 -7.31 -1.03 -20.65
C LYS A 150 -6.82 0.16 -19.85
N ARG A 151 -7.06 0.14 -18.57
CA ARG A 151 -6.59 1.27 -17.75
C ARG A 151 -5.08 1.30 -17.75
N ALA A 152 -4.49 0.14 -17.79
CA ALA A 152 -3.02 0.09 -17.80
C ALA A 152 -2.47 1.00 -18.89
N GLU A 153 -3.23 1.15 -19.93
CA GLU A 153 -2.78 2.03 -21.03
C GLU A 153 -2.92 3.50 -20.64
N LYS A 154 -3.75 3.76 -19.66
CA LYS A 154 -3.93 5.17 -19.24
C LYS A 154 -2.81 5.59 -18.32
N ILE A 155 -2.40 4.69 -17.46
CA ILE A 155 -1.31 5.02 -16.53
C ILE A 155 0.04 4.98 -17.24
N TRP A 156 0.23 3.96 -18.03
CA TRP A 156 1.51 3.85 -18.76
C TRP A 156 1.58 4.93 -19.82
N GLY A 157 0.44 5.31 -20.31
CA GLY A 157 0.42 6.38 -21.34
C GLY A 157 0.57 7.74 -20.67
N PHE A 158 0.25 7.78 -19.40
CA PHE A 158 0.38 9.06 -18.66
C PHE A 158 1.81 9.58 -18.73
N PHE A 159 2.74 8.71 -18.44
CA PHE A 159 4.16 9.14 -18.48
C PHE A 159 4.67 9.18 -19.91
N GLY A 160 4.52 8.08 -20.63
CA GLY A 160 4.99 8.04 -22.04
C GLY A 160 6.21 7.12 -22.19
N LYS A 161 5.94 5.84 -22.17
CA LYS A 161 7.06 4.85 -22.31
C LYS A 161 7.01 4.20 -23.69
N LYS A 162 8.07 4.40 -24.44
CA LYS A 162 8.11 3.80 -25.80
C LYS A 162 8.54 2.34 -25.76
N ASP A 163 7.57 1.46 -25.76
CA ASP A 163 7.88 0.01 -25.72
C ASP A 163 8.86 -0.35 -24.60
N ASP A 164 10.13 -0.17 -24.87
CA ASP A 164 11.16 -0.49 -23.84
C ASP A 164 11.66 0.76 -23.14
N ASP A 165 10.82 1.32 -22.30
CA ASP A 165 11.20 2.55 -21.57
C ASP A 165 10.70 2.47 -20.12
N LYS A 166 11.48 1.85 -19.28
CA LYS A 166 11.06 1.72 -17.85
C LYS A 166 11.09 3.06 -17.12
N LEU A 167 10.38 3.12 -16.03
CA LEU A 167 10.34 4.37 -15.23
C LEU A 167 11.31 4.28 -14.06
N THR A 168 11.89 5.41 -13.68
CA THR A 168 12.86 5.40 -12.53
C THR A 168 12.21 5.96 -11.26
N GLU A 169 12.82 5.65 -10.14
CA GLU A 169 12.27 6.14 -8.83
C GLU A 169 12.22 7.66 -8.76
N LYS A 170 13.37 8.28 -8.69
CA LYS A 170 13.41 9.76 -8.62
C LYS A 170 12.45 10.38 -9.61
N GLU A 171 12.47 9.91 -10.82
CA GLU A 171 11.55 10.48 -11.83
C GLU A 171 10.11 10.18 -11.48
N PHE A 172 9.85 8.96 -11.10
CA PHE A 172 8.46 8.60 -10.74
C PHE A 172 7.90 9.64 -9.80
N ILE A 173 8.76 10.18 -8.97
CA ILE A 173 8.29 11.20 -8.02
C ILE A 173 7.92 12.46 -8.78
N GLU A 174 8.60 12.69 -9.87
CA GLU A 174 8.30 13.89 -10.66
C GLU A 174 7.08 13.64 -11.51
N GLY A 175 7.04 12.49 -12.12
CA GLY A 175 5.88 12.16 -12.96
C GLY A 175 4.60 12.34 -12.15
N THR A 176 4.72 12.17 -10.87
CA THR A 176 3.54 12.33 -10.00
C THR A 176 3.48 13.75 -9.45
N LEU A 177 4.60 14.44 -9.50
CA LEU A 177 4.60 15.83 -8.97
C LEU A 177 3.81 16.75 -9.88
N ALA A 178 3.78 16.43 -11.15
CA ALA A 178 3.03 17.28 -12.11
C ALA A 178 1.53 17.16 -11.88
N ASN A 179 0.97 16.06 -12.28
CA ASN A 179 -0.49 15.88 -12.09
C ASN A 179 -0.78 15.32 -10.70
N LYS A 180 -1.38 16.14 -9.88
CA LYS A 180 -1.71 15.68 -8.50
C LYS A 180 -2.90 14.74 -8.51
N GLU A 181 -3.41 14.48 -9.69
CA GLU A 181 -4.58 13.56 -9.79
C GLU A 181 -4.12 12.15 -10.12
N ILE A 182 -2.90 12.02 -10.58
CA ILE A 182 -2.40 10.67 -10.92
C ILE A 182 -2.40 9.79 -9.69
N LEU A 183 -2.06 10.37 -8.57
CA LEU A 183 -2.03 9.58 -7.32
C LEU A 183 -3.44 9.19 -6.91
N ARG A 184 -4.34 10.14 -6.96
CA ARG A 184 -5.74 9.84 -6.57
C ARG A 184 -6.31 8.75 -7.47
N LEU A 185 -5.78 8.64 -8.65
CA LEU A 185 -6.29 7.59 -9.59
C LEU A 185 -5.68 6.23 -9.25
N ILE A 186 -4.38 6.19 -9.22
CA ILE A 186 -3.71 4.89 -8.91
C ILE A 186 -3.86 4.55 -7.43
N GLN A 187 -4.56 5.39 -6.71
CA GLN A 187 -4.75 5.12 -5.26
C GLN A 187 -5.47 3.80 -5.05
N PHE A 188 -4.91 2.97 -4.21
CA PHE A 188 -5.54 1.66 -3.95
C PHE A 188 -6.81 1.83 -3.13
N GLU A 189 -7.88 2.17 -3.79
CA GLU A 189 -9.16 2.36 -3.05
C GLU A 189 -9.51 1.12 -2.24
N MET B 1 -15.15 8.85 13.04
CA MET B 1 -13.99 7.95 12.84
C MET B 1 -14.32 6.89 11.81
N ASP B 2 -15.47 7.01 11.20
CA ASP B 2 -15.86 6.01 10.19
C ASP B 2 -15.00 6.15 8.94
N PHE B 3 -13.88 6.81 9.08
CA PHE B 3 -12.96 7.01 7.91
C PHE B 3 -11.67 6.23 8.12
N GLY B 4 -11.39 5.91 9.36
CA GLY B 4 -10.16 5.14 9.68
C GLY B 4 -10.42 3.64 9.55
N SER B 5 -11.68 3.31 9.33
CA SER B 5 -12.06 1.87 9.19
C SER B 5 -10.99 1.09 8.47
N LEU B 6 -10.24 1.76 7.66
CA LEU B 6 -9.17 1.07 6.92
C LEU B 6 -8.12 0.60 7.92
N GLU B 7 -7.57 1.54 8.62
CA GLU B 7 -6.54 1.19 9.62
C GLU B 7 -7.16 0.30 10.67
N THR B 8 -8.45 0.37 10.76
CA THR B 8 -9.15 -0.46 11.76
C THR B 8 -9.21 -1.89 11.27
N VAL B 9 -9.08 -2.08 9.98
CA VAL B 9 -9.14 -3.45 9.46
C VAL B 9 -7.82 -4.18 9.69
N VAL B 10 -6.71 -3.53 9.41
CA VAL B 10 -5.42 -4.22 9.64
C VAL B 10 -5.06 -4.26 11.12
N ALA B 11 -5.28 -3.16 11.78
CA ALA B 11 -4.95 -3.11 13.21
C ALA B 11 -5.89 -3.98 14.05
N ASN B 12 -7.10 -4.15 13.61
CA ASN B 12 -8.03 -5.00 14.40
C ASN B 12 -7.73 -6.48 14.20
N SER B 13 -7.36 -6.84 12.99
CA SER B 13 -7.05 -8.26 12.71
C SER B 13 -5.79 -8.68 13.44
N ALA B 14 -4.78 -7.85 13.36
CA ALA B 14 -3.51 -8.19 14.04
C ALA B 14 -3.64 -7.94 15.55
N PHE B 15 -4.69 -7.23 15.94
CA PHE B 15 -4.88 -6.96 17.39
C PHE B 15 -5.31 -8.23 18.10
N ILE B 16 -6.52 -8.65 17.79
CA ILE B 16 -7.05 -9.89 18.41
C ILE B 16 -6.84 -11.09 17.49
N ALA A 8 13.21 -1.47 23.50
CA ALA A 8 12.22 -0.40 23.20
C ALA A 8 12.00 -0.28 21.70
N LEU A 9 10.75 -0.36 21.30
CA LEU A 9 10.42 -0.25 19.84
C LEU A 9 9.94 1.15 19.51
N SER A 10 8.80 1.51 20.06
CA SER A 10 8.24 2.86 19.80
C SER A 10 9.33 3.90 19.63
N LYS A 11 10.25 3.93 20.55
CA LYS A 11 11.34 4.91 20.43
C LYS A 11 11.96 4.84 19.05
N GLU A 12 12.37 3.66 18.69
CA GLU A 12 12.98 3.50 17.36
C GLU A 12 12.08 4.10 16.32
N ILE A 13 10.87 3.65 16.31
CA ILE A 13 9.90 4.16 15.33
C ILE A 13 9.82 5.67 15.45
N LEU A 14 9.60 6.16 16.63
CA LEU A 14 9.51 7.61 16.75
C LEU A 14 10.76 8.17 16.15
N GLU A 15 11.87 7.53 16.45
CA GLU A 15 13.15 8.00 15.91
C GLU A 15 13.02 8.07 14.42
N GLU A 16 12.18 7.21 13.88
CA GLU A 16 11.99 7.22 12.43
C GLU A 16 11.50 8.60 12.07
N LEU A 17 10.83 9.23 13.02
CA LEU A 17 10.32 10.61 12.77
C LEU A 17 9.50 10.68 11.48
N GLN A 18 10.09 11.27 10.47
CA GLN A 18 9.40 11.41 9.17
C GLN A 18 8.41 12.58 9.21
N LEU A 19 8.62 13.46 10.14
CA LEU A 19 7.72 14.64 10.26
C LEU A 19 6.26 14.21 10.26
N ASN A 20 6.01 12.98 10.64
CA ASN A 20 4.62 12.49 10.66
C ASN A 20 3.98 12.73 12.03
N THR A 21 4.82 13.00 13.00
CA THR A 21 4.34 13.25 14.40
C THR A 21 3.61 12.05 14.99
N LYS A 22 3.00 11.25 14.14
CA LYS A 22 2.25 10.04 14.62
C LYS A 22 1.09 10.44 15.54
N PHE A 23 0.06 9.65 15.55
CA PHE A 23 -1.10 9.98 16.42
C PHE A 23 -0.60 10.35 17.80
N THR A 24 0.30 9.56 18.30
CA THR A 24 0.87 9.81 19.64
C THR A 24 2.04 8.85 19.87
N GLU A 25 3.20 9.39 20.05
CA GLU A 25 4.37 8.51 20.27
C GLU A 25 4.06 7.43 21.31
N GLU A 26 3.07 7.68 22.13
CA GLU A 26 2.72 6.68 23.16
C GLU A 26 1.65 5.71 22.62
N GLU A 27 1.10 6.04 21.49
CA GLU A 27 0.05 5.17 20.89
C GLU A 27 0.63 3.85 20.43
N LEU A 28 1.46 3.90 19.43
CA LEU A 28 2.06 2.64 18.94
C LEU A 28 2.67 1.87 20.10
N SER A 29 2.76 2.50 21.24
CA SER A 29 3.33 1.82 22.41
C SER A 29 2.30 0.86 22.97
N SER A 30 1.15 1.38 23.31
CA SER A 30 0.10 0.50 23.86
C SER A 30 -0.23 -0.55 22.81
N TRP A 31 0.00 -0.18 21.57
CA TRP A 31 -0.28 -1.11 20.46
C TRP A 31 0.65 -2.31 20.58
N TYR A 32 1.93 -2.03 20.54
CA TYR A 32 2.92 -3.14 20.66
C TYR A 32 2.49 -4.12 21.72
N GLN A 33 2.03 -3.58 22.82
CA GLN A 33 1.58 -4.45 23.93
C GLN A 33 0.35 -5.23 23.51
N SER A 34 -0.53 -4.58 22.81
CA SER A 34 -1.76 -5.27 22.36
C SER A 34 -1.42 -6.29 21.29
N PHE A 35 -0.62 -5.89 20.34
CA PHE A 35 -0.24 -6.83 19.26
C PHE A 35 0.54 -8.00 19.85
N LEU A 36 1.20 -7.75 20.96
CA LEU A 36 1.99 -8.83 21.58
C LEU A 36 1.08 -9.93 22.07
N LYS A 37 0.05 -9.56 22.80
CA LYS A 37 -0.89 -10.57 23.30
C LYS A 37 -1.26 -11.56 22.19
N GLU A 38 -1.62 -11.02 21.04
CA GLU A 38 -1.98 -11.93 19.92
C GLU A 38 -0.93 -13.02 19.77
N CYS A 39 0.28 -12.68 20.06
CA CYS A 39 1.37 -13.67 19.96
C CYS A 39 2.67 -13.11 20.56
N PRO A 40 3.18 -13.74 21.61
CA PRO A 40 4.41 -13.26 22.25
C PRO A 40 5.54 -13.13 21.23
N SER A 41 5.25 -13.50 20.02
CA SER A 41 6.28 -13.41 18.96
C SER A 41 6.25 -12.02 18.33
N GLY A 42 6.96 -11.86 17.25
CA GLY A 42 6.98 -10.53 16.57
C GLY A 42 7.26 -10.70 15.07
N ARG A 43 6.44 -11.48 14.42
CA ARG A 43 6.63 -11.69 12.97
C ARG A 43 5.32 -12.05 12.28
N ILE A 44 4.81 -11.12 11.51
CA ILE A 44 3.54 -11.37 10.80
C ILE A 44 3.82 -11.86 9.37
N THR A 45 3.23 -12.98 9.02
CA THR A 45 3.45 -13.51 7.66
C THR A 45 2.37 -13.02 6.71
N ARG A 46 2.67 -13.08 5.44
CA ARG A 46 1.67 -12.61 4.45
C ARG A 46 0.38 -13.41 4.58
N GLN A 47 0.51 -14.67 4.89
CA GLN A 47 -0.69 -15.52 5.04
C GLN A 47 -1.64 -14.92 6.09
N GLU A 48 -1.13 -14.71 7.26
CA GLU A 48 -2.01 -14.13 8.29
C GLU A 48 -2.53 -12.78 7.83
N PHE A 49 -1.63 -11.93 7.40
CA PHE A 49 -2.08 -10.62 6.96
C PHE A 49 -3.24 -10.79 6.00
N GLN A 50 -3.10 -11.68 5.04
CA GLN A 50 -4.22 -11.87 4.12
C GLN A 50 -5.47 -12.10 4.92
N THR A 51 -5.29 -12.66 6.11
CA THR A 51 -6.47 -12.93 6.97
C THR A 51 -7.10 -11.60 7.39
N ILE A 52 -6.27 -10.63 7.62
CA ILE A 52 -6.79 -9.30 8.02
C ILE A 52 -7.64 -8.71 6.92
N TYR A 53 -7.05 -8.55 5.77
CA TYR A 53 -7.82 -7.98 4.65
C TYR A 53 -8.85 -8.95 4.09
N SER A 54 -8.81 -10.18 4.55
CA SER A 54 -9.80 -11.17 4.06
C SER A 54 -11.02 -11.18 4.96
N LYS A 55 -10.86 -10.63 6.15
CA LYS A 55 -12.01 -10.61 7.10
C LYS A 55 -12.79 -9.30 7.03
N PHE A 56 -12.09 -8.21 6.86
CA PHE A 56 -12.81 -6.89 6.80
C PHE A 56 -13.17 -6.49 5.35
N PHE A 57 -12.69 -7.25 4.38
CA PHE A 57 -13.00 -6.91 2.95
C PHE A 57 -13.51 -8.15 2.20
N PRO A 58 -14.55 -8.79 2.73
CA PRO A 58 -15.13 -9.99 2.11
C PRO A 58 -15.78 -9.67 0.76
N GLU A 59 -16.47 -8.57 0.71
CA GLU A 59 -17.15 -8.17 -0.56
C GLU A 59 -16.31 -8.53 -1.78
N ALA A 60 -15.27 -7.78 -2.00
CA ALA A 60 -14.41 -8.06 -3.16
C ALA A 60 -13.37 -9.12 -2.82
N ASP A 61 -12.22 -9.00 -3.42
CA ASP A 61 -11.15 -9.98 -3.14
C ASP A 61 -9.78 -9.35 -3.29
N PRO A 62 -9.49 -8.41 -2.44
CA PRO A 62 -8.22 -7.70 -2.46
C PRO A 62 -7.07 -8.64 -2.15
N LYS A 63 -7.32 -9.92 -2.30
CA LYS A 63 -6.25 -10.90 -2.03
C LYS A 63 -4.93 -10.45 -2.62
N ALA A 64 -4.88 -10.37 -3.92
CA ALA A 64 -3.63 -9.93 -4.56
C ALA A 64 -3.20 -8.58 -4.00
N TYR A 65 -4.16 -7.69 -3.85
CA TYR A 65 -3.82 -6.36 -3.31
C TYR A 65 -3.25 -6.46 -1.90
N ALA A 66 -3.86 -7.31 -1.10
CA ALA A 66 -3.37 -7.47 0.28
C ALA A 66 -1.96 -8.04 0.31
N GLN A 67 -1.72 -9.01 -0.52
CA GLN A 67 -0.36 -9.60 -0.53
C GLN A 67 0.59 -8.67 -1.27
N HIS A 68 0.02 -7.76 -2.00
CA HIS A 68 0.87 -6.82 -2.75
C HIS A 68 1.42 -5.80 -1.79
N VAL A 69 0.54 -5.27 -0.97
CA VAL A 69 0.98 -4.28 0.01
C VAL A 69 2.02 -4.92 0.90
N PHE A 70 1.80 -6.18 1.21
CA PHE A 70 2.75 -6.92 2.07
C PHE A 70 4.15 -6.82 1.51
N ARG A 71 4.29 -7.14 0.25
CA ARG A 71 5.63 -7.07 -0.37
C ARG A 71 6.09 -5.61 -0.47
N SER A 72 5.15 -4.70 -0.37
CA SER A 72 5.52 -3.26 -0.47
C SER A 72 6.23 -2.78 0.80
N PHE A 73 5.90 -3.35 1.95
CA PHE A 73 6.59 -2.89 3.20
C PHE A 73 6.94 -4.05 4.14
N ASP A 74 7.35 -5.15 3.55
CA ASP A 74 7.73 -6.34 4.36
C ASP A 74 9.09 -6.77 3.94
N ALA A 75 9.25 -6.78 2.67
CA ALA A 75 10.55 -7.18 2.11
C ALA A 75 11.54 -6.06 2.38
N ASN A 76 11.21 -5.27 3.37
CA ASN A 76 12.05 -4.15 3.75
C ASN A 76 13.37 -4.66 4.36
N SER A 77 13.97 -5.60 3.68
CA SER A 77 15.24 -6.16 4.18
C SER A 77 15.05 -6.73 5.58
N ASP A 78 14.35 -7.81 5.66
CA ASP A 78 14.11 -8.44 6.99
C ASP A 78 13.71 -9.90 6.84
N GLY A 79 12.56 -10.14 6.27
CA GLY A 79 12.09 -11.55 6.09
C GLY A 79 10.59 -11.66 6.36
N THR A 80 10.16 -11.08 7.45
CA THR A 80 8.72 -11.13 7.81
C THR A 80 8.26 -9.77 8.31
N LEU A 81 7.01 -9.50 8.15
CA LEU A 81 6.50 -8.18 8.60
C LEU A 81 6.61 -8.03 10.13
N ASP A 82 7.59 -7.27 10.55
CA ASP A 82 7.77 -7.06 12.00
C ASP A 82 6.76 -6.04 12.49
N PHE A 83 6.53 -6.02 13.77
CA PHE A 83 5.55 -5.04 14.31
C PHE A 83 5.84 -3.62 13.82
N LYS A 84 7.02 -3.15 14.08
CA LYS A 84 7.39 -1.77 13.64
C LYS A 84 6.84 -1.49 12.25
N GLU A 85 7.16 -2.34 11.32
CA GLU A 85 6.65 -2.13 9.95
C GLU A 85 5.14 -1.98 9.98
N TYR A 86 4.52 -2.77 10.82
CA TYR A 86 3.05 -2.70 10.92
C TYR A 86 2.60 -1.27 11.14
N VAL A 87 3.09 -0.66 12.17
CA VAL A 87 2.69 0.74 12.42
C VAL A 87 2.97 1.60 11.20
N ILE A 88 4.19 1.55 10.70
CA ILE A 88 4.53 2.37 9.49
C ILE A 88 3.41 2.30 8.47
N ALA A 89 2.83 1.13 8.29
CA ALA A 89 1.72 1.02 7.30
C ALA A 89 0.49 1.68 7.86
N LEU A 90 0.07 1.22 9.00
CA LEU A 90 -1.12 1.81 9.62
C LEU A 90 -0.91 3.30 9.84
N HIS A 91 0.32 3.71 9.66
CA HIS A 91 0.64 5.15 9.85
C HIS A 91 0.37 5.92 8.57
N MET A 92 1.07 5.59 7.51
CA MET A 92 0.86 6.31 6.23
C MET A 92 -0.63 6.35 5.90
N THR A 93 -1.36 5.42 6.44
CA THR A 93 -2.82 5.38 6.17
C THR A 93 -3.56 6.34 7.08
N SER A 94 -2.82 7.05 7.89
CA SER A 94 -3.48 8.00 8.82
C SER A 94 -2.47 8.99 9.40
N ALA A 95 -2.26 10.07 8.71
CA ALA A 95 -1.29 11.08 9.20
C ALA A 95 -1.48 12.41 8.48
N GLY A 96 -1.19 13.48 9.16
CA GLY A 96 -1.36 14.82 8.52
C GLY A 96 -0.08 15.22 7.76
N LYS A 97 0.25 16.48 7.83
CA LYS A 97 1.47 16.94 7.13
C LYS A 97 2.63 15.98 7.35
N THR A 98 3.46 15.84 6.36
CA THR A 98 4.61 14.92 6.48
C THR A 98 5.64 15.18 5.40
N ASN A 99 6.69 14.42 5.41
CA ASN A 99 7.75 14.60 4.39
C ASN A 99 7.54 13.67 3.20
N GLN A 100 6.41 13.80 2.57
CA GLN A 100 6.11 12.94 1.40
C GLN A 100 6.12 11.46 1.78
N LYS A 101 5.61 10.64 0.89
CA LYS A 101 5.57 9.18 1.13
C LYS A 101 5.58 8.45 -0.20
N LEU A 102 5.58 9.21 -1.27
CA LEU A 102 5.60 8.60 -2.61
C LEU A 102 6.60 7.45 -2.67
N GLU A 103 7.74 7.66 -2.06
CA GLU A 103 8.76 6.59 -2.05
C GLU A 103 8.12 5.25 -1.74
N TRP A 104 7.37 5.21 -0.68
CA TRP A 104 6.71 3.95 -0.31
C TRP A 104 5.78 3.52 -1.42
N ALA A 105 5.18 4.48 -2.08
CA ALA A 105 4.26 4.16 -3.18
C ALA A 105 5.00 3.47 -4.33
N PHE A 106 6.13 4.01 -4.68
CA PHE A 106 6.92 3.40 -5.78
C PHE A 106 7.16 1.92 -5.51
N SER A 107 7.50 1.61 -4.29
CA SER A 107 7.75 0.19 -3.95
C SER A 107 6.53 -0.65 -4.26
N LEU A 108 5.41 -0.23 -3.76
CA LEU A 108 4.16 -0.98 -4.02
C LEU A 108 3.97 -1.19 -5.51
N TYR A 109 4.07 -0.14 -6.27
CA TYR A 109 3.91 -0.27 -7.72
C TYR A 109 5.05 -1.07 -8.34
N ASP A 110 6.23 -0.88 -7.79
CA ASP A 110 7.40 -1.62 -8.32
C ASP A 110 7.62 -2.91 -7.55
N VAL A 111 6.67 -3.79 -7.62
CA VAL A 111 6.82 -5.07 -6.90
C VAL A 111 8.13 -5.74 -7.26
N ASP A 112 8.47 -5.70 -8.52
CA ASP A 112 9.74 -6.33 -8.96
C ASP A 112 10.91 -5.79 -8.14
N GLY A 113 11.01 -4.49 -8.08
CA GLY A 113 12.14 -3.87 -7.31
C GLY A 113 13.33 -3.60 -8.22
N ASN A 114 13.24 -2.53 -8.97
CA ASN A 114 14.36 -2.19 -9.88
C ASN A 114 14.40 -0.69 -10.17
N GLY A 115 14.02 0.09 -9.19
CA GLY A 115 14.04 1.57 -9.39
C GLY A 115 13.41 1.94 -10.73
N THR A 116 12.59 1.07 -11.26
CA THR A 116 11.95 1.36 -12.55
C THR A 116 10.66 0.59 -12.71
N ILE A 117 9.58 1.30 -12.98
CA ILE A 117 8.29 0.62 -13.14
C ILE A 117 8.07 0.22 -14.59
N SER A 118 7.65 -1.01 -14.77
CA SER A 118 7.40 -1.51 -16.15
C SER A 118 5.91 -1.78 -16.34
N LYS A 119 5.43 -1.55 -17.53
CA LYS A 119 4.00 -1.78 -17.79
C LYS A 119 3.56 -3.13 -17.24
N ASN A 120 4.47 -4.07 -17.18
CA ASN A 120 4.10 -5.40 -16.66
C ASN A 120 3.84 -5.35 -15.17
N GLU A 121 4.58 -4.52 -14.48
CA GLU A 121 4.38 -4.42 -13.02
C GLU A 121 3.06 -3.75 -12.71
N VAL A 122 2.87 -2.57 -13.25
CA VAL A 122 1.60 -1.88 -12.98
C VAL A 122 0.44 -2.80 -13.30
N LEU A 123 0.65 -3.63 -14.29
CA LEU A 123 -0.43 -4.58 -14.68
C LEU A 123 -0.95 -5.35 -13.46
N GLU A 124 -0.06 -6.06 -12.81
CA GLU A 124 -0.51 -6.84 -11.61
C GLU A 124 -1.22 -5.92 -10.64
N ILE A 125 -0.58 -4.84 -10.32
CA ILE A 125 -1.19 -3.88 -9.38
C ILE A 125 -2.56 -3.47 -9.89
N VAL A 126 -2.64 -3.18 -11.15
CA VAL A 126 -3.93 -2.76 -11.71
C VAL A 126 -4.90 -3.93 -11.62
N THR A 127 -4.41 -5.10 -11.92
CA THR A 127 -5.29 -6.29 -11.86
C THR A 127 -5.66 -6.56 -10.43
N ALA A 128 -4.67 -6.59 -9.59
CA ALA A 128 -4.94 -6.84 -8.16
C ALA A 128 -5.96 -5.82 -7.65
N ILE A 129 -5.74 -4.59 -8.01
CA ILE A 129 -6.67 -3.53 -7.55
C ILE A 129 -8.05 -3.75 -8.16
N PHE A 130 -8.09 -4.09 -9.43
CA PHE A 130 -9.39 -4.32 -10.09
C PHE A 130 -10.16 -5.40 -9.36
N LYS A 131 -9.46 -6.33 -8.77
CA LYS A 131 -10.16 -7.41 -8.05
C LYS A 131 -10.81 -6.84 -6.80
N MET A 132 -10.08 -5.98 -6.12
CA MET A 132 -10.63 -5.37 -4.90
C MET A 132 -11.93 -4.63 -5.22
N ILE A 133 -12.03 -4.17 -6.44
CA ILE A 133 -13.27 -3.44 -6.84
C ILE A 133 -14.43 -4.42 -6.96
N SER A 134 -15.53 -4.10 -6.33
CA SER A 134 -16.70 -5.00 -6.41
C SER A 134 -16.95 -5.44 -7.87
N PRO A 135 -16.92 -6.74 -8.13
CA PRO A 135 -17.15 -7.25 -9.48
C PRO A 135 -18.49 -6.79 -10.01
N GLU A 136 -19.51 -6.93 -9.21
CA GLU A 136 -20.84 -6.51 -9.65
C GLU A 136 -20.79 -5.11 -10.25
N ASP A 137 -19.71 -4.41 -9.97
CA ASP A 137 -19.55 -3.03 -10.50
C ASP A 137 -18.46 -3.00 -11.56
N THR A 138 -17.55 -3.94 -11.48
CA THR A 138 -16.45 -3.99 -12.48
C THR A 138 -16.97 -4.43 -13.83
N LYS A 139 -17.53 -5.61 -13.87
CA LYS A 139 -18.07 -6.12 -15.16
C LYS A 139 -19.16 -5.18 -15.66
N HIS A 140 -19.38 -4.13 -14.92
CA HIS A 140 -20.42 -3.16 -15.31
C HIS A 140 -19.80 -1.99 -16.06
N LEU A 141 -18.52 -1.79 -15.87
CA LEU A 141 -17.84 -0.67 -16.57
C LEU A 141 -17.80 -0.93 -18.08
N PRO A 142 -17.81 0.14 -18.87
CA PRO A 142 -17.77 0.01 -20.32
C PRO A 142 -16.52 -0.73 -20.78
N GLU A 143 -16.70 -1.95 -21.19
CA GLU A 143 -15.53 -2.75 -21.64
C GLU A 143 -14.73 -2.01 -22.72
N ASP A 144 -13.65 -2.60 -23.13
CA ASP A 144 -12.80 -1.97 -24.18
C ASP A 144 -11.99 -0.79 -23.61
N GLU A 145 -11.87 -0.76 -22.31
CA GLU A 145 -11.09 0.35 -21.68
C GLU A 145 -11.08 0.21 -20.16
N ASN A 146 -12.02 -0.54 -19.64
CA ASN A 146 -12.08 -0.74 -18.16
C ASN A 146 -11.45 -2.06 -17.75
N THR A 147 -10.63 -2.60 -18.60
CA THR A 147 -9.99 -3.90 -18.27
C THR A 147 -8.58 -3.65 -17.71
N PRO A 148 -8.11 -4.55 -16.89
CA PRO A 148 -6.79 -4.41 -16.30
C PRO A 148 -5.72 -4.18 -17.37
N GLU A 149 -5.83 -4.91 -18.45
CA GLU A 149 -4.83 -4.73 -19.52
C GLU A 149 -5.01 -3.38 -20.18
N LYS A 150 -6.24 -2.91 -20.20
CA LYS A 150 -6.48 -1.60 -20.82
C LYS A 150 -6.03 -0.49 -19.90
N ARG A 151 -6.43 -0.58 -18.66
CA ARG A 151 -6.03 0.46 -17.70
C ARG A 151 -4.51 0.52 -17.59
N ALA A 152 -3.88 -0.62 -17.60
CA ALA A 152 -2.40 -0.60 -17.50
C ALA A 152 -1.85 0.39 -18.48
N GLU A 153 -2.55 0.56 -19.58
CA GLU A 153 -2.09 1.52 -20.59
C GLU A 153 -2.49 2.92 -20.18
N LYS A 154 -3.59 3.04 -19.47
CA LYS A 154 -4.01 4.40 -19.06
C LYS A 154 -2.94 4.98 -18.17
N ILE A 155 -2.38 4.16 -17.33
CA ILE A 155 -1.33 4.66 -16.44
C ILE A 155 -0.10 4.98 -17.24
N TRP A 156 0.54 3.97 -17.77
CA TRP A 156 1.78 4.21 -18.59
C TRP A 156 1.66 5.49 -19.42
N GLY A 157 0.46 5.85 -19.77
CA GLY A 157 0.25 7.07 -20.58
C GLY A 157 0.15 8.34 -19.71
N PHE A 158 -0.22 8.21 -18.46
CA PHE A 158 -0.32 9.45 -17.63
C PHE A 158 0.98 10.27 -17.66
N PHE A 159 2.03 9.69 -18.23
CA PHE A 159 3.32 10.43 -18.31
C PHE A 159 3.82 10.43 -19.75
N GLY A 160 3.81 9.28 -20.40
CA GLY A 160 4.29 9.24 -21.81
C GLY A 160 5.01 7.95 -22.13
N LYS A 161 6.31 7.98 -21.99
CA LYS A 161 7.15 6.78 -22.28
C LYS A 161 7.02 6.33 -23.75
N LYS A 162 8.14 5.98 -24.33
CA LYS A 162 8.13 5.52 -25.76
C LYS A 162 8.82 4.17 -25.90
N ASP A 163 10.00 4.19 -26.52
CA ASP A 163 10.74 2.91 -26.69
C ASP A 163 11.20 2.37 -25.34
N ASP A 164 12.47 2.06 -25.25
CA ASP A 164 12.99 1.53 -23.97
C ASP A 164 12.97 2.63 -22.94
N ASP A 165 11.78 3.06 -22.60
CA ASP A 165 11.61 4.14 -21.61
C ASP A 165 10.92 3.64 -20.34
N LYS A 166 11.69 3.13 -19.45
CA LYS A 166 11.08 2.62 -18.19
C LYS A 166 10.83 3.81 -17.26
N LEU A 167 9.75 3.79 -16.52
CA LEU A 167 9.50 4.94 -15.62
C LEU A 167 10.36 4.83 -14.38
N THR A 168 11.20 5.80 -14.20
CA THR A 168 12.10 5.79 -13.01
C THR A 168 11.39 6.27 -11.76
N GLU A 169 11.95 5.92 -10.63
CA GLU A 169 11.32 6.35 -9.34
C GLU A 169 11.40 7.86 -9.16
N LYS A 170 12.30 8.48 -9.86
CA LYS A 170 12.43 9.95 -9.73
C LYS A 170 11.24 10.64 -10.35
N GLU A 171 11.15 10.59 -11.64
CA GLU A 171 10.01 11.25 -12.30
C GLU A 171 8.72 10.68 -11.75
N PHE A 172 8.77 9.45 -11.34
CA PHE A 172 7.55 8.84 -10.78
C PHE A 172 6.98 9.73 -9.71
N ILE A 173 7.84 10.48 -9.07
CA ILE A 173 7.37 11.38 -8.00
C ILE A 173 7.01 12.73 -8.59
N GLU A 174 7.74 13.11 -9.61
CA GLU A 174 7.45 14.41 -10.23
C GLU A 174 6.24 14.30 -11.10
N GLY A 175 6.06 13.14 -11.67
CA GLY A 175 4.89 12.94 -12.54
C GLY A 175 3.61 13.25 -11.77
N THR A 176 3.58 12.85 -10.53
CA THR A 176 2.38 13.13 -9.71
C THR A 176 2.52 14.46 -8.99
N LEU A 177 3.72 15.00 -8.99
CA LEU A 177 3.92 16.31 -8.30
C LEU A 177 3.25 17.42 -9.09
N ALA A 178 3.34 17.34 -10.38
CA ALA A 178 2.72 18.38 -11.24
C ALA A 178 1.22 18.15 -11.37
N ASN A 179 0.80 16.96 -11.00
CA ASN A 179 -0.65 16.63 -11.08
C ASN A 179 -1.29 16.61 -9.70
N LYS A 180 -0.65 15.95 -8.77
CA LYS A 180 -1.20 15.89 -7.40
C LYS A 180 -2.62 15.37 -7.41
N GLU A 181 -2.98 14.74 -8.50
CA GLU A 181 -4.35 14.20 -8.61
C GLU A 181 -4.30 12.87 -9.37
N ILE A 182 -3.11 12.43 -9.67
CA ILE A 182 -2.94 11.15 -10.40
C ILE A 182 -3.45 10.00 -9.55
N LEU A 183 -3.63 10.25 -8.28
CA LEU A 183 -4.12 9.18 -7.39
C LEU A 183 -5.46 8.64 -7.88
N ARG A 184 -6.38 9.54 -8.10
CA ARG A 184 -7.73 9.11 -8.58
C ARG A 184 -7.62 8.14 -9.75
N LEU A 185 -6.51 8.20 -10.45
CA LEU A 185 -6.34 7.29 -11.61
C LEU A 185 -5.89 5.91 -11.17
N ILE A 186 -4.74 5.84 -10.56
CA ILE A 186 -4.24 4.52 -10.10
C ILE A 186 -5.07 3.99 -8.94
N GLN A 187 -5.71 4.88 -8.24
CA GLN A 187 -6.55 4.46 -7.09
C GLN A 187 -5.75 3.59 -6.12
N PHE A 188 -5.06 4.24 -5.23
CA PHE A 188 -4.25 3.49 -4.24
C PHE A 188 -4.12 4.28 -2.94
N GLU A 189 -5.07 4.12 -2.07
CA GLU A 189 -5.02 4.85 -0.78
C GLU A 189 -4.43 3.98 0.32
N MET B 1 -10.60 14.45 5.78
CA MET B 1 -10.04 13.37 6.63
C MET B 1 -10.96 12.15 6.58
N ASP B 2 -10.40 11.03 6.24
CA ASP B 2 -11.24 9.80 6.16
C ASP B 2 -10.36 8.56 6.02
N PHE B 3 -9.68 8.21 7.09
CA PHE B 3 -8.81 7.02 7.04
C PHE B 3 -8.72 6.37 8.42
N GLY B 4 -9.80 6.41 9.14
CA GLY B 4 -9.79 5.80 10.50
C GLY B 4 -10.22 4.34 10.43
N SER B 5 -10.84 3.97 9.35
CA SER B 5 -11.30 2.56 9.20
C SER B 5 -10.14 1.64 8.90
N LEU B 6 -9.26 2.10 8.05
CA LEU B 6 -8.10 1.25 7.70
C LEU B 6 -7.30 0.91 8.94
N GLU B 7 -7.45 1.72 9.95
CA GLU B 7 -6.72 1.46 11.20
C GLU B 7 -7.43 0.46 12.07
N THR B 8 -8.64 0.74 12.39
CA THR B 8 -9.39 -0.20 13.23
C THR B 8 -9.46 -1.55 12.55
N VAL B 9 -9.10 -1.57 11.30
CA VAL B 9 -9.15 -2.85 10.56
C VAL B 9 -7.89 -3.66 10.77
N VAL B 10 -6.81 -3.16 10.26
CA VAL B 10 -5.54 -3.90 10.41
C VAL B 10 -5.08 -3.97 11.83
N ALA B 11 -5.39 -2.98 12.60
CA ALA B 11 -4.95 -3.01 14.00
C ALA B 11 -5.88 -3.85 14.88
N ASN B 12 -7.17 -3.72 14.70
CA ASN B 12 -8.07 -4.54 15.55
C ASN B 12 -8.06 -6.00 15.08
N SER B 13 -7.70 -6.20 13.84
CA SER B 13 -7.67 -7.60 13.31
C SER B 13 -6.42 -8.32 13.77
N ALA B 14 -5.33 -7.62 13.79
CA ALA B 14 -4.08 -8.27 14.23
C ALA B 14 -4.13 -8.53 15.73
N PHE B 15 -4.97 -7.78 16.43
CA PHE B 15 -5.06 -7.98 17.91
C PHE B 15 -5.95 -9.19 18.23
N ILE B 16 -7.25 -9.02 17.99
CA ILE B 16 -8.24 -10.14 18.27
C ILE B 16 -7.73 -11.09 19.34
#